data_4A5W
#
_entry.id   4A5W
#
_cell.length_a   154.217
_cell.length_b   230.747
_cell.length_c   269.983
_cell.angle_alpha   90.00
_cell.angle_beta   90.00
_cell.angle_gamma   90.00
#
_symmetry.space_group_name_H-M   'I 21 21 21'
#
loop_
_entity.id
_entity.type
_entity.pdbx_description
1 polymer 'COMPLEMENT C5'
2 polymer 'COMPLEMENT COMPONENT C6'
3 non-polymer 2-acetamido-2-deoxy-beta-D-glucopyranose
4 non-polymer 'CALCIUM ION'
5 non-polymer alpha-L-fucopyranose
6 non-polymer alpha-D-mannopyranose
#
loop_
_entity_poly.entity_id
_entity_poly.type
_entity_poly.pdbx_seq_one_letter_code
_entity_poly.pdbx_strand_id
1 'polypeptide(L)'
;QEQTYVISAPKIFRVGASENIVIQVYGYTEAFDATISIKSYPDKKFSYSSGHVHLSSENKFQNSAILTIQPKQLPGGQNP
VSYVYLEVVSKHFSKSKRMPITYDNGFLFIHTDKPVYTPDQSVKVRVYSLNDDLKPAKRETVLTFIDPEGSEVDMVEEID
HIGIISFPDFKIPSNPRYGMWTIKAKYKEDFSTTGTAYFEVKEYVLPHFSVSIEPEYNFIGYKNFKNFEITIKARYFYNK
VVTEADVYITFGIREDLKDDQKEMMQTAMQNTMLINGIAQVTFDSETAVKELSYYSLEDLNNKYLYIAVTVIESTGGFSE
EAEIPGIKYVLSPYKLNLVATPLFLKPGIPYPIKVQVKDSLDQLVGGVPVTLNAQTIDVNQETSDLDPSKSVTRVDDGVA
SFVLNLPSGVTVLEFNVKTDAPDLPEENQAREGYRAIAYSSLSQSYLYIDWTDNHKALLVGEHLNIIVTPKSPYIDKITH
YNYLILSKGKIIHFGTREKFSDASYQSINIPVTQNMVPSSRLLVYYIVTGEQTAELVSDSVWLNIEEKCGNQLQVHLSPD
ADAYSPGQTVSLNMATGMDSWVALAAVDSAVYGVQRGAKKPLERVFQFLEKSDLGCGAGGGLNNANVFHLAGLTFLTNAN
ADDSQENDEPCKEILLHMKTLLPVSKPEIRSYFPESWLWEVHLVPRRKQLQFALPDSLTTWEIQGVGISNTGICVADTVK
AKVFKDVFLEMNIPYSVVRGEQIQLKGTVYNYRTSGMQFCVKMSAVEGICTSESPVIDHQGTKSSKCVRQKVEGSSSHLV
TFTVLPLEIGLHNINFSLETWFGKEILVKTLRVVPEGVKRESYSGVTLDPRGIYGTISRRKEFPYRIPLDLVPKTEIKRI
LSVKGLLVGEILSAVLSQEGINILTHLPKGSAEAELMSVVPVFYVFHYLETGNHWNIFHSDPLIEKQKLKKKLKEGMLSI
MSYRNADYSYSVWKGGSASTWLTAFALRVLGQVNKYVEQNQNSICNSLLWLVENYQLDNGSFKENSQYQPIKLQGTLPVE
ARENSLYLTAFTVIGIRKAFDICPLVKIDTALIKADNFLLENTLPAQSTFTLAISAYALSLGDKTHPQFRSIVSALKREA
LVKGNPPIYRFWKDNLQHKDSSVPNTGTARMVETTAYALLTSLNLKDINYVNPVIKWLSEEQRYGGGFYSTQDTINAIEG
LTEYSLLVKQLRLSMDIDVSYKHKGALHNYKMTDKNFLGRPVEVLLNDDLIVSTGFGSGLATVHVTTVVHKTSTSEEVCS
FYLKIDTQDIEASHYRGYGNSDYKRIVACASYKPSREESSSGSSHAVMDISLPTGISANEEDLKALVEGVDQLFTDYQIK
DGHVILQLNSIPSSDFLCVRFRIFELFEVGFLSPATFTVYEYHRPDKQCTMFYSTSNIKIQKVCEGAACKCVEADCGQMQ
EELDLTISAETRKQTACKPEIAYAYKVSITSITVENVFVKYKATLLDIYKTGEAVAEKDSEITFIKKVTCTNAELVKGRQ
YLIMGKEALQIKYNFSFRYIYPLDSLTWIEYWPRDTTCSSCQAFLANLDEFAEDIFLNGC
;
A
2 'polypeptide(L)'
;CFCDHYAWTQWTSCSKTCNSGTQSRHRQIVVDKYYQENFCEQICSKQETRECNWQRCPINCLLGDFGPWSDCDPCIEKQS
KVRSVLRPSQFGGQPCTAPLVAFQPCIPSKLCKIEEADCKNKFRCDSGRCIARKLECNGENDCGDNSDERDCGRTKAVCT
RKYNPIPSVQLMGNGFHFLAGEPRGEVLDNSFTGGICKTVKSSRTSNPYRVPANLENVGFEVQTAEDDLKTDFYKDLTSL
GHNENQQGSFSSQGGSSFSVPIFYSSKRSENINHNSAFKQAIQASHKKDSSFIRIHKVMKVLNFTTKAKDLHLSDVFLKA
LNHLPLEYNSALYSRIFDDFGTHYFTSGSLGGVYDLLYQFSSEELKNSGLTEEEAKHCVRIETKKRVLFAKKTKVEHRCT
TNKLSEKHEGSFIQGAEKSISLIRGGRSEYGAALAWEKGSSGLEEKTFSEWLESVKENPAVIDFELAPIVDLVRNIPCAV
TKRNNLRKALQEYAAKFDPCQCAPCPNNGRPTLSGTECLCVCQSGTYGENCEKQSPDYKSNAVDGQWGCWSSWSTCDATY
KRSRTRECNNPAPQRGGKRCEGEKRQEEDCTFSIMENNGQPCINDDEEMKEVDLPEIEADSGCPQPVPPENGFIRNEKQL
YLVGEDVEISCLTGFETVGYQYFRCLPDGTWRQGDVECQRTECIKPVVQEVLTITPFQRLYRIGESIELTCPKGFVVAGP
SRYTCQGNSWTPPISNSLTCEKDTLTKLKGHCQLGQKQSGSECICMSPEEDCSHHSEDLCVFDTDSNDYFTSPACKFLAE
KCLNNQQLHFLHIGSCQDGRQLEWGLERTRLSSNSTKKESCGYDTCYDWEKCSASTSKCVCLLPPQCFKGGNQLYCVKMG
SSTSEKTLNICEVGTIRCANRKMEILHPGKCLA
;
B
#
# COMPACT_ATOMS: atom_id res chain seq x y z
N THR A 4 -5.84 -22.01 -45.27
CA THR A 4 -5.36 -22.28 -43.91
C THR A 4 -4.72 -21.05 -43.30
N TYR A 5 -3.65 -20.53 -43.95
CA TYR A 5 -2.91 -19.34 -43.53
C TYR A 5 -2.65 -19.22 -42.02
N VAL A 6 -1.75 -20.07 -41.50
CA VAL A 6 -1.41 -20.06 -40.09
C VAL A 6 -0.31 -19.03 -39.81
N ILE A 7 -0.61 -18.01 -39.01
CA ILE A 7 0.36 -16.99 -38.64
C ILE A 7 0.70 -17.15 -37.19
N SER A 8 1.98 -17.36 -36.90
CA SER A 8 2.44 -17.55 -35.53
C SER A 8 3.34 -16.42 -35.06
N ALA A 9 3.10 -15.95 -33.84
CA ALA A 9 3.88 -14.88 -33.24
C ALA A 9 4.15 -15.23 -31.77
N PRO A 10 4.94 -14.40 -31.04
CA PRO A 10 5.10 -14.67 -29.62
C PRO A 10 3.76 -14.29 -28.97
N LYS A 11 3.45 -14.93 -27.82
CA LYS A 11 2.23 -14.66 -27.06
C LYS A 11 2.18 -13.18 -26.64
N ILE A 12 3.34 -12.64 -26.22
CA ILE A 12 3.49 -11.26 -25.78
C ILE A 12 4.59 -10.58 -26.52
N PHE A 13 4.25 -9.48 -27.18
CA PHE A 13 5.20 -8.62 -27.87
C PHE A 13 6.12 -7.94 -26.86
N ARG A 14 7.35 -7.64 -27.27
CA ARG A 14 8.29 -6.95 -26.42
C ARG A 14 8.62 -5.59 -27.01
N VAL A 15 8.41 -4.54 -26.22
CA VAL A 15 8.71 -3.16 -26.59
C VAL A 15 10.20 -3.03 -26.81
N GLY A 16 10.58 -2.39 -27.93
CA GLY A 16 11.98 -2.13 -28.25
C GLY A 16 12.75 -3.40 -28.52
N ALA A 17 12.07 -4.36 -29.16
CA ALA A 17 12.68 -5.64 -29.48
C ALA A 17 12.33 -6.07 -30.87
N SER A 18 13.16 -6.96 -31.43
CA SER A 18 12.92 -7.54 -32.76
C SER A 18 12.15 -8.83 -32.60
N GLU A 19 10.88 -8.81 -33.01
CA GLU A 19 10.01 -9.98 -32.89
C GLU A 19 9.73 -10.59 -34.23
N ASN A 20 10.26 -11.80 -34.46
CA ASN A 20 10.09 -12.48 -35.73
C ASN A 20 8.70 -13.07 -35.85
N ILE A 21 8.00 -12.70 -36.94
CA ILE A 21 6.66 -13.21 -37.23
C ILE A 21 6.70 -14.15 -38.41
N VAL A 22 6.20 -15.36 -38.22
CA VAL A 22 6.22 -16.40 -39.24
C VAL A 22 4.84 -16.70 -39.82
N ILE A 23 4.78 -16.91 -41.14
CA ILE A 23 3.53 -17.22 -41.82
C ILE A 23 3.71 -18.43 -42.72
N GLN A 24 2.71 -19.32 -42.74
CA GLN A 24 2.70 -20.50 -43.60
C GLN A 24 1.38 -20.64 -44.32
N VAL A 25 1.41 -21.15 -45.56
CA VAL A 25 0.23 -21.26 -46.42
C VAL A 25 -0.07 -22.70 -46.84
N TYR A 26 -1.33 -22.96 -47.23
CA TYR A 26 -1.79 -24.25 -47.72
C TYR A 26 -1.23 -24.52 -49.12
N GLY A 27 -0.93 -23.45 -49.88
CA GLY A 27 -0.36 -23.56 -51.21
C GLY A 27 -1.39 -23.54 -52.31
N TYR A 28 -1.02 -22.96 -53.44
CA TYR A 28 -1.89 -22.84 -54.60
C TYR A 28 -1.05 -22.69 -55.87
N THR A 29 -1.67 -22.92 -57.03
CA THR A 29 -1.02 -22.74 -58.34
C THR A 29 -0.66 -21.27 -58.55
N GLU A 30 -1.31 -20.38 -57.79
CA GLU A 30 -1.10 -18.95 -57.84
C GLU A 30 -0.25 -18.52 -56.64
N ALA A 31 0.77 -17.69 -56.90
CA ALA A 31 1.65 -17.20 -55.86
C ALA A 31 1.27 -15.77 -55.50
N PHE A 32 0.76 -15.58 -54.27
CA PHE A 32 0.32 -14.26 -53.81
C PHE A 32 1.20 -13.70 -52.74
N ASP A 33 1.43 -12.39 -52.80
CA ASP A 33 2.24 -11.67 -51.82
C ASP A 33 1.43 -11.46 -50.55
N ALA A 34 2.13 -11.24 -49.43
CA ALA A 34 1.48 -11.03 -48.15
C ALA A 34 2.10 -9.86 -47.40
N THR A 35 1.35 -9.30 -46.45
CA THR A 35 1.81 -8.17 -45.64
C THR A 35 1.38 -8.34 -44.20
N ILE A 36 2.31 -8.16 -43.27
CA ILE A 36 2.03 -8.23 -41.82
C ILE A 36 2.49 -6.97 -41.13
N SER A 37 1.68 -6.45 -40.20
CA SER A 37 2.00 -5.21 -39.50
C SER A 37 1.41 -5.16 -38.10
N ILE A 38 1.92 -4.23 -37.28
CA ILE A 38 1.47 -4.04 -35.90
C ILE A 38 0.84 -2.67 -35.78
N LYS A 39 -0.48 -2.62 -35.61
CA LYS A 39 -1.21 -1.35 -35.53
C LYS A 39 -1.74 -1.07 -34.12
N SER A 40 -1.77 0.20 -33.70
CA SER A 40 -2.18 0.59 -32.35
C SER A 40 -3.63 0.34 -32.06
N TYR A 41 -4.00 0.27 -30.77
CA TYR A 41 -5.39 0.15 -30.31
C TYR A 41 -6.28 1.30 -30.89
N PRO A 42 -5.69 2.53 -31.09
CA PRO A 42 -6.35 3.54 -31.92
C PRO A 42 -5.98 3.06 -33.36
N ASP A 43 -6.79 2.15 -33.90
CA ASP A 43 -6.54 1.42 -35.14
C ASP A 43 -6.14 2.17 -36.42
N LYS A 44 -6.89 3.17 -36.92
CA LYS A 44 -7.99 3.99 -36.35
C LYS A 44 -7.56 4.94 -35.20
N LYS A 45 -6.48 5.72 -35.37
CA LYS A 45 -5.65 5.77 -36.57
C LYS A 45 -4.16 5.86 -36.29
N PHE A 46 -3.39 4.81 -36.65
CA PHE A 46 -1.92 4.76 -36.53
C PHE A 46 -1.34 3.42 -36.95
N SER A 47 -0.02 3.39 -37.22
CA SER A 47 0.71 2.17 -37.56
C SER A 47 2.14 2.24 -37.02
N TYR A 48 2.53 1.23 -36.21
CA TYR A 48 3.86 1.19 -35.61
C TYR A 48 4.92 0.76 -36.59
N SER A 49 4.71 -0.40 -37.21
CA SER A 49 5.67 -0.98 -38.16
C SER A 49 5.00 -1.86 -39.18
N SER A 50 5.63 -2.01 -40.36
CA SER A 50 5.10 -2.80 -41.45
C SER A 50 6.12 -3.73 -42.07
N GLY A 51 5.82 -5.02 -42.03
CA GLY A 51 6.67 -6.03 -42.64
C GLY A 51 6.12 -6.36 -44.02
N HIS A 52 7.00 -6.77 -44.93
CA HIS A 52 6.60 -7.14 -46.29
C HIS A 52 7.32 -8.39 -46.74
N VAL A 53 6.54 -9.34 -47.24
CA VAL A 53 7.06 -10.63 -47.69
C VAL A 53 6.59 -10.96 -49.09
N HIS A 54 7.21 -11.98 -49.68
CA HIS A 54 6.87 -12.46 -51.01
C HIS A 54 6.80 -13.98 -50.98
N LEU A 55 5.80 -14.53 -51.64
CA LEU A 55 5.62 -15.98 -51.69
C LEU A 55 5.92 -16.54 -53.06
N SER A 56 6.66 -17.65 -53.09
CA SER A 56 7.05 -18.32 -54.33
C SER A 56 7.33 -19.80 -54.06
N SER A 57 7.40 -20.61 -55.13
CA SER A 57 7.70 -22.03 -55.03
C SER A 57 9.09 -22.23 -54.48
N GLU A 58 9.98 -21.24 -54.70
CA GLU A 58 11.34 -21.24 -54.19
C GLU A 58 11.33 -21.13 -52.67
N ASN A 59 10.39 -20.34 -52.14
CA ASN A 59 10.22 -20.15 -50.71
C ASN A 59 9.41 -21.28 -50.10
N LYS A 60 8.87 -22.17 -50.96
CA LYS A 60 8.05 -23.31 -50.57
C LYS A 60 6.82 -22.88 -49.77
N PHE A 61 6.29 -21.69 -50.08
CA PHE A 61 5.08 -21.13 -49.45
C PHE A 61 5.16 -20.88 -47.95
N GLN A 62 6.36 -20.57 -47.43
CA GLN A 62 6.55 -20.18 -46.03
C GLN A 62 7.70 -19.18 -45.92
N ASN A 63 7.49 -18.11 -45.14
CA ASN A 63 8.49 -17.07 -44.96
C ASN A 63 8.23 -16.29 -43.67
N SER A 64 9.25 -15.57 -43.19
CA SER A 64 9.12 -14.76 -41.99
C SER A 64 9.89 -13.46 -42.10
N ALA A 65 9.25 -12.38 -41.68
CA ALA A 65 9.90 -11.09 -41.63
C ALA A 65 9.79 -10.55 -40.20
N ILE A 66 10.89 -10.01 -39.69
CA ILE A 66 10.98 -9.48 -38.35
C ILE A 66 10.22 -8.15 -38.20
N LEU A 67 9.50 -8.01 -37.10
CA LEU A 67 8.77 -6.78 -36.78
C LEU A 67 9.27 -6.23 -35.46
N THR A 68 9.41 -4.91 -35.38
CA THR A 68 9.89 -4.26 -34.16
C THR A 68 9.03 -3.07 -33.76
N ILE A 69 8.94 -2.83 -32.45
CA ILE A 69 8.18 -1.70 -31.89
C ILE A 69 9.12 -0.73 -31.23
N GLN A 70 9.31 0.43 -31.86
CA GLN A 70 10.18 1.45 -31.30
C GLN A 70 9.42 2.18 -30.21
N PRO A 71 10.12 2.82 -29.24
CA PRO A 71 9.47 3.60 -28.19
C PRO A 71 8.79 4.89 -28.73
N LYS A 72 7.79 4.69 -29.60
CA LYS A 72 6.99 5.73 -30.21
C LYS A 72 5.72 5.93 -29.38
N GLN A 73 5.62 5.20 -28.26
CA GLN A 73 4.47 5.26 -27.36
C GLN A 73 4.25 6.63 -26.76
N LEU A 74 2.98 6.91 -26.47
CA LEU A 74 2.52 8.16 -25.90
C LEU A 74 3.21 8.49 -24.56
N PRO A 75 3.62 9.77 -24.39
CA PRO A 75 4.25 10.22 -23.14
C PRO A 75 3.22 10.27 -22.00
N GLY A 76 3.65 9.97 -20.78
CA GLY A 76 2.77 9.97 -19.61
C GLY A 76 1.77 8.82 -19.66
N GLY A 77 0.82 8.80 -18.70
CA GLY A 77 -0.21 7.76 -18.58
C GLY A 77 0.41 6.38 -18.35
N GLN A 78 1.52 6.35 -17.59
CA GLN A 78 2.25 5.13 -17.27
C GLN A 78 1.39 4.16 -16.43
N ASN A 79 1.27 2.90 -16.85
CA ASN A 79 1.96 2.33 -18.01
C ASN A 79 1.26 2.58 -19.36
N PRO A 80 2.05 2.98 -20.38
CA PRO A 80 1.55 3.28 -21.72
C PRO A 80 1.08 2.04 -22.49
N VAL A 81 0.34 2.30 -23.58
CA VAL A 81 -0.21 1.29 -24.49
C VAL A 81 -0.84 0.10 -23.75
N SER A 82 -0.41 -1.17 -24.01
CA SER A 82 -0.95 -2.39 -23.41
C SER A 82 -2.47 -2.42 -23.60
N TYR A 83 -2.94 -2.82 -24.79
CA TYR A 83 -2.15 -3.51 -25.78
C TYR A 83 -2.19 -2.93 -27.18
N VAL A 84 -1.57 -3.67 -28.12
CA VAL A 84 -1.50 -3.33 -29.54
C VAL A 84 -2.18 -4.39 -30.42
N TYR A 85 -2.52 -4.05 -31.67
CA TYR A 85 -3.15 -4.97 -32.61
C TYR A 85 -2.17 -5.50 -33.64
N LEU A 86 -2.36 -6.76 -34.06
CA LEU A 86 -1.57 -7.40 -35.10
C LEU A 86 -2.47 -7.69 -36.32
N GLU A 87 -2.00 -7.37 -37.53
CA GLU A 87 -2.77 -7.59 -38.75
C GLU A 87 -1.96 -8.30 -39.81
N VAL A 88 -2.66 -8.98 -40.72
CA VAL A 88 -2.09 -9.68 -41.87
C VAL A 88 -2.96 -9.44 -43.09
N VAL A 89 -2.38 -8.87 -44.15
CA VAL A 89 -3.11 -8.57 -45.38
C VAL A 89 -2.54 -9.35 -46.56
N SER A 90 -3.37 -10.21 -47.13
CA SER A 90 -2.99 -11.00 -48.30
C SER A 90 -4.14 -11.03 -49.31
N LYS A 91 -3.83 -11.51 -50.52
CA LYS A 91 -4.79 -11.61 -51.61
C LYS A 91 -5.97 -12.50 -51.23
N HIS A 92 -5.68 -13.71 -50.73
CA HIS A 92 -6.70 -14.69 -50.36
C HIS A 92 -7.23 -14.57 -48.93
N PHE A 93 -6.53 -13.83 -48.07
CA PHE A 93 -6.93 -13.74 -46.68
C PHE A 93 -6.51 -12.47 -45.99
N SER A 94 -7.33 -12.03 -45.02
CA SER A 94 -7.04 -10.89 -44.16
C SER A 94 -7.57 -11.19 -42.77
N LYS A 95 -6.73 -11.05 -41.73
CA LYS A 95 -7.10 -11.36 -40.36
C LYS A 95 -6.36 -10.49 -39.37
N SER A 96 -6.95 -10.28 -38.18
CA SER A 96 -6.39 -9.43 -37.14
C SER A 96 -6.58 -10.00 -35.74
N LYS A 97 -5.67 -9.65 -34.82
CA LYS A 97 -5.71 -10.10 -33.43
C LYS A 97 -5.02 -9.10 -32.51
N ARG A 98 -5.55 -8.96 -31.30
CA ARG A 98 -4.99 -8.10 -30.26
C ARG A 98 -3.95 -8.87 -29.47
N MET A 99 -2.80 -8.23 -29.21
CA MET A 99 -1.73 -8.84 -28.43
C MET A 99 -1.09 -7.89 -27.43
N PRO A 100 -0.79 -8.37 -26.21
CA PRO A 100 -0.18 -7.58 -25.15
C PRO A 100 1.25 -7.22 -25.43
N ILE A 101 1.78 -6.25 -24.68
CA ILE A 101 3.16 -5.83 -24.79
C ILE A 101 3.86 -5.88 -23.43
N THR A 102 5.21 -5.85 -23.43
CA THR A 102 5.99 -5.86 -22.20
C THR A 102 7.15 -4.94 -22.34
N TYR A 103 7.42 -4.17 -21.29
CA TYR A 103 8.53 -3.23 -21.29
C TYR A 103 9.85 -3.85 -20.80
N ASP A 104 9.85 -5.17 -20.56
CA ASP A 104 11.04 -5.89 -20.14
C ASP A 104 11.76 -6.35 -21.38
N ASN A 105 12.94 -5.80 -21.64
CA ASN A 105 13.73 -6.15 -22.81
C ASN A 105 15.21 -6.23 -22.51
N GLY A 106 15.84 -7.31 -22.95
CA GLY A 106 17.25 -7.54 -22.76
C GLY A 106 17.60 -8.11 -21.38
N PHE A 107 18.88 -8.08 -21.05
CA PHE A 107 19.39 -8.64 -19.80
C PHE A 107 20.42 -7.74 -19.17
N LEU A 108 20.51 -7.77 -17.84
CA LEU A 108 21.49 -7.00 -17.11
C LEU A 108 22.24 -7.82 -16.08
N PHE A 109 23.54 -7.92 -16.23
CA PHE A 109 24.36 -8.68 -15.29
C PHE A 109 25.31 -7.76 -14.56
N ILE A 110 25.14 -7.68 -13.24
CA ILE A 110 26.01 -6.84 -12.42
C ILE A 110 27.17 -7.68 -11.92
N HIS A 111 28.39 -7.17 -12.08
CA HIS A 111 29.57 -7.90 -11.64
C HIS A 111 30.38 -7.08 -10.68
N THR A 112 30.49 -7.59 -9.46
CA THR A 112 31.26 -6.93 -8.41
C THR A 112 32.58 -7.68 -8.29
N ASP A 113 33.66 -6.95 -8.02
CA ASP A 113 34.99 -7.55 -7.92
C ASP A 113 35.13 -8.57 -6.81
N LYS A 114 34.40 -8.36 -5.70
CA LYS A 114 34.44 -9.26 -4.57
C LYS A 114 33.04 -9.51 -4.01
N PRO A 115 32.81 -10.70 -3.45
CA PRO A 115 31.53 -11.02 -2.82
C PRO A 115 31.38 -10.33 -1.44
N VAL A 116 32.53 -10.05 -0.77
CA VAL A 116 32.55 -9.47 0.57
C VAL A 116 33.56 -8.37 0.65
N TYR A 117 33.15 -7.21 1.21
CA TYR A 117 34.08 -6.11 1.39
C TYR A 117 34.22 -5.68 2.84
N THR A 118 35.38 -5.13 3.19
CA THR A 118 35.61 -4.56 4.51
C THR A 118 35.18 -3.07 4.52
N PRO A 119 34.90 -2.49 5.71
CA PRO A 119 34.57 -1.06 5.79
C PRO A 119 35.74 -0.24 5.26
N ASP A 120 35.42 0.95 4.72
CA ASP A 120 36.42 1.83 4.10
C ASP A 120 37.18 1.07 3.00
N GLN A 121 36.42 0.65 1.98
CA GLN A 121 36.92 -0.06 0.82
C GLN A 121 36.04 0.20 -0.39
N SER A 122 36.66 0.40 -1.54
CA SER A 122 35.95 0.66 -2.77
C SER A 122 35.41 -0.61 -3.38
N VAL A 123 34.24 -0.51 -4.04
CA VAL A 123 33.62 -1.65 -4.71
C VAL A 123 33.63 -1.48 -6.21
N LYS A 124 34.45 -2.28 -6.90
CA LYS A 124 34.49 -2.22 -8.36
C LYS A 124 33.26 -2.89 -8.89
N VAL A 125 32.59 -2.22 -9.81
CA VAL A 125 31.35 -2.73 -10.38
C VAL A 125 31.28 -2.46 -11.86
N ARG A 126 30.84 -3.46 -12.60
CA ARG A 126 30.58 -3.33 -14.03
C ARG A 126 29.34 -4.08 -14.38
N VAL A 127 28.59 -3.58 -15.35
CA VAL A 127 27.35 -4.22 -15.76
C VAL A 127 27.45 -4.68 -17.21
N TYR A 128 26.97 -5.89 -17.49
CA TYR A 128 26.95 -6.40 -18.84
C TYR A 128 25.54 -6.28 -19.41
N SER A 129 25.36 -5.37 -20.36
CA SER A 129 24.07 -5.11 -20.99
C SER A 129 23.90 -5.92 -22.28
N LEU A 130 22.68 -6.42 -22.53
CA LEU A 130 22.40 -7.19 -23.72
C LEU A 130 21.04 -6.88 -24.31
N ASN A 131 20.88 -7.09 -25.61
CA ASN A 131 19.64 -6.85 -26.32
C ASN A 131 18.73 -8.07 -26.20
N ASP A 132 17.61 -8.05 -26.92
CA ASP A 132 16.73 -9.19 -27.05
C ASP A 132 17.42 -10.15 -28.02
N ASP A 133 18.29 -9.61 -28.90
CA ASP A 133 19.05 -10.39 -29.87
C ASP A 133 20.38 -10.78 -29.27
N LEU A 134 20.58 -10.47 -27.98
CA LEU A 134 21.80 -10.76 -27.22
C LEU A 134 22.98 -9.88 -27.61
N LYS A 135 22.77 -8.99 -28.60
CA LYS A 135 23.76 -8.03 -29.01
C LYS A 135 24.01 -7.05 -27.84
N PRO A 136 25.22 -6.45 -27.73
CA PRO A 136 25.57 -5.52 -26.65
C PRO A 136 24.49 -4.51 -26.28
N ALA A 137 23.79 -3.96 -27.28
CA ALA A 137 22.69 -3.02 -27.05
C ALA A 137 23.08 -1.84 -26.17
N LYS A 138 23.83 -0.92 -26.76
CA LYS A 138 24.32 0.27 -26.09
C LYS A 138 23.13 1.07 -25.60
N ARG A 139 23.03 1.22 -24.27
CA ARG A 139 21.91 1.91 -23.62
C ARG A 139 22.36 2.55 -22.33
N GLU A 140 21.66 3.59 -21.92
CA GLU A 140 21.97 4.26 -20.66
C GLU A 140 21.49 3.38 -19.52
N THR A 141 22.23 3.35 -18.42
CA THR A 141 21.88 2.53 -17.26
C THR A 141 22.06 3.26 -15.92
N VAL A 142 21.13 3.08 -14.99
CA VAL A 142 21.21 3.66 -13.64
C VAL A 142 21.54 2.53 -12.67
N LEU A 143 22.38 2.82 -11.71
CA LEU A 143 22.81 1.82 -10.73
C LEU A 143 22.57 2.35 -9.33
N THR A 144 21.65 1.72 -8.61
CA THR A 144 21.32 2.14 -7.25
C THR A 144 21.86 1.17 -6.18
N PHE A 145 22.33 1.70 -5.05
CA PHE A 145 22.85 0.89 -3.97
C PHE A 145 21.93 0.95 -2.80
N ILE A 146 21.73 -0.18 -2.11
CA ILE A 146 20.81 -0.24 -0.98
C ILE A 146 21.44 -0.85 0.29
N ASP A 147 21.27 -0.15 1.42
CA ASP A 147 21.70 -0.60 2.73
C ASP A 147 21.07 -1.97 3.10
N PRO A 148 21.70 -2.72 4.02
CA PRO A 148 21.12 -3.96 4.52
C PRO A 148 19.81 -3.69 5.22
N GLU A 149 19.63 -2.47 5.77
CA GLU A 149 18.41 -2.03 6.45
C GLU A 149 17.27 -1.84 5.48
N GLY A 150 17.57 -1.87 4.18
CA GLY A 150 16.60 -1.71 3.12
C GLY A 150 16.57 -0.30 2.60
N SER A 151 17.45 0.56 3.14
CA SER A 151 17.50 1.97 2.76
C SER A 151 18.41 2.18 1.59
N GLU A 152 18.00 3.05 0.67
CA GLU A 152 18.82 3.35 -0.52
C GLU A 152 19.96 4.25 -0.12
N VAL A 153 21.13 4.04 -0.72
CA VAL A 153 22.33 4.81 -0.36
C VAL A 153 22.73 5.85 -1.39
N ASP A 154 23.13 5.37 -2.57
CA ASP A 154 23.57 6.25 -3.64
C ASP A 154 23.15 5.71 -5.00
N MET A 155 22.92 6.60 -5.97
CA MET A 155 22.55 6.22 -7.32
C MET A 155 23.54 6.76 -8.31
N VAL A 156 23.78 6.03 -9.39
CA VAL A 156 24.71 6.47 -10.44
C VAL A 156 24.23 6.08 -11.82
N GLU A 157 24.24 7.03 -12.76
CA GLU A 157 23.84 6.79 -14.14
C GLU A 157 25.05 6.82 -15.04
N GLU A 158 25.13 5.90 -16.00
CA GLU A 158 26.29 5.79 -16.90
C GLU A 158 25.93 5.42 -18.33
N ILE A 159 26.61 6.04 -19.30
CA ILE A 159 26.41 5.77 -20.71
C ILE A 159 27.13 4.49 -21.04
N ASP A 160 26.57 3.70 -21.97
CA ASP A 160 27.22 2.47 -22.40
C ASP A 160 27.64 2.52 -23.86
N HIS A 161 28.95 2.59 -24.10
CA HIS A 161 29.48 2.56 -25.46
C HIS A 161 29.76 1.11 -25.87
N ILE A 162 30.40 0.37 -24.97
CA ILE A 162 30.89 -0.97 -25.24
C ILE A 162 29.85 -2.07 -25.27
N GLY A 163 29.00 -2.08 -24.27
CA GLY A 163 28.12 -3.19 -23.99
C GLY A 163 28.59 -3.74 -22.63
N ILE A 164 29.77 -3.25 -22.16
CA ILE A 164 30.33 -3.50 -20.83
C ILE A 164 30.35 -2.15 -20.16
N ILE A 165 29.42 -1.93 -19.25
CA ILE A 165 29.25 -0.63 -18.59
C ILE A 165 30.11 -0.51 -17.36
N SER A 166 31.12 0.36 -17.40
CA SER A 166 32.00 0.55 -16.25
C SER A 166 31.46 1.65 -15.39
N PHE A 167 31.38 1.39 -14.08
CA PHE A 167 30.90 2.38 -13.13
C PHE A 167 32.01 2.84 -12.21
N PRO A 168 31.94 4.09 -11.74
CA PRO A 168 32.93 4.59 -10.80
C PRO A 168 32.81 3.79 -9.52
N ASP A 169 33.95 3.51 -8.88
CA ASP A 169 33.97 2.72 -7.67
C ASP A 169 33.07 3.28 -6.58
N PHE A 170 32.21 2.39 -6.05
CA PHE A 170 31.35 2.73 -4.93
C PHE A 170 32.22 2.74 -3.68
N LYS A 171 31.71 3.22 -2.56
CA LYS A 171 32.47 3.24 -1.32
C LYS A 171 31.59 3.05 -0.11
N ILE A 172 32.16 2.50 0.96
CA ILE A 172 31.42 2.27 2.19
C ILE A 172 31.51 3.53 3.04
N PRO A 173 30.34 4.08 3.48
CA PRO A 173 30.22 5.30 4.30
C PRO A 173 31.06 5.26 5.56
N SER A 174 31.37 6.45 6.13
CA SER A 174 32.20 6.53 7.34
C SER A 174 31.73 5.60 8.46
N ASN A 175 30.40 5.53 8.64
CA ASN A 175 29.80 4.65 9.62
C ASN A 175 28.87 3.66 8.88
N PRO A 176 29.47 2.56 8.37
CA PRO A 176 28.76 1.54 7.61
C PRO A 176 27.69 0.84 8.43
N ARG A 177 26.69 0.29 7.73
CA ARG A 177 25.65 -0.50 8.37
C ARG A 177 25.88 -1.92 7.93
N TYR A 178 26.39 -2.76 8.84
CA TYR A 178 26.77 -4.13 8.53
C TYR A 178 25.62 -5.04 8.12
N GLY A 179 25.90 -5.92 7.16
CA GLY A 179 24.92 -6.86 6.67
C GLY A 179 25.14 -7.10 5.20
N MET A 180 24.13 -7.70 4.55
CA MET A 180 24.19 -7.99 3.13
C MET A 180 23.59 -6.85 2.33
N TRP A 181 24.43 -6.12 1.59
CA TRP A 181 23.96 -5.01 0.77
C TRP A 181 23.34 -5.51 -0.51
N THR A 182 22.82 -4.60 -1.32
CA THR A 182 22.15 -4.94 -2.57
C THR A 182 22.46 -3.94 -3.66
N ILE A 183 22.56 -4.41 -4.91
CA ILE A 183 22.79 -3.51 -6.04
C ILE A 183 21.74 -3.80 -7.09
N LYS A 184 20.90 -2.82 -7.40
CA LYS A 184 19.88 -2.99 -8.43
C LYS A 184 20.18 -2.13 -9.64
N ALA A 185 19.87 -2.63 -10.85
CA ALA A 185 20.11 -1.91 -12.08
C ALA A 185 18.87 -1.81 -12.93
N LYS A 186 18.63 -0.63 -13.51
CA LYS A 186 17.51 -0.39 -14.42
C LYS A 186 17.98 0.28 -15.70
N TYR A 187 17.23 0.10 -16.78
CA TYR A 187 17.61 0.65 -18.07
C TYR A 187 17.16 2.08 -18.23
N LYS A 188 16.56 2.63 -17.17
CA LYS A 188 15.97 3.96 -17.19
C LYS A 188 14.84 4.01 -18.27
N GLU A 189 15.07 4.83 -19.29
CA GLU A 189 14.14 4.96 -20.39
C GLU A 189 14.50 3.96 -21.50
N ASP A 190 13.51 3.27 -22.05
CA ASP A 190 12.12 3.34 -21.59
C ASP A 190 11.76 2.02 -20.90
N PHE A 191 12.71 1.08 -20.89
CA PHE A 191 12.54 -0.32 -20.44
C PHE A 191 12.45 -0.59 -18.96
N SER A 192 11.71 -1.64 -18.62
CA SER A 192 11.49 -2.07 -17.24
C SER A 192 12.45 -3.18 -16.83
N THR A 193 13.44 -3.48 -17.68
CA THR A 193 14.42 -4.52 -17.41
C THR A 193 15.19 -4.22 -16.13
N THR A 194 15.22 -5.21 -15.24
CA THR A 194 15.87 -5.08 -13.93
C THR A 194 16.95 -6.13 -13.72
N GLY A 195 17.87 -5.83 -12.81
CA GLY A 195 18.95 -6.72 -12.43
C GLY A 195 19.28 -6.49 -10.96
N THR A 196 19.75 -7.53 -10.27
CA THR A 196 20.06 -7.45 -8.86
C THR A 196 21.37 -8.14 -8.55
N ALA A 197 22.21 -7.46 -7.78
CA ALA A 197 23.48 -8.00 -7.30
C ALA A 197 23.56 -7.82 -5.80
N TYR A 198 24.46 -8.58 -5.18
CA TYR A 198 24.62 -8.49 -3.74
C TYR A 198 26.08 -8.45 -3.34
N PHE A 199 26.38 -7.80 -2.24
CA PHE A 199 27.71 -7.79 -1.67
C PHE A 199 27.60 -7.60 -0.17
N GLU A 200 28.41 -8.31 0.61
CA GLU A 200 28.35 -8.22 2.06
C GLU A 200 29.45 -7.33 2.64
N VAL A 201 29.05 -6.39 3.52
CA VAL A 201 30.01 -5.53 4.20
C VAL A 201 30.23 -6.08 5.60
N LYS A 202 31.45 -6.55 5.89
CA LYS A 202 31.76 -7.18 7.17
C LYS A 202 33.23 -7.03 7.41
N GLU A 203 33.73 -7.60 8.52
CA GLU A 203 35.16 -7.67 8.80
C GLU A 203 35.63 -9.13 8.54
N TYR A 204 36.20 -9.41 7.36
CA TYR A 204 36.46 -10.78 6.94
C TYR A 204 37.67 -11.49 7.51
N VAL A 205 38.73 -10.71 7.82
CA VAL A 205 39.99 -11.25 8.35
C VAL A 205 40.77 -12.07 7.27
N LEU A 206 40.10 -12.51 6.20
CA LEU A 206 40.69 -13.27 5.09
C LEU A 206 41.37 -14.57 5.56
N PRO A 207 40.55 -15.61 5.87
CA PRO A 207 40.95 -16.92 6.40
C PRO A 207 42.11 -17.54 5.72
N HIS A 208 42.98 -18.19 6.52
CA HIS A 208 44.23 -18.81 6.02
C HIS A 208 44.06 -20.14 5.29
N PHE A 209 43.16 -20.99 5.79
CA PHE A 209 42.92 -22.31 5.19
C PHE A 209 41.45 -22.69 5.20
N SER A 210 41.05 -23.45 4.17
CA SER A 210 39.68 -23.89 3.98
C SER A 210 39.35 -25.11 4.79
N VAL A 211 38.21 -25.11 5.48
CA VAL A 211 37.74 -26.26 6.25
C VAL A 211 36.43 -26.75 5.68
N SER A 212 36.42 -27.93 5.05
CA SER A 212 35.19 -28.49 4.47
C SER A 212 34.68 -29.62 5.34
N ILE A 213 33.38 -29.60 5.63
CA ILE A 213 32.74 -30.63 6.45
C ILE A 213 31.82 -31.46 5.58
N GLU A 214 32.18 -32.72 5.37
CA GLU A 214 31.38 -33.61 4.55
C GLU A 214 30.77 -34.76 5.35
N PRO A 215 29.43 -34.74 5.54
CA PRO A 215 28.75 -35.83 6.21
C PRO A 215 28.64 -37.01 5.25
N GLU A 216 28.72 -38.25 5.77
CA GLU A 216 28.61 -39.45 4.95
C GLU A 216 27.23 -39.50 4.28
N TYR A 217 26.18 -39.10 5.02
CA TYR A 217 24.81 -39.03 4.51
C TYR A 217 24.29 -37.65 4.76
N ASN A 218 23.48 -37.12 3.83
CA ASN A 218 22.96 -35.76 3.89
C ASN A 218 22.10 -35.48 5.13
N PHE A 219 21.08 -36.34 5.35
CA PHE A 219 20.17 -36.21 6.47
C PHE A 219 19.96 -37.55 7.17
N ILE A 220 20.05 -37.52 8.50
CA ILE A 220 19.99 -38.72 9.36
C ILE A 220 18.66 -39.45 9.32
N GLY A 221 18.71 -40.76 9.00
CA GLY A 221 17.54 -41.63 8.94
C GLY A 221 17.47 -42.57 10.14
N TYR A 222 16.72 -43.66 9.99
CA TYR A 222 16.56 -44.66 11.04
C TYR A 222 17.87 -45.37 11.35
N LYS A 223 18.56 -45.85 10.30
CA LYS A 223 19.82 -46.58 10.42
C LYS A 223 20.95 -45.73 10.95
N ASN A 224 20.90 -44.42 10.66
CA ASN A 224 21.95 -43.49 11.04
C ASN A 224 21.79 -42.85 12.41
N PHE A 225 20.72 -43.19 13.12
CA PHE A 225 20.48 -42.64 14.45
C PHE A 225 21.47 -43.22 15.45
N LYS A 226 21.67 -44.54 15.39
CA LYS A 226 22.58 -45.23 16.30
C LYS A 226 24.03 -45.04 15.86
N ASN A 227 24.27 -44.83 14.56
CA ASN A 227 25.62 -44.61 14.04
C ASN A 227 25.64 -43.54 12.96
N PHE A 228 26.37 -42.46 13.20
CA PHE A 228 26.52 -41.37 12.23
C PHE A 228 27.98 -40.95 12.08
N GLU A 229 28.55 -41.10 10.87
CA GLU A 229 29.94 -40.75 10.61
C GLU A 229 30.03 -39.50 9.75
N ILE A 230 30.95 -38.60 10.13
CA ILE A 230 31.14 -37.33 9.42
C ILE A 230 32.62 -37.04 9.17
N THR A 231 32.94 -36.60 7.95
CA THR A 231 34.32 -36.34 7.55
C THR A 231 34.69 -34.87 7.62
N ILE A 232 35.81 -34.56 8.29
CA ILE A 232 36.34 -33.22 8.41
C ILE A 232 37.66 -33.13 7.64
N LYS A 233 37.70 -32.26 6.63
CA LYS A 233 38.89 -32.09 5.81
C LYS A 233 39.26 -30.63 5.61
N ALA A 234 40.47 -30.26 6.05
CA ALA A 234 40.94 -28.88 5.96
C ALA A 234 42.17 -28.77 5.09
N ARG A 235 42.13 -27.84 4.12
CA ARG A 235 43.24 -27.65 3.17
C ARG A 235 43.65 -26.20 3.10
N TYR A 236 44.94 -25.95 2.83
CA TYR A 236 45.46 -24.59 2.67
C TYR A 236 45.01 -24.00 1.36
N PHE A 237 45.07 -22.66 1.23
CA PHE A 237 44.66 -22.01 0.00
C PHE A 237 45.65 -22.12 -1.14
N TYR A 238 46.87 -22.62 -0.85
CA TYR A 238 47.88 -22.90 -1.87
C TYR A 238 47.72 -24.32 -2.36
N ASN A 239 46.63 -24.97 -1.95
CA ASN A 239 46.20 -26.31 -2.37
C ASN A 239 46.91 -27.46 -1.69
N LYS A 240 47.90 -27.17 -0.86
CA LYS A 240 48.61 -28.19 -0.10
C LYS A 240 47.83 -28.48 1.19
N VAL A 241 47.49 -29.74 1.41
CA VAL A 241 46.72 -30.17 2.59
C VAL A 241 47.44 -29.88 3.89
N VAL A 242 46.67 -29.65 4.95
CA VAL A 242 47.23 -29.40 6.27
C VAL A 242 47.80 -30.69 6.81
N THR A 243 49.10 -30.68 7.13
CA THR A 243 49.78 -31.85 7.65
C THR A 243 49.11 -32.37 8.93
N GLU A 244 49.27 -31.64 10.04
CA GLU A 244 48.74 -32.05 11.33
C GLU A 244 48.18 -30.88 12.06
N ALA A 245 46.94 -31.03 12.57
CA ALA A 245 46.23 -29.99 13.29
C ALA A 245 45.21 -30.59 14.25
N ASP A 246 44.89 -29.85 15.30
CA ASP A 246 43.90 -30.29 16.29
C ASP A 246 42.50 -29.87 15.87
N VAL A 247 41.55 -30.80 15.92
CA VAL A 247 40.18 -30.54 15.49
C VAL A 247 39.16 -30.76 16.60
N TYR A 248 38.45 -29.70 17.00
CA TYR A 248 37.44 -29.77 18.05
C TYR A 248 36.06 -29.67 17.44
N ILE A 249 35.20 -30.65 17.74
CA ILE A 249 33.83 -30.69 17.22
C ILE A 249 32.82 -30.33 18.28
N THR A 250 31.78 -29.60 17.90
CA THR A 250 30.70 -29.21 18.80
C THR A 250 29.36 -29.58 18.18
N PHE A 251 28.48 -30.19 18.98
CA PHE A 251 27.18 -30.60 18.49
C PHE A 251 26.07 -29.83 19.16
N GLY A 252 24.93 -29.71 18.47
CA GLY A 252 23.77 -28.98 18.99
C GLY A 252 22.49 -29.31 18.24
N ILE A 253 21.35 -28.99 18.86
CA ILE A 253 20.03 -29.22 18.29
C ILE A 253 19.30 -27.92 18.12
N ARG A 254 18.64 -27.72 16.97
CA ARG A 254 17.88 -26.50 16.70
C ARG A 254 16.48 -26.80 16.21
N GLU A 255 15.51 -25.98 16.61
CA GLU A 255 14.12 -26.15 16.20
C GLU A 255 13.88 -25.66 14.78
N ASP A 256 14.46 -24.51 14.42
CA ASP A 256 14.31 -23.93 13.09
C ASP A 256 15.58 -23.26 12.62
N LEU A 257 15.65 -23.01 11.30
CA LEU A 257 16.79 -22.37 10.66
C LEU A 257 16.92 -20.89 11.05
N LYS A 258 15.80 -20.22 11.31
CA LYS A 258 15.82 -18.80 11.65
C LYS A 258 16.34 -18.55 13.06
N ASP A 259 16.24 -19.56 13.92
CA ASP A 259 16.69 -19.45 15.29
C ASP A 259 18.21 -19.60 15.37
N ASP A 260 18.88 -18.55 15.80
CA ASP A 260 20.33 -18.51 15.91
C ASP A 260 20.87 -19.15 17.18
N GLN A 261 20.05 -19.25 18.21
CA GLN A 261 20.50 -19.75 19.51
C GLN A 261 19.68 -20.90 20.04
N LYS A 262 20.37 -21.99 20.42
CA LYS A 262 19.73 -23.13 21.05
C LYS A 262 20.71 -23.89 21.92
N GLU A 263 20.21 -24.51 22.99
CA GLU A 263 21.02 -25.27 23.93
C GLU A 263 21.68 -26.48 23.27
N MET A 264 22.80 -26.94 23.88
CA MET A 264 23.57 -28.04 23.37
C MET A 264 24.40 -28.78 24.42
N MET A 265 24.84 -29.99 24.07
CA MET A 265 25.68 -30.86 24.89
C MET A 265 27.05 -30.23 25.11
N GLN A 266 27.67 -30.35 26.30
CA GLN A 266 27.28 -31.13 27.51
C GLN A 266 27.63 -32.64 27.48
N THR A 267 28.22 -33.11 26.36
CA THR A 267 28.74 -34.47 26.24
C THR A 267 30.16 -34.41 25.74
N ALA A 268 30.32 -33.86 24.52
CA ALA A 268 31.57 -33.70 23.80
C ALA A 268 31.25 -32.96 22.51
N MET A 269 32.18 -32.16 21.92
CA MET A 269 33.56 -31.87 22.35
C MET A 269 34.56 -33.00 22.21
N GLN A 270 34.45 -33.78 21.12
CA GLN A 270 35.41 -34.84 20.83
C GLN A 270 36.57 -34.18 20.12
N ASN A 271 37.79 -34.39 20.62
CA ASN A 271 38.98 -33.80 20.03
C ASN A 271 39.82 -34.83 19.29
N THR A 272 39.84 -34.75 17.96
CA THR A 272 40.64 -35.63 17.12
C THR A 272 41.65 -34.79 16.34
N MET A 273 42.75 -35.42 15.91
CA MET A 273 43.76 -34.68 15.17
C MET A 273 43.68 -34.92 13.66
N LEU A 274 43.71 -33.83 12.89
CA LEU A 274 43.67 -33.88 11.43
C LEU A 274 45.02 -34.41 10.94
N ILE A 275 44.98 -35.51 10.17
CA ILE A 275 46.20 -36.14 9.66
C ILE A 275 46.21 -36.17 8.15
N ASN A 276 47.27 -35.62 7.56
CA ASN A 276 47.44 -35.55 6.11
C ASN A 276 46.28 -34.85 5.37
N GLY A 277 45.63 -33.90 6.06
CA GLY A 277 44.56 -33.06 5.50
C GLY A 277 43.17 -33.65 5.60
N ILE A 278 43.00 -34.72 6.37
CA ILE A 278 41.70 -35.35 6.53
C ILE A 278 41.52 -35.98 7.90
N ALA A 279 40.30 -35.90 8.43
CA ALA A 279 39.95 -36.51 9.70
C ALA A 279 38.47 -36.91 9.70
N GLN A 280 38.10 -37.91 10.51
CA GLN A 280 36.74 -38.41 10.56
C GLN A 280 36.35 -38.85 11.97
N VAL A 281 35.08 -38.67 12.32
CA VAL A 281 34.56 -39.03 13.63
C VAL A 281 33.11 -39.50 13.59
N THR A 282 32.76 -40.45 14.47
CA THR A 282 31.42 -40.99 14.57
C THR A 282 30.70 -40.42 15.78
N PHE A 283 29.48 -39.91 15.57
CA PHE A 283 28.66 -39.34 16.62
C PHE A 283 27.24 -39.85 16.58
N ASP A 284 26.82 -40.54 17.65
CA ASP A 284 25.48 -41.13 17.75
C ASP A 284 24.52 -40.27 18.53
N SER A 285 23.28 -40.23 18.06
CA SER A 285 22.24 -39.42 18.67
C SER A 285 21.67 -40.04 19.93
N GLU A 286 21.63 -41.38 19.98
CA GLU A 286 21.08 -42.13 21.11
C GLU A 286 21.62 -41.70 22.45
N THR A 287 22.96 -41.56 22.55
CA THR A 287 23.60 -41.11 23.77
C THR A 287 23.50 -39.59 23.85
N ALA A 288 23.59 -38.92 22.68
CA ALA A 288 23.60 -37.47 22.58
C ALA A 288 22.45 -36.77 23.26
N VAL A 289 21.24 -36.88 22.71
CA VAL A 289 20.05 -36.23 23.26
C VAL A 289 19.78 -36.61 24.71
N LYS A 290 19.28 -37.84 24.92
CA LYS A 290 19.00 -38.41 26.23
C LYS A 290 18.35 -37.41 27.20
N GLU A 291 18.95 -37.25 28.40
CA GLU A 291 18.47 -36.32 29.41
C GLU A 291 18.96 -34.91 29.08
N LEU A 292 20.11 -34.83 28.39
CA LEU A 292 20.72 -33.55 28.01
C LEU A 292 19.78 -32.69 27.18
N SER A 293 19.04 -33.33 26.27
CA SER A 293 18.06 -32.64 25.45
C SER A 293 16.67 -32.76 26.06
N TYR A 294 16.58 -33.36 27.27
CA TYR A 294 15.33 -33.58 28.02
C TYR A 294 14.40 -34.62 27.41
N TYR A 295 14.70 -35.08 26.18
CA TYR A 295 13.91 -36.09 25.49
C TYR A 295 14.78 -36.97 24.61
N SER A 296 14.49 -38.28 24.61
CA SER A 296 15.25 -39.23 23.82
C SER A 296 14.37 -40.16 22.99
N LEU A 297 14.39 -39.96 21.66
CA LEU A 297 13.70 -40.76 20.65
C LEU A 297 13.85 -40.09 19.29
N GLU A 298 13.67 -40.86 18.21
CA GLU A 298 13.68 -40.29 16.88
C GLU A 298 12.31 -39.66 16.59
N ASP A 299 11.28 -40.18 17.29
CA ASP A 299 9.91 -39.72 17.16
C ASP A 299 9.70 -38.48 18.00
N LEU A 300 10.32 -38.44 19.20
CA LEU A 300 10.18 -37.32 20.14
C LEU A 300 10.67 -36.01 19.57
N ASN A 301 11.87 -36.00 18.99
CA ASN A 301 12.45 -34.80 18.42
C ASN A 301 12.61 -34.86 16.90
N ASN A 302 11.80 -34.07 16.20
CA ASN A 302 11.89 -33.91 14.75
C ASN A 302 12.26 -32.46 14.50
N LYS A 303 13.54 -32.23 14.18
CA LYS A 303 14.11 -30.89 14.01
C LYS A 303 15.55 -30.97 13.53
N TYR A 304 16.13 -29.83 13.17
CA TYR A 304 17.49 -29.75 12.65
C TYR A 304 18.56 -30.00 13.70
N LEU A 305 19.72 -30.52 13.27
CA LEU A 305 20.90 -30.74 14.11
C LEU A 305 22.08 -29.93 13.59
N TYR A 306 22.58 -29.01 14.42
CA TYR A 306 23.69 -28.15 14.05
C TYR A 306 24.98 -28.62 14.69
N ILE A 307 26.01 -28.76 13.86
CA ILE A 307 27.32 -29.23 14.31
C ILE A 307 28.41 -28.21 14.02
N ALA A 308 29.19 -27.84 15.06
CA ALA A 308 30.28 -26.87 14.93
C ALA A 308 31.64 -27.53 14.97
N VAL A 309 32.59 -27.01 14.19
CA VAL A 309 33.94 -27.56 14.10
C VAL A 309 34.97 -26.43 14.23
N THR A 310 35.92 -26.58 15.15
CA THR A 310 37.00 -25.61 15.32
C THR A 310 38.33 -26.29 15.08
N VAL A 311 39.09 -25.84 14.07
CA VAL A 311 40.37 -26.43 13.70
C VAL A 311 41.52 -25.51 13.98
N ILE A 312 42.46 -25.98 14.79
CA ILE A 312 43.67 -25.22 15.12
C ILE A 312 44.90 -25.99 14.69
N GLU A 313 45.96 -25.29 14.27
CA GLU A 313 47.19 -25.97 13.86
C GLU A 313 48.07 -26.18 15.07
N SER A 314 48.53 -27.43 15.25
CA SER A 314 49.39 -27.81 16.37
C SER A 314 50.82 -27.39 16.12
N THR A 315 51.23 -27.37 14.85
CA THR A 315 52.59 -27.04 14.45
C THR A 315 52.90 -25.54 14.47
N GLY A 316 51.87 -24.71 14.39
CA GLY A 316 52.04 -23.26 14.41
C GLY A 316 50.70 -22.60 14.61
N GLY A 317 50.68 -21.39 15.17
CA GLY A 317 49.43 -20.72 15.49
C GLY A 317 48.58 -20.28 14.31
N PHE A 318 47.38 -20.83 14.21
CA PHE A 318 46.32 -20.45 13.27
C PHE A 318 45.00 -21.07 13.70
N SER A 319 43.89 -20.49 13.30
CA SER A 319 42.59 -21.06 13.67
C SER A 319 41.56 -20.75 12.61
N GLU A 320 40.68 -21.72 12.36
CA GLU A 320 39.60 -21.56 11.41
C GLU A 320 38.41 -22.33 11.91
N GLU A 321 37.22 -21.80 11.66
CA GLU A 321 35.98 -22.40 12.12
C GLU A 321 35.02 -22.61 10.98
N ALA A 322 34.19 -23.63 11.11
CA ALA A 322 33.11 -23.88 10.17
C ALA A 322 31.90 -24.44 10.93
N GLU A 323 30.77 -24.59 10.23
CA GLU A 323 29.56 -25.10 10.84
C GLU A 323 28.61 -25.63 9.80
N ILE A 324 27.70 -26.51 10.25
CA ILE A 324 26.62 -26.99 9.41
C ILE A 324 25.35 -26.34 9.92
N PRO A 325 24.64 -25.59 9.04
CA PRO A 325 23.41 -24.88 9.42
C PRO A 325 22.44 -25.79 10.17
N GLY A 326 22.27 -27.03 9.69
CA GLY A 326 21.40 -27.97 10.36
C GLY A 326 21.18 -29.24 9.58
N ILE A 327 20.84 -30.30 10.29
CA ILE A 327 20.47 -31.59 9.72
C ILE A 327 19.25 -32.08 10.47
N LYS A 328 18.12 -32.18 9.79
CA LYS A 328 16.87 -32.58 10.42
C LYS A 328 16.61 -34.08 10.42
N TYR A 329 16.24 -34.61 11.58
CA TYR A 329 15.86 -36.00 11.71
C TYR A 329 14.42 -36.07 11.24
N VAL A 330 14.15 -36.84 10.18
CA VAL A 330 12.80 -36.94 9.66
C VAL A 330 12.32 -38.39 9.65
N LEU A 331 11.12 -38.62 10.17
CA LEU A 331 10.50 -39.95 10.19
C LEU A 331 10.17 -40.38 8.77
N SER A 332 9.68 -39.42 7.95
CA SER A 332 9.34 -39.67 6.55
C SER A 332 10.52 -39.24 5.68
N PRO A 333 11.29 -40.22 5.15
CA PRO A 333 12.46 -39.93 4.34
C PRO A 333 12.13 -39.31 2.99
N TYR A 334 13.01 -38.44 2.53
CA TYR A 334 12.92 -37.80 1.21
C TYR A 334 11.61 -37.06 0.93
N LYS A 335 11.17 -37.15 -0.33
CA LYS A 335 9.96 -36.52 -0.88
C LYS A 335 9.82 -36.96 -2.34
N LEU A 336 8.74 -36.54 -3.00
CA LEU A 336 8.51 -36.91 -4.39
C LEU A 336 8.15 -35.73 -5.28
N ASN A 337 8.65 -35.75 -6.52
CA ASN A 337 8.40 -34.69 -7.51
C ASN A 337 8.54 -35.19 -8.95
N LEU A 338 7.90 -34.51 -9.89
CA LEU A 338 7.94 -34.87 -11.30
C LEU A 338 8.81 -33.90 -12.08
N VAL A 339 9.56 -34.45 -13.03
CA VAL A 339 10.44 -33.65 -13.89
C VAL A 339 10.31 -34.11 -15.32
N ALA A 340 10.29 -33.14 -16.27
CA ALA A 340 10.21 -33.40 -17.71
C ALA A 340 9.05 -34.34 -18.08
N THR A 341 7.97 -34.25 -17.30
CA THR A 341 6.78 -35.05 -17.50
C THR A 341 5.54 -34.18 -17.54
N PRO A 342 5.15 -33.72 -18.75
CA PRO A 342 3.94 -32.89 -18.88
C PRO A 342 2.78 -33.78 -18.54
N LEU A 343 1.78 -33.27 -17.81
CA LEU A 343 0.64 -34.09 -17.45
C LEU A 343 -0.50 -33.89 -18.42
N PHE A 344 -0.57 -34.79 -19.39
CA PHE A 344 -1.57 -34.82 -20.45
C PHE A 344 -1.64 -36.25 -20.98
N LEU A 345 -2.73 -36.59 -21.65
CA LEU A 345 -2.87 -37.95 -22.14
C LEU A 345 -3.17 -38.02 -23.63
N LYS A 346 -2.46 -38.90 -24.33
CA LYS A 346 -2.66 -39.13 -25.75
C LYS A 346 -3.16 -40.56 -25.96
N PRO A 347 -4.47 -40.72 -26.27
CA PRO A 347 -5.11 -42.03 -26.45
C PRO A 347 -4.46 -42.91 -27.51
N GLY A 348 -4.16 -44.16 -27.14
CA GLY A 348 -3.53 -45.13 -28.04
C GLY A 348 -2.03 -45.04 -27.96
N ILE A 349 -1.51 -43.92 -27.50
CA ILE A 349 -0.08 -43.68 -27.37
C ILE A 349 0.35 -43.92 -25.92
N PRO A 350 1.46 -44.68 -25.73
CA PRO A 350 2.02 -44.91 -24.39
C PRO A 350 2.38 -43.57 -23.74
N TYR A 351 1.92 -43.35 -22.49
CA TYR A 351 2.14 -42.11 -21.78
C TYR A 351 3.36 -42.17 -20.88
N PRO A 352 4.41 -41.41 -21.22
CA PRO A 352 5.67 -41.36 -20.46
C PRO A 352 5.50 -40.69 -19.10
N ILE A 353 6.06 -41.30 -18.05
CA ILE A 353 6.04 -40.77 -16.69
C ILE A 353 7.45 -40.83 -16.12
N LYS A 354 8.05 -39.68 -15.86
CA LYS A 354 9.40 -39.63 -15.33
C LYS A 354 9.43 -38.96 -13.96
N VAL A 355 9.73 -39.74 -12.92
CA VAL A 355 9.73 -39.25 -11.55
C VAL A 355 11.13 -39.10 -10.96
N GLN A 356 11.30 -38.16 -10.04
CA GLN A 356 12.58 -37.94 -9.37
C GLN A 356 12.37 -37.76 -7.87
N VAL A 357 13.18 -38.43 -7.06
CA VAL A 357 13.10 -38.35 -5.60
C VAL A 357 14.19 -37.45 -5.04
N LYS A 358 13.77 -36.46 -4.23
CA LYS A 358 14.71 -35.56 -3.58
C LYS A 358 14.73 -35.81 -2.08
N ASP A 359 15.88 -35.60 -1.45
CA ASP A 359 16.02 -35.79 0.00
C ASP A 359 15.45 -34.59 0.74
N SER A 360 15.74 -34.48 2.05
CA SER A 360 15.24 -33.42 2.92
C SER A 360 15.46 -32.03 2.36
N LEU A 361 16.72 -31.72 1.97
CA LEU A 361 17.02 -30.43 1.37
C LEU A 361 17.51 -30.51 -0.06
N ASP A 362 16.61 -30.16 -0.98
CA ASP A 362 16.83 -29.89 -2.40
C ASP A 362 17.97 -30.67 -3.08
N GLN A 363 18.04 -31.99 -2.85
CA GLN A 363 19.08 -32.81 -3.47
C GLN A 363 18.53 -34.15 -3.92
N LEU A 364 18.85 -34.54 -5.15
CA LEU A 364 18.39 -35.80 -5.74
C LEU A 364 18.99 -37.01 -5.06
N VAL A 365 18.24 -38.11 -5.04
CA VAL A 365 18.68 -39.37 -4.47
C VAL A 365 18.60 -40.43 -5.57
N GLY A 366 19.38 -41.51 -5.44
CA GLY A 366 19.40 -42.56 -6.44
C GLY A 366 19.50 -43.94 -5.81
N GLY A 367 19.20 -44.97 -6.59
CA GLY A 367 19.20 -46.36 -6.17
C GLY A 367 18.00 -46.63 -5.29
N VAL A 368 16.99 -45.75 -5.35
CA VAL A 368 15.78 -45.85 -4.55
C VAL A 368 14.62 -46.37 -5.38
N PRO A 369 14.16 -47.59 -5.10
CA PRO A 369 13.04 -48.20 -5.82
C PRO A 369 11.73 -47.47 -5.56
N VAL A 370 10.94 -47.27 -6.61
CA VAL A 370 9.64 -46.60 -6.52
C VAL A 370 8.63 -47.33 -7.38
N THR A 371 7.37 -47.30 -6.97
CA THR A 371 6.29 -47.95 -7.71
C THR A 371 5.06 -47.05 -7.78
N LEU A 372 4.17 -47.32 -8.74
CA LEU A 372 2.96 -46.54 -8.92
C LEU A 372 1.73 -47.39 -9.19
N ASN A 373 0.56 -46.90 -8.77
CA ASN A 373 -0.71 -47.57 -9.03
C ASN A 373 -1.63 -46.63 -9.78
N ALA A 374 -2.29 -47.13 -10.82
CA ALA A 374 -3.15 -46.31 -11.66
C ALA A 374 -4.46 -46.97 -12.03
N GLN A 375 -5.52 -46.16 -12.15
CA GLN A 375 -6.84 -46.65 -12.56
C GLN A 375 -7.28 -45.95 -13.84
N THR A 376 -7.29 -46.69 -14.95
CA THR A 376 -7.68 -46.17 -16.25
C THR A 376 -9.19 -46.25 -16.39
N ILE A 377 -9.82 -45.12 -16.69
CA ILE A 377 -11.26 -45.08 -16.86
C ILE A 377 -11.66 -45.02 -18.33
N ASP A 378 -12.81 -45.61 -18.67
CA ASP A 378 -13.33 -45.59 -20.03
C ASP A 378 -14.14 -44.32 -20.29
N VAL A 379 -14.03 -43.75 -21.50
CA VAL A 379 -14.71 -42.53 -21.94
C VAL A 379 -16.20 -42.56 -21.62
N ASN A 380 -16.85 -43.69 -21.93
CA ASN A 380 -18.26 -43.89 -21.66
C ASN A 380 -18.52 -43.81 -20.17
N GLN A 381 -18.06 -44.82 -19.41
CA GLN A 381 -18.20 -44.86 -17.95
C GLN A 381 -17.32 -45.92 -17.32
N GLU A 382 -17.54 -46.20 -16.03
CA GLU A 382 -16.81 -47.19 -15.24
C GLU A 382 -15.31 -46.88 -15.20
N THR A 383 -14.47 -47.92 -15.21
CA THR A 383 -13.02 -47.81 -15.10
C THR A 383 -12.34 -49.16 -15.22
N SER A 384 -11.01 -49.15 -15.15
CA SER A 384 -10.19 -50.35 -15.15
C SER A 384 -8.91 -50.06 -14.37
N ASP A 385 -8.46 -51.02 -13.57
CA ASP A 385 -7.25 -50.86 -12.79
C ASP A 385 -6.04 -51.26 -13.62
N LEU A 386 -5.12 -50.31 -13.83
CA LEU A 386 -3.91 -50.57 -14.60
C LEU A 386 -2.88 -51.33 -13.77
N ASP A 387 -2.13 -52.24 -14.42
CA ASP A 387 -1.10 -53.03 -13.78
C ASP A 387 0.03 -52.15 -13.28
N PRO A 388 0.34 -52.24 -11.96
CA PRO A 388 1.40 -51.43 -11.33
C PRO A 388 2.77 -51.67 -11.94
N SER A 389 3.63 -50.64 -11.89
CA SER A 389 4.99 -50.73 -12.44
C SER A 389 6.00 -50.26 -11.39
N LYS A 390 7.12 -50.97 -11.27
CA LYS A 390 8.15 -50.64 -10.30
C LYS A 390 9.50 -50.49 -10.96
N SER A 391 10.23 -49.43 -10.58
CA SER A 391 11.56 -49.14 -11.09
C SER A 391 12.37 -48.32 -10.10
N VAL A 392 13.69 -48.27 -10.29
CA VAL A 392 14.59 -47.54 -9.39
C VAL A 392 15.16 -46.32 -10.07
N THR A 393 15.54 -45.33 -9.28
CA THR A 393 16.14 -44.10 -9.79
C THR A 393 17.65 -44.29 -9.94
N ARG A 394 18.16 -44.12 -11.15
CA ARG A 394 19.59 -44.28 -11.42
C ARG A 394 20.37 -43.07 -10.95
N VAL A 395 21.51 -43.31 -10.30
CA VAL A 395 22.40 -42.26 -9.78
C VAL A 395 23.01 -41.42 -10.90
N ASP A 396 23.27 -42.06 -12.05
CA ASP A 396 23.86 -41.44 -13.23
C ASP A 396 22.86 -40.49 -13.89
N ASP A 397 21.64 -40.96 -14.14
CA ASP A 397 20.58 -40.19 -14.77
C ASP A 397 19.95 -39.20 -13.78
N GLY A 398 19.70 -39.67 -12.56
CA GLY A 398 19.09 -38.86 -11.51
C GLY A 398 17.57 -38.94 -11.54
N VAL A 399 17.00 -39.51 -12.62
CA VAL A 399 15.55 -39.58 -12.82
C VAL A 399 15.10 -41.02 -13.04
N ALA A 400 13.94 -41.38 -12.49
CA ALA A 400 13.34 -42.70 -12.71
C ALA A 400 12.36 -42.61 -13.88
N SER A 401 12.35 -43.63 -14.73
CA SER A 401 11.51 -43.63 -15.93
C SER A 401 10.40 -44.67 -15.92
N PHE A 402 9.20 -44.26 -16.32
CA PHE A 402 8.03 -45.13 -16.41
C PHE A 402 7.27 -44.84 -17.68
N VAL A 403 6.65 -45.87 -18.25
CA VAL A 403 5.86 -45.74 -19.47
C VAL A 403 4.59 -46.54 -19.34
N LEU A 404 3.44 -45.90 -19.55
CA LEU A 404 2.15 -46.57 -19.41
C LEU A 404 1.34 -46.55 -20.69
N ASN A 405 0.95 -47.73 -21.18
CA ASN A 405 0.10 -47.85 -22.37
C ASN A 405 -1.34 -48.08 -21.92
N LEU A 406 -2.24 -47.22 -22.39
CA LEU A 406 -3.64 -47.24 -21.98
C LEU A 406 -4.59 -47.62 -23.10
N PRO A 407 -5.79 -48.15 -22.75
CA PRO A 407 -6.84 -48.45 -23.75
C PRO A 407 -7.25 -47.15 -24.45
N SER A 408 -7.62 -47.25 -25.73
CA SER A 408 -7.97 -46.09 -26.54
C SER A 408 -9.15 -45.27 -26.03
N GLY A 409 -10.00 -45.88 -25.19
CA GLY A 409 -11.18 -45.20 -24.67
C GLY A 409 -10.95 -44.48 -23.34
N VAL A 410 -9.71 -44.14 -23.02
CA VAL A 410 -9.41 -43.47 -21.76
C VAL A 410 -9.69 -41.97 -21.78
N THR A 411 -10.37 -41.45 -20.74
CA THR A 411 -10.61 -40.02 -20.62
C THR A 411 -9.39 -39.39 -20.00
N VAL A 412 -9.18 -39.61 -18.69
CA VAL A 412 -8.01 -39.13 -17.98
C VAL A 412 -7.43 -40.26 -17.16
N LEU A 413 -6.16 -40.16 -16.78
CA LEU A 413 -5.54 -41.17 -15.93
C LEU A 413 -5.03 -40.55 -14.62
N GLU A 414 -5.05 -41.32 -13.54
CA GLU A 414 -4.52 -40.88 -12.25
C GLU A 414 -3.45 -41.85 -11.79
N PHE A 415 -2.28 -41.34 -11.43
CA PHE A 415 -1.18 -42.19 -11.00
C PHE A 415 -0.67 -41.79 -9.62
N ASN A 416 -0.66 -42.74 -8.69
CA ASN A 416 -0.19 -42.51 -7.33
C ASN A 416 1.19 -43.07 -7.14
N VAL A 417 2.18 -42.18 -7.00
CA VAL A 417 3.58 -42.58 -6.83
C VAL A 417 3.95 -42.79 -5.37
N LYS A 418 4.46 -43.98 -5.06
CA LYS A 418 4.91 -44.32 -3.71
C LYS A 418 6.34 -44.85 -3.73
N THR A 419 7.05 -44.74 -2.60
CA THR A 419 8.44 -45.17 -2.49
C THR A 419 8.56 -46.52 -1.84
N ASP A 420 9.54 -47.30 -2.27
CA ASP A 420 9.76 -48.63 -1.74
C ASP A 420 11.23 -48.87 -1.37
N ALA A 421 11.48 -49.23 -0.12
CA ALA A 421 12.82 -49.58 0.34
C ALA A 421 12.72 -50.69 1.40
N PRO A 422 13.73 -51.58 1.46
CA PRO A 422 13.74 -52.69 2.44
C PRO A 422 13.65 -52.17 3.87
N ASP A 423 14.29 -51.02 4.13
CA ASP A 423 14.28 -50.39 5.45
C ASP A 423 12.98 -49.62 5.69
N LEU A 424 12.39 -49.08 4.61
CA LEU A 424 11.19 -48.26 4.68
C LEU A 424 9.95 -48.97 5.22
N PRO A 425 9.38 -48.42 6.33
CA PRO A 425 8.11 -48.91 6.87
C PRO A 425 6.97 -48.30 6.07
N GLU A 426 5.79 -48.90 6.09
CA GLU A 426 4.63 -48.37 5.37
C GLU A 426 4.07 -47.17 6.15
N GLU A 427 4.26 -47.16 7.46
CA GLU A 427 3.80 -46.10 8.35
C GLU A 427 4.47 -44.77 8.00
N ASN A 428 5.79 -44.78 7.89
CA ASN A 428 6.57 -43.60 7.53
C ASN A 428 7.13 -43.80 6.13
N GLN A 429 6.57 -43.07 5.16
CA GLN A 429 6.97 -43.21 3.77
C GLN A 429 6.63 -41.97 2.97
N ALA A 430 6.88 -42.01 1.66
CA ALA A 430 6.60 -40.89 0.77
C ALA A 430 5.57 -41.29 -0.28
N ARG A 431 4.44 -40.57 -0.31
CA ARG A 431 3.36 -40.85 -1.24
C ARG A 431 2.79 -39.57 -1.83
N GLU A 432 2.75 -39.50 -3.17
CA GLU A 432 2.23 -38.33 -3.88
C GLU A 432 1.32 -38.73 -5.03
N GLY A 433 0.05 -38.33 -4.97
CA GLY A 433 -0.95 -38.61 -6.01
C GLY A 433 -0.93 -37.52 -7.08
N TYR A 434 -1.17 -37.91 -8.36
CA TYR A 434 -1.18 -36.98 -9.50
C TYR A 434 -2.24 -37.31 -10.53
N ARG A 435 -2.60 -36.33 -11.37
CA ARG A 435 -3.65 -36.50 -12.36
C ARG A 435 -3.29 -35.84 -13.68
N ALA A 436 -3.63 -36.50 -14.82
CA ALA A 436 -3.37 -35.96 -16.14
C ALA A 436 -4.57 -36.08 -17.04
N ILE A 437 -4.93 -34.97 -17.69
CA ILE A 437 -6.10 -34.89 -18.56
C ILE A 437 -5.68 -35.02 -20.02
N ALA A 438 -6.47 -35.77 -20.81
CA ALA A 438 -6.16 -36.02 -22.21
C ALA A 438 -6.32 -34.85 -23.17
N TYR A 439 -5.66 -34.96 -24.32
CA TYR A 439 -5.77 -34.00 -25.41
C TYR A 439 -7.24 -34.03 -25.87
N SER A 440 -7.86 -32.85 -26.04
CA SER A 440 -9.26 -32.79 -26.48
C SER A 440 -9.38 -32.40 -27.95
N SER A 441 -9.91 -33.31 -28.77
CA SER A 441 -10.11 -33.06 -30.19
C SER A 441 -11.44 -33.66 -30.64
N LEU A 442 -12.24 -32.86 -31.34
CA LEU A 442 -13.52 -33.32 -31.86
C LEU A 442 -13.29 -34.15 -33.13
N SER A 443 -12.09 -34.00 -33.72
CA SER A 443 -11.68 -34.75 -34.91
C SER A 443 -10.97 -36.05 -34.50
N GLN A 444 -10.79 -36.25 -33.18
CA GLN A 444 -10.19 -37.44 -32.58
C GLN A 444 -8.72 -37.66 -32.93
N SER A 445 -8.14 -36.79 -33.76
CA SER A 445 -6.75 -36.89 -34.17
C SER A 445 -5.79 -36.34 -33.11
N TYR A 446 -4.61 -36.96 -32.97
CA TYR A 446 -3.59 -36.54 -32.01
C TYR A 446 -2.21 -36.47 -32.64
N LEU A 447 -1.19 -36.04 -31.86
CA LEU A 447 0.20 -35.96 -32.30
C LEU A 447 1.13 -36.10 -31.12
N TYR A 448 2.30 -36.71 -31.34
CA TYR A 448 3.28 -36.93 -30.28
C TYR A 448 4.70 -36.95 -30.83
N ILE A 449 5.67 -36.53 -30.00
CA ILE A 449 7.09 -36.53 -30.39
C ILE A 449 7.94 -37.28 -29.35
N ASP A 450 9.06 -37.86 -29.79
CA ASP A 450 9.92 -38.65 -28.93
C ASP A 450 11.37 -38.14 -28.87
N TRP A 451 12.26 -38.91 -28.22
CA TRP A 451 13.68 -38.60 -28.02
C TRP A 451 13.84 -37.32 -27.22
N THR A 452 14.48 -36.29 -27.81
CA THR A 452 14.61 -34.95 -27.23
C THR A 452 15.29 -34.89 -25.87
N ASP A 453 16.64 -34.87 -25.84
CA ASP A 453 17.47 -34.65 -24.64
C ASP A 453 17.77 -35.79 -23.70
N ASN A 454 17.32 -37.01 -24.02
CA ASN A 454 17.59 -38.18 -23.19
C ASN A 454 19.10 -38.51 -23.15
N HIS A 455 19.90 -37.83 -23.99
CA HIS A 455 21.34 -38.06 -24.17
C HIS A 455 22.25 -38.27 -22.92
N LYS A 456 22.24 -37.39 -21.90
CA LYS A 456 21.39 -36.21 -21.73
C LYS A 456 21.77 -34.99 -22.58
N ALA A 457 20.81 -34.07 -22.74
CA ALA A 457 20.96 -32.82 -23.50
C ALA A 457 21.30 -33.00 -24.97
N LEU A 458 22.09 -32.07 -25.54
CA LEU A 458 22.38 -32.03 -26.97
C LEU A 458 23.68 -31.34 -27.29
N LEU A 459 24.17 -31.49 -28.53
CA LEU A 459 25.40 -30.86 -29.00
C LEU A 459 25.13 -29.91 -30.15
N VAL A 460 26.15 -29.18 -30.62
CA VAL A 460 26.00 -28.17 -31.65
C VAL A 460 26.54 -28.60 -32.98
N GLY A 461 25.78 -28.35 -34.05
CA GLY A 461 26.15 -28.65 -35.42
C GLY A 461 25.64 -30.01 -35.88
N GLU A 462 25.16 -30.84 -34.94
CA GLU A 462 24.67 -32.18 -35.27
C GLU A 462 23.21 -32.20 -35.65
N HIS A 463 22.89 -32.90 -36.72
CA HIS A 463 21.51 -33.03 -37.19
C HIS A 463 20.79 -34.07 -36.35
N LEU A 464 19.70 -33.67 -35.67
CA LEU A 464 18.95 -34.57 -34.81
C LEU A 464 17.63 -35.01 -35.41
N ASN A 465 17.27 -36.29 -35.22
CA ASN A 465 16.01 -36.83 -35.71
C ASN A 465 15.01 -37.05 -34.59
N ILE A 466 13.73 -36.77 -34.87
CA ILE A 466 12.65 -36.95 -33.92
C ILE A 466 11.51 -37.77 -34.53
N ILE A 467 11.09 -38.82 -33.82
CA ILE A 467 10.01 -39.70 -34.27
C ILE A 467 8.66 -39.14 -33.86
N VAL A 468 7.77 -39.00 -34.83
CA VAL A 468 6.42 -38.48 -34.60
C VAL A 468 5.37 -39.50 -35.00
N THR A 469 4.18 -39.42 -34.43
CA THR A 469 3.09 -40.32 -34.79
C THR A 469 1.77 -39.59 -34.85
N PRO A 470 0.96 -39.83 -35.90
CA PRO A 470 -0.39 -39.27 -36.02
C PRO A 470 -1.47 -40.31 -35.66
N LYS A 471 -1.55 -40.71 -34.39
CA LYS A 471 -2.52 -41.72 -33.95
C LYS A 471 -3.96 -41.24 -34.08
N SER A 472 -4.85 -42.19 -34.39
CA SER A 472 -6.29 -41.98 -34.59
C SER A 472 -6.60 -40.84 -35.59
N PRO A 473 -6.04 -40.91 -36.81
CA PRO A 473 -6.33 -39.83 -37.76
C PRO A 473 -7.70 -40.01 -38.39
N TYR A 474 -8.27 -38.90 -38.89
CA TYR A 474 -9.52 -38.94 -39.65
C TYR A 474 -9.15 -39.55 -40.99
N ILE A 475 -7.94 -39.25 -41.46
CA ILE A 475 -7.38 -39.78 -42.69
C ILE A 475 -5.90 -40.09 -42.49
N ASP A 476 -5.48 -41.30 -42.88
CA ASP A 476 -4.10 -41.72 -42.76
C ASP A 476 -3.20 -40.90 -43.67
N LYS A 477 -3.75 -40.40 -44.79
CA LYS A 477 -3.02 -39.56 -45.73
C LYS A 477 -3.01 -38.12 -45.24
N ILE A 478 -1.81 -37.60 -45.00
CA ILE A 478 -1.62 -36.22 -44.55
C ILE A 478 -0.84 -35.49 -45.60
N THR A 479 -1.33 -34.31 -46.00
CA THR A 479 -0.70 -33.48 -47.00
C THR A 479 0.79 -33.22 -46.71
N HIS A 480 1.08 -32.40 -45.70
CA HIS A 480 2.44 -32.05 -45.34
C HIS A 480 2.58 -31.80 -43.84
N TYR A 481 3.80 -31.99 -43.32
CA TYR A 481 4.12 -31.76 -41.93
C TYR A 481 4.81 -30.44 -41.74
N ASN A 482 4.33 -29.65 -40.79
CA ASN A 482 4.89 -28.34 -40.51
C ASN A 482 5.38 -28.24 -39.06
N TYR A 483 6.58 -27.68 -38.86
CA TYR A 483 7.14 -27.52 -37.51
C TYR A 483 7.75 -26.17 -37.29
N LEU A 484 7.63 -25.67 -36.07
CA LEU A 484 8.17 -24.38 -35.68
C LEU A 484 9.05 -24.52 -34.45
N ILE A 485 10.34 -24.27 -34.62
CA ILE A 485 11.28 -24.35 -33.51
C ILE A 485 11.47 -22.95 -32.97
N LEU A 486 11.30 -22.80 -31.66
CA LEU A 486 11.45 -21.49 -31.02
C LEU A 486 12.40 -21.58 -29.84
N SER A 487 13.02 -20.44 -29.50
CA SER A 487 13.92 -20.36 -28.36
C SER A 487 14.09 -18.92 -27.93
N LYS A 488 14.50 -18.70 -26.68
CA LYS A 488 14.79 -17.38 -26.13
C LYS A 488 13.61 -16.42 -26.24
N GLY A 489 12.39 -16.96 -26.25
CA GLY A 489 11.16 -16.19 -26.35
C GLY A 489 10.90 -15.67 -27.75
N LYS A 490 11.59 -16.22 -28.76
CA LYS A 490 11.43 -15.83 -30.15
C LYS A 490 11.34 -17.05 -31.03
N ILE A 491 10.93 -16.84 -32.28
CA ILE A 491 10.87 -17.92 -33.27
C ILE A 491 12.14 -17.90 -34.15
N ILE A 492 12.99 -18.90 -33.99
CA ILE A 492 14.23 -18.92 -34.74
C ILE A 492 14.09 -19.44 -36.16
N HIS A 493 13.30 -20.52 -36.36
CA HIS A 493 13.16 -21.17 -37.68
C HIS A 493 11.77 -21.69 -37.96
N PHE A 494 11.43 -21.73 -39.24
CA PHE A 494 10.15 -22.24 -39.72
C PHE A 494 10.38 -23.40 -40.66
N GLY A 495 9.97 -24.59 -40.25
CA GLY A 495 10.21 -25.77 -41.07
C GLY A 495 8.99 -26.28 -41.82
N THR A 496 9.24 -27.16 -42.80
CA THR A 496 8.21 -27.83 -43.60
C THR A 496 8.69 -29.21 -43.99
N ARG A 497 7.80 -30.19 -43.93
CA ARG A 497 8.10 -31.59 -44.23
C ARG A 497 7.00 -32.27 -45.02
N GLU A 498 7.29 -33.46 -45.59
CA GLU A 498 6.33 -34.22 -46.36
C GLU A 498 6.00 -35.52 -45.66
N LYS A 499 4.77 -36.01 -45.81
CA LYS A 499 4.34 -37.24 -45.17
C LYS A 499 4.06 -38.34 -46.18
N PHE A 500 4.57 -39.55 -45.92
CA PHE A 500 4.35 -40.71 -46.77
C PHE A 500 3.83 -41.91 -46.01
N SER A 501 3.21 -42.85 -46.73
CA SER A 501 2.59 -44.03 -46.15
C SER A 501 3.59 -45.15 -45.83
N ASP A 502 4.90 -44.92 -46.08
CA ASP A 502 5.97 -45.91 -45.84
C ASP A 502 5.94 -46.56 -44.47
N ALA A 503 5.50 -45.81 -43.44
CA ALA A 503 5.39 -46.32 -42.07
C ALA A 503 4.25 -45.64 -41.31
N SER A 504 3.97 -46.12 -40.11
CA SER A 504 2.93 -45.56 -39.24
C SER A 504 3.44 -44.31 -38.51
N TYR A 505 4.76 -44.24 -38.27
CA TYR A 505 5.45 -43.15 -37.60
C TYR A 505 6.64 -42.65 -38.44
N GLN A 506 6.67 -41.36 -38.73
CA GLN A 506 7.75 -40.77 -39.53
C GLN A 506 8.76 -39.98 -38.69
N SER A 507 10.05 -40.10 -39.02
CA SER A 507 11.12 -39.40 -38.32
C SER A 507 11.57 -38.15 -39.07
N ILE A 508 11.56 -37.01 -38.40
CA ILE A 508 11.97 -35.73 -38.99
C ILE A 508 13.33 -35.29 -38.45
N ASN A 509 14.19 -34.80 -39.34
CA ASN A 509 15.51 -34.35 -38.96
C ASN A 509 15.60 -32.84 -38.83
N ILE A 510 16.03 -32.38 -37.65
CA ILE A 510 16.17 -30.96 -37.37
C ILE A 510 17.63 -30.58 -37.10
N PRO A 511 18.22 -29.74 -37.99
CA PRO A 511 19.59 -29.24 -37.81
C PRO A 511 19.60 -28.26 -36.65
N VAL A 512 20.60 -28.36 -35.77
CA VAL A 512 20.72 -27.47 -34.61
C VAL A 512 21.57 -26.24 -34.94
N THR A 513 21.20 -25.08 -34.40
CA THR A 513 21.92 -23.84 -34.69
C THR A 513 22.55 -23.24 -33.45
N GLN A 514 23.50 -22.32 -33.67
CA GLN A 514 24.22 -21.61 -32.61
C GLN A 514 23.30 -20.74 -31.78
N ASN A 515 22.20 -20.26 -32.38
CA ASN A 515 21.25 -19.37 -31.73
C ASN A 515 20.45 -20.02 -30.62
N MET A 516 20.38 -21.35 -30.65
CA MET A 516 19.59 -22.11 -29.72
C MET A 516 20.34 -22.57 -28.49
N VAL A 517 21.62 -22.23 -28.39
CA VAL A 517 22.54 -22.70 -27.34
C VAL A 517 22.02 -22.96 -25.92
N PRO A 518 21.33 -22.02 -25.27
CA PRO A 518 20.91 -22.31 -23.89
C PRO A 518 19.86 -23.41 -23.76
N SER A 519 18.83 -23.34 -24.62
CA SER A 519 17.67 -24.22 -24.61
C SER A 519 16.77 -23.88 -25.80
N SER A 520 15.69 -24.65 -25.99
CA SER A 520 14.75 -24.47 -27.09
C SER A 520 13.48 -25.29 -26.95
N ARG A 521 12.52 -25.03 -27.85
CA ARG A 521 11.25 -25.76 -27.91
C ARG A 521 10.94 -26.00 -29.34
N LEU A 522 10.27 -27.12 -29.63
CA LEU A 522 9.84 -27.41 -30.98
C LEU A 522 8.40 -27.88 -31.01
N LEU A 523 7.60 -27.31 -31.90
CA LEU A 523 6.20 -27.69 -32.06
C LEU A 523 5.96 -28.21 -33.47
N VAL A 524 5.19 -29.30 -33.59
CA VAL A 524 4.88 -29.89 -34.88
C VAL A 524 3.39 -29.95 -35.09
N TYR A 525 2.87 -29.21 -36.07
CA TYR A 525 1.45 -29.22 -36.37
C TYR A 525 1.16 -29.71 -37.79
N TYR A 526 0.13 -30.54 -37.95
CA TYR A 526 -0.31 -31.03 -39.24
C TYR A 526 -1.77 -30.66 -39.44
N ILE A 527 -2.11 -30.19 -40.64
CA ILE A 527 -3.47 -29.75 -40.94
C ILE A 527 -4.25 -30.77 -41.74
N VAL A 528 -5.55 -30.88 -41.45
CA VAL A 528 -6.46 -31.77 -42.15
C VAL A 528 -7.65 -30.96 -42.68
N THR A 529 -8.31 -31.45 -43.73
CA THR A 529 -9.47 -30.79 -44.30
C THR A 529 -10.73 -31.62 -44.08
N GLY A 530 -11.64 -31.10 -43.26
CA GLY A 530 -12.90 -31.77 -42.98
C GLY A 530 -13.97 -31.37 -44.00
N GLU A 531 -15.11 -32.05 -43.96
CA GLU A 531 -16.26 -31.78 -44.84
C GLU A 531 -16.90 -30.45 -44.46
N GLN A 532 -16.71 -30.01 -43.21
CA GLN A 532 -17.27 -28.76 -42.72
C GLN A 532 -16.17 -27.75 -42.41
N THR A 533 -15.47 -27.95 -41.28
CA THR A 533 -14.39 -27.05 -40.84
C THR A 533 -13.12 -27.82 -40.58
N ALA A 534 -11.97 -27.18 -40.82
CA ALA A 534 -10.67 -27.80 -40.63
C ALA A 534 -10.21 -27.75 -39.18
N GLU A 535 -9.50 -28.79 -38.74
CA GLU A 535 -8.97 -28.87 -37.38
C GLU A 535 -7.55 -29.40 -37.38
N LEU A 536 -6.59 -28.59 -36.89
CA LEU A 536 -5.18 -28.99 -36.84
C LEU A 536 -4.75 -29.42 -35.44
N VAL A 537 -3.85 -30.41 -35.38
CA VAL A 537 -3.35 -30.96 -34.12
C VAL A 537 -1.85 -30.76 -34.02
N SER A 538 -1.36 -30.45 -32.82
CA SER A 538 0.06 -30.25 -32.59
C SER A 538 0.53 -30.76 -31.23
N ASP A 539 1.84 -30.66 -30.99
CA ASP A 539 2.48 -31.00 -29.73
C ASP A 539 3.82 -30.28 -29.65
N SER A 540 4.35 -30.09 -28.44
CA SER A 540 5.62 -29.40 -28.22
C SER A 540 6.43 -30.00 -27.08
N VAL A 541 7.76 -30.05 -27.24
CA VAL A 541 8.65 -30.59 -26.23
C VAL A 541 9.88 -29.70 -26.03
N TRP A 542 10.25 -29.48 -24.77
CA TRP A 542 11.42 -28.71 -24.39
C TRP A 542 12.69 -29.35 -24.97
N LEU A 543 13.54 -28.52 -25.56
CA LEU A 543 14.82 -28.97 -26.13
C LEU A 543 15.98 -28.37 -25.35
N ASN A 544 16.73 -29.19 -24.62
CA ASN A 544 17.91 -28.74 -23.88
C ASN A 544 19.14 -28.94 -24.74
N ILE A 545 20.09 -28.02 -24.67
CA ILE A 545 21.29 -28.05 -25.50
C ILE A 545 22.51 -27.55 -24.74
N GLU A 546 23.69 -28.11 -25.05
CA GLU A 546 24.95 -27.73 -24.43
C GLU A 546 25.18 -26.25 -24.45
N GLU A 547 25.73 -25.74 -23.36
CA GLU A 547 26.03 -24.33 -23.27
C GLU A 547 27.32 -24.03 -24.02
N LYS A 548 27.23 -23.24 -25.08
CA LYS A 548 28.40 -22.87 -25.90
C LYS A 548 28.28 -21.45 -26.34
N CYS A 549 29.32 -20.65 -26.13
CA CYS A 549 29.25 -19.25 -26.53
C CYS A 549 29.31 -19.10 -28.02
N GLY A 550 28.72 -18.02 -28.54
CA GLY A 550 28.74 -17.70 -29.97
C GLY A 550 30.19 -17.48 -30.38
N ASN A 551 30.95 -16.78 -29.53
CA ASN A 551 32.38 -16.57 -29.71
C ASN A 551 33.08 -17.18 -28.50
N GLN A 552 33.77 -18.30 -28.71
CA GLN A 552 34.45 -19.01 -27.62
C GLN A 552 35.58 -18.18 -27.06
N LEU A 553 35.58 -18.00 -25.74
CA LEU A 553 36.64 -17.25 -25.07
C LEU A 553 37.42 -18.19 -24.19
N GLN A 554 38.75 -18.23 -24.38
CA GLN A 554 39.64 -19.06 -23.60
C GLN A 554 40.85 -18.25 -23.13
N VAL A 555 41.03 -18.18 -21.82
CA VAL A 555 42.16 -17.49 -21.22
C VAL A 555 43.14 -18.48 -20.62
N HIS A 556 44.42 -18.37 -20.96
CA HIS A 556 45.45 -19.26 -20.44
C HIS A 556 46.75 -18.52 -20.21
N LEU A 557 47.42 -18.79 -19.08
CA LEU A 557 48.71 -18.17 -18.76
C LEU A 557 49.82 -18.69 -19.70
N SER A 558 50.70 -17.79 -20.17
CA SER A 558 51.77 -18.16 -21.10
C SER A 558 52.80 -19.08 -20.44
N PRO A 559 53.32 -18.77 -19.21
CA PRO A 559 54.22 -19.75 -18.58
C PRO A 559 53.34 -20.87 -18.05
N ASP A 560 53.72 -22.13 -18.29
CA ASP A 560 52.92 -23.24 -17.80
C ASP A 560 53.64 -23.92 -16.67
N ALA A 561 53.10 -23.80 -15.46
CA ALA A 561 53.67 -24.41 -14.27
C ALA A 561 52.59 -24.69 -13.26
N ASP A 562 52.86 -25.66 -12.36
CA ASP A 562 51.93 -26.03 -11.31
C ASP A 562 51.74 -24.87 -10.32
N ALA A 563 52.83 -24.20 -9.97
CA ALA A 563 52.82 -23.07 -9.04
C ALA A 563 53.77 -21.98 -9.47
N TYR A 564 53.42 -20.73 -9.21
CA TYR A 564 54.26 -19.59 -9.58
C TYR A 564 54.88 -18.96 -8.37
N SER A 565 56.14 -18.55 -8.48
CA SER A 565 56.84 -17.87 -7.38
C SER A 565 56.25 -16.46 -7.20
N PRO A 566 56.14 -15.96 -5.95
CA PRO A 566 55.56 -14.65 -5.67
C PRO A 566 56.32 -13.54 -6.35
N GLY A 567 55.60 -12.65 -7.05
CA GLY A 567 56.22 -11.51 -7.72
C GLY A 567 56.75 -11.85 -9.10
N GLN A 568 56.57 -13.10 -9.54
CA GLN A 568 57.05 -13.52 -10.84
C GLN A 568 56.26 -12.83 -11.93
N THR A 569 56.96 -12.18 -12.89
CA THR A 569 56.29 -11.55 -14.02
C THR A 569 55.70 -12.66 -14.88
N VAL A 570 54.40 -12.61 -15.13
CA VAL A 570 53.69 -13.62 -15.89
C VAL A 570 52.81 -12.98 -16.98
N SER A 571 52.60 -13.69 -18.09
CA SER A 571 51.75 -13.19 -19.17
C SER A 571 50.42 -13.94 -19.24
N LEU A 572 49.34 -13.23 -19.60
CA LEU A 572 48.01 -13.81 -19.70
C LEU A 572 47.53 -13.65 -21.13
N ASN A 573 46.97 -14.72 -21.70
CA ASN A 573 46.56 -14.71 -23.10
C ASN A 573 45.06 -14.87 -23.32
N MET A 574 44.45 -13.91 -24.01
CA MET A 574 43.04 -14.00 -24.38
C MET A 574 42.89 -14.53 -25.82
N ALA A 575 41.89 -15.40 -26.05
CA ALA A 575 41.64 -15.96 -27.37
C ALA A 575 40.16 -16.03 -27.69
N THR A 576 39.75 -15.39 -28.79
CA THR A 576 38.35 -15.33 -29.21
C THR A 576 38.20 -15.63 -30.68
N GLY A 577 37.01 -16.08 -31.08
CA GLY A 577 36.69 -16.41 -32.46
C GLY A 577 36.53 -15.15 -33.28
N MET A 578 35.82 -14.16 -32.71
CA MET A 578 35.58 -12.87 -33.35
C MET A 578 36.00 -11.74 -32.44
N ASP A 579 36.17 -10.52 -33.00
CA ASP A 579 36.56 -9.34 -32.23
C ASP A 579 35.60 -9.17 -31.06
N SER A 580 36.14 -9.15 -29.84
CA SER A 580 35.32 -9.05 -28.66
C SER A 580 36.02 -8.30 -27.54
N TRP A 581 35.24 -7.63 -26.70
CA TRP A 581 35.75 -6.93 -25.54
C TRP A 581 35.75 -7.92 -24.39
N VAL A 582 36.84 -7.96 -23.66
CA VAL A 582 36.97 -8.84 -22.50
C VAL A 582 36.96 -8.03 -21.20
N ALA A 583 36.39 -8.61 -20.14
CA ALA A 583 36.40 -7.97 -18.84
C ALA A 583 36.96 -8.95 -17.85
N LEU A 584 38.17 -8.66 -17.34
CA LEU A 584 38.86 -9.58 -16.45
C LEU A 584 38.74 -9.21 -14.98
N ALA A 585 38.66 -10.22 -14.15
CA ALA A 585 38.67 -10.07 -12.70
C ALA A 585 39.49 -11.19 -12.08
N ALA A 586 40.52 -10.82 -11.30
CA ALA A 586 41.35 -11.79 -10.62
C ALA A 586 41.12 -11.68 -9.14
N VAL A 587 40.42 -12.66 -8.57
CA VAL A 587 40.05 -12.61 -7.16
C VAL A 587 40.75 -13.70 -6.42
N ASP A 588 41.07 -13.45 -5.16
CA ASP A 588 41.69 -14.45 -4.30
C ASP A 588 40.72 -15.59 -4.07
N SER A 589 41.23 -16.80 -3.82
CA SER A 589 40.41 -17.96 -3.54
C SER A 589 39.96 -17.92 -2.08
N ALA A 590 40.59 -17.07 -1.26
CA ALA A 590 40.31 -16.97 0.15
C ALA A 590 39.18 -16.03 0.47
N VAL A 591 38.69 -15.25 -0.51
CA VAL A 591 37.55 -14.34 -0.29
C VAL A 591 36.31 -15.13 0.07
N TYR A 592 36.11 -16.29 -0.60
CA TYR A 592 35.04 -17.22 -0.28
C TYR A 592 35.65 -18.52 0.11
N GLY A 593 35.83 -18.78 1.41
CA GLY A 593 35.63 -17.83 2.48
C GLY A 593 34.23 -17.68 3.03
N VAL A 594 34.06 -16.56 3.72
CA VAL A 594 32.86 -16.17 4.42
C VAL A 594 31.71 -15.78 3.50
N GLN A 595 30.59 -16.50 3.59
CA GLN A 595 30.38 -17.68 4.43
C GLN A 595 29.41 -18.61 3.73
N ARG A 596 29.18 -19.80 4.30
CA ARG A 596 28.25 -20.81 3.77
C ARG A 596 28.50 -21.09 2.28
N GLY A 597 29.80 -21.13 1.91
CA GLY A 597 30.27 -21.37 0.56
C GLY A 597 30.23 -20.11 -0.27
N ALA A 598 29.44 -19.10 0.14
CA ALA A 598 29.27 -17.81 -0.55
C ALA A 598 29.01 -17.97 -2.05
N LYS A 599 28.28 -19.06 -2.41
CA LYS A 599 27.96 -19.47 -3.78
C LYS A 599 29.16 -19.35 -4.73
N LYS A 600 28.97 -18.74 -5.89
CA LYS A 600 30.02 -18.54 -6.87
C LYS A 600 29.89 -17.14 -7.46
N PRO A 601 30.98 -16.59 -8.06
CA PRO A 601 30.97 -15.27 -8.67
C PRO A 601 29.79 -15.10 -9.64
N LEU A 602 29.59 -16.06 -10.54
CA LEU A 602 28.44 -16.06 -11.44
C LEU A 602 27.85 -17.47 -11.45
N GLU A 603 28.53 -18.37 -12.17
CA GLU A 603 28.17 -19.78 -12.28
C GLU A 603 26.84 -20.04 -13.01
N ARG A 604 25.95 -19.05 -13.06
CA ARG A 604 24.67 -19.18 -13.74
C ARG A 604 24.43 -17.97 -14.60
N VAL A 605 24.49 -18.16 -15.92
CA VAL A 605 24.28 -17.11 -16.90
C VAL A 605 23.25 -17.52 -17.90
N PHE A 606 23.52 -18.59 -18.66
CA PHE A 606 22.60 -19.12 -19.65
C PHE A 606 21.29 -19.50 -18.99
N GLN A 607 21.38 -20.03 -17.77
CA GLN A 607 20.23 -20.42 -16.97
C GLN A 607 19.42 -19.18 -16.63
N PHE A 608 20.09 -18.05 -16.40
CA PHE A 608 19.42 -16.78 -16.13
C PHE A 608 18.97 -16.18 -17.46
N LEU A 609 19.68 -16.51 -18.53
CA LEU A 609 19.35 -16.05 -19.87
C LEU A 609 18.20 -16.87 -20.41
N GLU A 610 17.96 -18.05 -19.79
CA GLU A 610 16.92 -19.00 -20.15
C GLU A 610 15.54 -18.50 -19.70
N LYS A 611 15.50 -17.51 -18.80
CA LYS A 611 14.28 -16.95 -18.27
C LYS A 611 13.49 -16.19 -19.32
N SER A 612 14.12 -15.91 -20.47
CA SER A 612 13.52 -15.17 -21.56
C SER A 612 12.30 -15.90 -22.16
N ASP A 613 12.21 -17.22 -21.92
CA ASP A 613 11.13 -18.05 -22.46
C ASP A 613 9.78 -17.58 -21.95
N LEU A 614 8.87 -17.34 -22.89
CA LEU A 614 7.54 -16.87 -22.51
C LEU A 614 6.67 -17.98 -21.96
N GLY A 615 6.66 -19.13 -22.64
CA GLY A 615 5.86 -20.27 -22.22
C GLY A 615 6.43 -20.96 -21.00
N CYS A 616 5.61 -21.80 -20.38
CA CYS A 616 6.04 -22.56 -19.21
C CYS A 616 5.82 -24.06 -19.39
N GLY A 617 6.51 -24.89 -18.60
CA GLY A 617 6.39 -26.34 -18.71
C GLY A 617 7.11 -26.85 -19.96
N ALA A 618 7.12 -28.19 -20.15
CA ALA A 618 7.78 -28.81 -21.30
C ALA A 618 6.96 -28.63 -22.57
N GLY A 619 5.65 -28.84 -22.49
CA GLY A 619 4.77 -28.63 -23.63
C GLY A 619 3.53 -29.48 -23.56
N GLY A 620 2.69 -29.40 -24.60
CA GLY A 620 1.45 -30.15 -24.67
C GLY A 620 0.32 -29.39 -24.01
N GLY A 621 -0.91 -29.61 -24.47
CA GLY A 621 -2.05 -28.91 -23.93
C GLY A 621 -3.37 -29.27 -24.56
N LEU A 622 -4.45 -28.70 -24.05
CA LEU A 622 -5.79 -28.93 -24.55
C LEU A 622 -5.95 -28.36 -25.95
N ASN A 623 -6.45 -29.20 -26.84
CA ASN A 623 -6.66 -28.88 -28.26
C ASN A 623 -5.39 -28.33 -28.90
N ASN A 624 -5.51 -27.36 -29.79
CA ASN A 624 -4.37 -26.73 -30.42
C ASN A 624 -3.86 -25.58 -29.58
N ALA A 625 -4.77 -24.78 -29.02
CA ALA A 625 -4.45 -23.56 -28.29
C ALA A 625 -3.48 -23.73 -27.13
N ASN A 626 -3.91 -24.43 -26.07
CA ASN A 626 -3.13 -24.60 -24.83
C ASN A 626 -1.69 -25.05 -25.01
N VAL A 627 -1.41 -25.85 -26.05
CA VAL A 627 -0.05 -26.31 -26.33
C VAL A 627 0.78 -25.15 -26.88
N PHE A 628 0.15 -24.27 -27.67
CA PHE A 628 0.81 -23.10 -28.23
C PHE A 628 1.12 -22.08 -27.18
N HIS A 629 0.13 -21.74 -26.34
CA HIS A 629 0.28 -20.75 -25.27
C HIS A 629 1.27 -21.23 -24.22
N LEU A 630 1.34 -22.56 -24.01
CA LEU A 630 2.27 -23.15 -23.07
C LEU A 630 3.68 -23.17 -23.68
N ALA A 631 3.74 -23.10 -25.02
CA ALA A 631 5.02 -23.02 -25.72
C ALA A 631 5.42 -21.54 -25.86
N GLY A 632 4.51 -20.62 -25.53
CA GLY A 632 4.80 -19.19 -25.58
C GLY A 632 4.37 -18.51 -26.87
N LEU A 633 3.42 -19.11 -27.61
CA LEU A 633 2.95 -18.54 -28.87
C LEU A 633 1.44 -18.50 -28.97
N THR A 634 0.92 -17.67 -29.88
CA THR A 634 -0.49 -17.62 -30.19
C THR A 634 -0.66 -17.56 -31.70
N PHE A 635 -1.31 -18.58 -32.25
CA PHE A 635 -1.51 -18.69 -33.68
C PHE A 635 -2.67 -17.87 -34.22
N LEU A 636 -2.61 -17.56 -35.50
CA LEU A 636 -3.70 -16.90 -36.24
C LEU A 636 -4.01 -17.73 -37.48
N THR A 637 -5.17 -18.39 -37.51
CA THR A 637 -5.54 -19.26 -38.62
C THR A 637 -7.03 -19.31 -38.87
N ASN A 638 -7.42 -19.86 -40.03
CA ASN A 638 -8.81 -20.04 -40.39
C ASN A 638 -9.39 -21.22 -39.65
N ALA A 639 -8.66 -22.35 -39.66
CA ALA A 639 -9.11 -23.61 -39.08
C ALA A 639 -9.51 -23.55 -37.61
N ASN A 640 -8.54 -23.44 -36.74
CA ASN A 640 -8.77 -23.52 -35.31
C ASN A 640 -8.83 -22.19 -34.59
N ALA A 641 -9.74 -22.10 -33.62
CA ALA A 641 -9.90 -20.91 -32.80
C ALA A 641 -8.94 -20.94 -31.62
N ASP A 642 -8.35 -19.79 -31.28
CA ASP A 642 -7.39 -19.70 -30.19
C ASP A 642 -7.90 -18.91 -28.99
N ASP A 643 -8.17 -19.60 -27.88
CA ASP A 643 -8.58 -18.95 -26.63
C ASP A 643 -7.32 -18.61 -25.84
N SER A 644 -7.23 -17.36 -25.40
CA SER A 644 -6.05 -16.84 -24.73
C SER A 644 -6.01 -17.07 -23.24
N GLN A 645 -7.13 -17.48 -22.62
CA GLN A 645 -7.24 -17.66 -21.16
C GLN A 645 -6.85 -16.34 -20.47
N GLU A 646 -7.24 -15.22 -21.11
CA GLU A 646 -6.92 -13.86 -20.69
C GLU A 646 -5.40 -13.64 -20.59
N ASN A 647 -4.95 -12.84 -19.64
CA ASN A 647 -3.54 -12.55 -19.46
C ASN A 647 -2.83 -13.51 -18.52
N ASP A 648 -3.51 -13.90 -17.43
CA ASP A 648 -2.98 -14.69 -16.33
C ASP A 648 -2.06 -15.85 -16.64
N GLU A 649 -0.83 -15.77 -16.10
CA GLU A 649 0.17 -16.81 -16.18
C GLU A 649 0.49 -17.33 -14.77
N PRO A 650 -0.03 -18.54 -14.42
CA PRO A 650 0.19 -19.15 -13.10
C PRO A 650 1.64 -19.61 -12.89
N CYS A 651 2.36 -19.92 -13.99
CA CYS A 651 3.73 -20.45 -13.94
C CYS A 651 4.74 -19.50 -13.33
N LYS A 652 5.48 -20.04 -12.33
CA LYS A 652 6.52 -19.32 -11.60
C LYS A 652 7.81 -20.12 -11.74
N GLU A 653 7.92 -21.22 -10.97
CA GLU A 653 9.04 -22.14 -11.03
C GLU A 653 8.69 -23.28 -11.99
N ILE A 654 7.42 -23.31 -12.45
CA ILE A 654 6.89 -24.32 -13.35
C ILE A 654 7.51 -24.20 -14.74
N ARG A 670 53.90 -0.06 -0.78
CA ARG A 670 52.74 -0.64 -0.08
C ARG A 670 52.70 -2.16 -0.22
N SER A 671 51.47 -2.75 -0.30
CA SER A 671 51.25 -4.18 -0.50
C SER A 671 51.94 -5.00 0.66
N TYR A 672 52.31 -6.29 0.54
CA TYR A 672 51.98 -7.27 -0.48
C TYR A 672 51.25 -8.47 0.15
N PHE A 673 49.98 -8.71 -0.21
CA PHE A 673 49.20 -7.99 -1.21
C PHE A 673 47.76 -8.47 -1.03
N PRO A 674 46.79 -7.55 -1.11
CA PRO A 674 45.40 -7.92 -0.90
C PRO A 674 44.61 -8.22 -2.17
N GLU A 675 43.33 -8.50 -1.97
CA GLU A 675 42.33 -8.72 -3.02
C GLU A 675 41.53 -7.41 -3.17
N SER A 676 41.09 -7.08 -4.39
CA SER A 676 41.34 -7.89 -5.57
C SER A 676 42.05 -7.04 -6.61
N TRP A 677 42.63 -7.71 -7.59
CA TRP A 677 43.39 -7.06 -8.64
C TRP A 677 42.89 -7.43 -10.02
N LEU A 678 43.60 -6.92 -11.04
CA LEU A 678 43.30 -7.17 -12.44
C LEU A 678 41.85 -6.84 -12.79
N TRP A 679 41.43 -5.62 -12.50
CA TRP A 679 40.11 -5.18 -12.87
C TRP A 679 40.27 -4.29 -14.07
N GLU A 680 40.04 -4.87 -15.25
CA GLU A 680 40.27 -4.17 -16.52
C GLU A 680 39.32 -4.57 -17.61
N VAL A 681 39.23 -3.73 -18.65
CA VAL A 681 38.45 -4.03 -19.85
C VAL A 681 39.31 -3.81 -21.07
N HIS A 682 39.54 -4.87 -21.84
CA HIS A 682 40.38 -4.77 -23.02
C HIS A 682 39.69 -5.27 -24.26
N LEU A 683 40.04 -4.66 -25.40
CA LEU A 683 39.53 -5.10 -26.68
C LEU A 683 40.42 -6.25 -27.12
N VAL A 684 39.81 -7.37 -27.56
CA VAL A 684 40.56 -8.55 -27.97
C VAL A 684 40.30 -8.91 -29.44
N PRO A 685 41.01 -8.27 -30.39
CA PRO A 685 40.87 -8.66 -31.79
C PRO A 685 41.52 -10.01 -31.90
N ARG A 686 40.79 -11.04 -32.35
CA ARG A 686 41.28 -12.41 -32.48
C ARG A 686 41.98 -12.84 -31.17
N ARG A 687 43.31 -13.01 -31.19
CA ARG A 687 44.07 -13.36 -30.00
C ARG A 687 44.80 -12.10 -29.51
N LYS A 688 44.81 -11.88 -28.19
CA LYS A 688 45.49 -10.74 -27.57
C LYS A 688 46.15 -11.16 -26.26
N GLN A 689 47.32 -10.59 -25.97
CA GLN A 689 48.08 -10.93 -24.78
C GLN A 689 48.56 -9.70 -24.03
N LEU A 690 48.51 -9.77 -22.69
CA LEU A 690 48.99 -8.69 -21.83
C LEU A 690 49.95 -9.25 -20.79
N GLN A 691 50.95 -8.46 -20.40
CA GLN A 691 51.99 -8.87 -19.45
C GLN A 691 51.95 -8.06 -18.18
N PHE A 692 52.03 -8.74 -17.03
CA PHE A 692 52.01 -8.11 -15.71
C PHE A 692 52.83 -8.90 -14.71
N ALA A 693 52.78 -8.49 -13.44
CA ALA A 693 53.51 -9.19 -12.38
C ALA A 693 52.57 -9.63 -11.31
N LEU A 694 52.62 -10.89 -10.95
CA LEU A 694 51.78 -11.45 -9.90
C LEU A 694 52.01 -10.78 -8.54
N PRO A 695 50.93 -10.55 -7.78
CA PRO A 695 51.03 -10.02 -6.43
C PRO A 695 51.62 -11.11 -5.55
N ASP A 696 52.15 -10.74 -4.39
CA ASP A 696 52.81 -11.69 -3.51
C ASP A 696 51.91 -12.19 -2.40
N SER A 697 51.44 -13.44 -2.53
CA SER A 697 50.57 -14.04 -1.53
C SER A 697 50.64 -15.55 -1.61
N LEU A 698 50.33 -16.22 -0.51
CA LEU A 698 50.36 -17.68 -0.48
C LEU A 698 49.12 -18.31 -1.12
N THR A 699 48.00 -17.61 -1.11
CA THR A 699 46.74 -18.13 -1.64
C THR A 699 46.77 -18.35 -3.14
N THR A 700 45.86 -19.18 -3.64
CA THR A 700 45.69 -19.41 -5.07
C THR A 700 44.85 -18.29 -5.67
N TRP A 701 45.32 -17.69 -6.76
CA TRP A 701 44.60 -16.63 -7.42
C TRP A 701 43.65 -17.22 -8.45
N GLU A 702 42.39 -16.81 -8.40
CA GLU A 702 41.40 -17.24 -9.39
C GLU A 702 41.10 -16.07 -10.33
N ILE A 703 41.57 -16.16 -11.57
CA ILE A 703 41.29 -15.12 -12.56
C ILE A 703 40.11 -15.56 -13.40
N GLN A 704 39.27 -14.62 -13.76
CA GLN A 704 38.06 -14.91 -14.53
C GLN A 704 37.73 -13.78 -15.45
N GLY A 705 37.19 -14.12 -16.62
CA GLY A 705 36.84 -13.15 -17.62
C GLY A 705 35.54 -13.46 -18.32
N VAL A 706 34.88 -12.41 -18.79
CA VAL A 706 33.64 -12.48 -19.55
C VAL A 706 33.88 -11.66 -20.81
N GLY A 707 33.14 -11.96 -21.88
CA GLY A 707 33.28 -11.23 -23.13
C GLY A 707 31.95 -10.88 -23.75
N ILE A 708 31.89 -9.73 -24.46
CA ILE A 708 30.67 -9.25 -25.09
C ILE A 708 30.89 -8.95 -26.56
N SER A 709 30.08 -9.53 -27.42
CA SER A 709 30.12 -9.32 -28.85
C SER A 709 28.73 -9.48 -29.44
N ASN A 710 28.55 -9.07 -30.70
CA ASN A 710 27.26 -9.19 -31.39
C ASN A 710 26.68 -10.61 -31.35
N THR A 711 27.57 -11.62 -31.24
CA THR A 711 27.18 -13.02 -31.09
C THR A 711 26.46 -13.20 -29.75
N GLY A 712 26.99 -12.59 -28.67
CA GLY A 712 26.41 -12.64 -27.34
C GLY A 712 27.44 -12.63 -26.24
N ILE A 713 27.01 -12.95 -25.01
CA ILE A 713 27.86 -13.01 -23.83
C ILE A 713 28.51 -14.37 -23.68
N CYS A 714 29.79 -14.36 -23.33
CA CYS A 714 30.56 -15.55 -23.10
C CYS A 714 31.44 -15.46 -21.86
N VAL A 715 31.26 -16.37 -20.92
CA VAL A 715 32.07 -16.40 -19.72
C VAL A 715 33.12 -17.49 -19.84
N ALA A 716 34.39 -17.13 -19.75
CA ALA A 716 35.46 -18.10 -19.84
C ALA A 716 35.59 -18.86 -18.54
N ASP A 717 36.15 -20.08 -18.63
CA ASP A 717 36.37 -20.93 -17.46
C ASP A 717 37.40 -20.26 -16.54
N THR A 718 37.12 -20.30 -15.23
CA THR A 718 38.00 -19.69 -14.24
C THR A 718 39.41 -20.32 -14.29
N VAL A 719 40.42 -19.46 -14.38
CA VAL A 719 41.82 -19.88 -14.40
C VAL A 719 42.42 -19.73 -13.03
N LYS A 720 42.86 -20.85 -12.44
CA LYS A 720 43.44 -20.82 -11.12
C LYS A 720 44.95 -20.69 -11.22
N ALA A 721 45.50 -19.58 -10.73
CA ALA A 721 46.94 -19.36 -10.73
C ALA A 721 47.45 -19.58 -9.33
N LYS A 722 48.19 -20.66 -9.12
CA LYS A 722 48.68 -21.02 -7.79
C LYS A 722 50.01 -20.34 -7.48
N VAL A 723 50.07 -19.59 -6.39
CA VAL A 723 51.29 -18.91 -5.98
C VAL A 723 51.86 -19.53 -4.70
N PHE A 724 52.99 -20.22 -4.80
CA PHE A 724 53.58 -20.94 -3.67
C PHE A 724 55.04 -20.59 -3.42
N LYS A 725 55.52 -20.85 -2.19
CA LYS A 725 56.89 -20.60 -1.79
C LYS A 725 57.33 -21.73 -0.87
N ASP A 726 58.60 -22.16 -1.02
CA ASP A 726 59.16 -23.25 -0.21
C ASP A 726 59.28 -22.89 1.26
N VAL A 727 59.92 -21.77 1.57
CA VAL A 727 60.06 -21.30 2.95
C VAL A 727 59.43 -19.90 3.07
N PHE A 728 58.35 -19.81 3.85
CA PHE A 728 57.63 -18.55 4.03
C PHE A 728 57.04 -18.36 5.41
N LEU A 729 56.66 -17.14 5.73
CA LEU A 729 56.06 -16.82 7.03
C LEU A 729 54.75 -16.06 6.86
N GLU A 730 53.75 -16.41 7.66
CA GLU A 730 52.48 -15.71 7.65
C GLU A 730 51.91 -15.58 9.07
N MET A 731 51.21 -14.46 9.35
CA MET A 731 50.65 -14.23 10.69
C MET A 731 49.15 -13.96 10.69
N ASN A 732 48.50 -14.09 11.87
CA ASN A 732 47.06 -13.93 12.03
C ASN A 732 46.52 -12.59 11.67
N ILE A 733 47.26 -11.52 12.02
CA ILE A 733 46.86 -10.12 11.83
C ILE A 733 45.35 -9.85 12.16
N PRO A 734 45.02 -9.88 13.47
CA PRO A 734 43.66 -9.66 13.96
C PRO A 734 43.06 -8.38 13.45
N TYR A 735 41.74 -8.31 13.35
CA TYR A 735 41.10 -7.10 12.85
C TYR A 735 40.70 -6.18 13.99
N SER A 736 41.06 -4.91 13.84
CA SER A 736 40.68 -3.83 14.76
C SER A 736 41.40 -3.71 16.10
N VAL A 737 42.04 -4.79 16.56
CA VAL A 737 42.97 -4.84 17.70
C VAL A 737 42.81 -3.70 18.72
N VAL A 738 41.77 -3.75 19.57
CA VAL A 738 41.44 -2.71 20.56
C VAL A 738 42.63 -2.16 21.33
N ARG A 739 42.70 -0.84 21.42
CA ARG A 739 43.79 -0.13 22.06
C ARG A 739 43.79 -0.22 23.59
N GLY A 740 45.00 -0.27 24.18
CA GLY A 740 45.17 -0.30 25.62
C GLY A 740 45.46 -1.70 26.16
N GLU A 741 45.12 -2.73 25.38
CA GLU A 741 45.35 -4.09 25.82
C GLU A 741 46.39 -4.79 24.99
N GLN A 742 47.19 -5.65 25.63
CA GLN A 742 48.24 -6.41 24.94
C GLN A 742 47.60 -7.55 24.14
N ILE A 743 48.28 -7.97 23.08
CA ILE A 743 47.79 -9.03 22.21
C ILE A 743 48.80 -10.15 22.07
N GLN A 744 48.34 -11.35 21.72
CA GLN A 744 49.24 -12.50 21.56
C GLN A 744 49.98 -12.45 20.23
N LEU A 745 49.29 -12.03 19.15
CA LEU A 745 49.84 -11.90 17.81
C LEU A 745 50.65 -13.15 17.37
N LYS A 746 49.93 -14.26 17.12
CA LYS A 746 50.58 -15.52 16.75
C LYS A 746 50.76 -15.68 15.25
N GLY A 747 51.87 -16.30 14.85
CA GLY A 747 52.19 -16.57 13.46
C GLY A 747 52.95 -17.87 13.33
N THR A 748 53.01 -18.42 12.11
CA THR A 748 53.69 -19.70 11.87
C THR A 748 54.60 -19.71 10.63
N VAL A 749 55.81 -20.22 10.77
CA VAL A 749 56.76 -20.33 9.67
C VAL A 749 56.68 -21.71 9.02
N TYR A 750 56.57 -21.75 7.70
CA TYR A 750 56.41 -23.00 6.97
C TYR A 750 57.65 -23.41 6.20
N ASN A 751 58.03 -24.68 6.33
CA ASN A 751 59.15 -25.22 5.60
C ASN A 751 58.71 -26.42 4.78
N TYR A 752 58.71 -26.25 3.46
CA TYR A 752 58.36 -27.32 2.53
C TYR A 752 59.61 -27.97 1.94
N ARG A 753 60.78 -27.45 2.31
CA ARG A 753 62.05 -27.97 1.89
C ARG A 753 62.25 -29.28 2.64
N THR A 754 62.62 -30.35 1.91
CA THR A 754 62.75 -31.68 2.49
C THR A 754 63.74 -31.76 3.64
N SER A 755 64.86 -31.04 3.51
CA SER A 755 65.89 -31.01 4.55
C SER A 755 65.52 -30.04 5.66
N GLY A 756 66.01 -30.32 6.88
CA GLY A 756 65.75 -29.49 8.05
C GLY A 756 66.46 -28.13 7.97
N MET A 757 66.04 -27.18 8.81
CA MET A 757 66.62 -25.84 8.83
C MET A 757 66.45 -25.13 10.17
N GLN A 758 67.23 -24.05 10.38
CA GLN A 758 67.11 -23.20 11.55
C GLN A 758 66.63 -21.85 11.07
N PHE A 759 65.67 -21.27 11.80
CA PHE A 759 65.04 -20.02 11.43
C PHE A 759 65.17 -18.95 12.49
N CYS A 760 65.14 -17.69 12.07
CA CYS A 760 65.17 -16.54 12.96
C CYS A 760 64.16 -15.53 12.48
N VAL A 761 63.29 -15.09 13.39
CA VAL A 761 62.26 -14.11 13.06
C VAL A 761 62.28 -12.92 14.02
N LYS A 762 62.46 -11.73 13.45
CA LYS A 762 62.47 -10.49 14.21
C LYS A 762 61.32 -9.58 13.81
N MET A 763 60.92 -8.72 14.74
CA MET A 763 59.82 -7.82 14.52
C MET A 763 60.24 -6.36 14.64
N SER A 764 59.83 -5.54 13.67
CA SER A 764 60.11 -4.12 13.68
C SER A 764 58.79 -3.35 13.68
N ALA A 765 58.60 -2.45 14.64
CA ALA A 765 57.35 -1.70 14.77
C ALA A 765 57.54 -0.21 14.72
N VAL A 766 56.67 0.48 13.95
CA VAL A 766 56.69 1.93 13.87
C VAL A 766 56.19 2.50 15.21
N GLU A 767 56.47 3.77 15.48
CA GLU A 767 56.06 4.42 16.71
C GLU A 767 54.54 4.76 16.73
N GLY A 768 53.82 4.15 17.67
CA GLY A 768 54.45 3.26 18.65
C GLY A 768 53.57 2.17 19.14
N ILE A 769 54.18 1.01 19.44
CA ILE A 769 53.53 -0.15 20.02
C ILE A 769 54.47 -0.67 21.08
N CYS A 770 54.03 -0.66 22.34
CA CYS A 770 54.86 -1.11 23.46
C CYS A 770 55.36 -2.55 23.28
N THR A 771 56.67 -2.74 23.40
CA THR A 771 57.31 -4.04 23.26
C THR A 771 57.86 -4.49 24.60
N SER A 772 57.77 -5.80 24.88
CA SER A 772 58.24 -6.38 26.13
C SER A 772 59.69 -6.90 26.06
N GLU A 773 60.36 -6.72 24.92
CA GLU A 773 61.72 -7.22 24.75
C GLU A 773 62.80 -6.17 24.79
N SER A 774 62.97 -5.41 23.68
CA SER A 774 63.98 -4.37 23.53
C SER A 774 65.41 -4.95 23.55
N PRO A 775 66.46 -4.20 23.13
CA PRO A 775 66.52 -2.84 22.59
C PRO A 775 66.53 -2.84 21.05
N VAL A 776 66.74 -1.66 20.47
CA VAL A 776 66.79 -1.45 19.02
C VAL A 776 68.24 -1.31 18.52
N ILE A 777 68.73 -2.31 17.80
CA ILE A 777 70.09 -2.34 17.27
C ILE A 777 70.16 -3.06 15.94
N ASP A 778 71.04 -2.64 15.01
CA ASP A 778 71.94 -1.49 15.16
C ASP A 778 71.22 -0.16 14.89
N HIS A 779 70.46 -0.10 13.80
CA HIS A 779 69.72 1.10 13.42
C HIS A 779 68.61 1.39 14.41
N GLN A 780 68.26 2.68 14.57
CA GLN A 780 67.22 3.13 15.47
C GLN A 780 65.85 2.57 15.06
N GLY A 781 65.61 2.46 13.75
CA GLY A 781 64.36 1.94 13.21
C GLY A 781 64.27 0.42 13.35
N THR A 782 65.41 -0.27 13.15
CA THR A 782 65.48 -1.73 13.23
C THR A 782 65.39 -2.18 14.68
N LYS A 783 64.44 -3.09 14.97
CA LYS A 783 64.24 -3.60 16.30
C LYS A 783 64.71 -5.05 16.43
N SER A 784 65.80 -5.25 17.17
CA SER A 784 66.36 -6.58 17.37
C SER A 784 65.48 -7.40 18.32
N SER A 785 65.08 -8.60 17.89
CA SER A 785 64.29 -9.51 18.70
C SER A 785 65.21 -10.44 19.50
N LYS A 786 66.53 -10.40 19.19
CA LYS A 786 67.56 -11.25 19.80
C LYS A 786 67.17 -12.72 19.59
N CYS A 787 66.61 -13.01 18.40
CA CYS A 787 66.10 -14.31 17.96
C CYS A 787 67.10 -15.46 18.12
N VAL A 788 66.64 -16.52 18.79
CA VAL A 788 67.44 -17.74 18.92
C VAL A 788 66.90 -18.68 17.86
N ARG A 789 67.78 -19.19 17.01
CA ARG A 789 67.39 -20.07 15.93
C ARG A 789 66.85 -21.40 16.45
N GLN A 790 65.64 -21.76 16.03
CA GLN A 790 65.02 -23.01 16.43
C GLN A 790 64.95 -23.95 15.23
N LYS A 791 65.11 -25.23 15.48
CA LYS A 791 65.06 -26.22 14.41
C LYS A 791 63.65 -26.45 13.87
N VAL A 792 63.52 -26.47 12.54
CA VAL A 792 62.27 -26.77 11.85
C VAL A 792 62.47 -28.04 11.02
N GLU A 793 61.70 -29.07 11.35
CA GLU A 793 61.78 -30.36 10.67
C GLU A 793 61.32 -30.26 9.23
N GLY A 794 61.80 -31.18 8.37
CA GLY A 794 61.39 -31.22 6.97
C GLY A 794 59.91 -31.49 6.86
N SER A 795 59.22 -30.73 5.99
CA SER A 795 57.76 -30.80 5.81
C SER A 795 57.03 -30.58 7.15
N SER A 796 57.50 -29.59 7.91
CA SER A 796 56.92 -29.24 9.20
C SER A 796 56.86 -27.72 9.36
N SER A 797 56.35 -27.27 10.51
CA SER A 797 56.23 -25.84 10.79
C SER A 797 56.54 -25.54 12.26
N HIS A 798 56.73 -24.25 12.57
CA HIS A 798 57.04 -23.81 13.93
C HIS A 798 56.20 -22.60 14.31
N LEU A 799 56.00 -22.40 15.61
CA LEU A 799 55.19 -21.30 16.14
C LEU A 799 56.00 -20.08 16.54
N VAL A 800 55.46 -18.90 16.22
CA VAL A 800 56.05 -17.61 16.54
C VAL A 800 55.04 -16.73 17.23
N THR A 801 55.40 -16.18 18.40
CA THR A 801 54.51 -15.31 19.18
C THR A 801 55.16 -13.99 19.54
N PHE A 802 54.37 -12.91 19.47
CA PHE A 802 54.83 -11.57 19.82
C PHE A 802 53.82 -10.86 20.69
N THR A 803 54.21 -10.52 21.92
CA THR A 803 53.31 -9.77 22.82
C THR A 803 53.57 -8.27 22.65
N VAL A 804 52.55 -7.53 22.16
CA VAL A 804 52.66 -6.09 21.91
C VAL A 804 51.41 -5.33 22.27
N LEU A 805 51.59 -4.15 22.91
CA LEU A 805 50.46 -3.30 23.31
C LEU A 805 50.47 -1.95 22.57
N PRO A 806 49.52 -1.74 21.62
CA PRO A 806 49.44 -0.50 20.85
C PRO A 806 49.04 0.67 21.69
N LEU A 807 49.74 1.80 21.56
CA LEU A 807 49.42 2.98 22.35
C LEU A 807 48.68 4.08 21.61
N GLU A 808 48.54 3.96 20.30
CA GLU A 808 47.89 4.99 19.50
C GLU A 808 47.02 4.44 18.40
N ILE A 809 46.07 5.26 17.93
CA ILE A 809 45.09 4.89 16.90
C ILE A 809 45.75 4.45 15.60
N GLY A 810 45.30 3.32 15.06
CA GLY A 810 45.84 2.78 13.84
C GLY A 810 45.39 3.53 12.59
N LEU A 811 45.69 3.01 11.40
CA LEU A 811 46.44 1.76 11.26
C LEU A 811 47.95 2.01 11.21
N HIS A 812 48.70 1.15 11.89
CA HIS A 812 50.14 1.26 11.95
C HIS A 812 50.81 0.09 11.27
N ASN A 813 51.90 0.36 10.56
CA ASN A 813 52.64 -0.67 9.86
C ASN A 813 53.61 -1.38 10.81
N ILE A 814 53.59 -2.71 10.79
CA ILE A 814 54.48 -3.54 11.61
C ILE A 814 55.19 -4.61 10.78
N ASN A 815 56.53 -4.58 10.72
CA ASN A 815 57.29 -5.53 9.92
C ASN A 815 57.73 -6.75 10.68
N PHE A 816 57.69 -7.91 10.02
CA PHE A 816 58.20 -9.16 10.58
C PHE A 816 59.25 -9.71 9.63
N SER A 817 60.53 -9.67 10.06
CA SER A 817 61.66 -10.12 9.24
C SER A 817 62.03 -11.54 9.56
N LEU A 818 62.25 -12.34 8.53
CA LEU A 818 62.59 -13.74 8.71
C LEU A 818 63.98 -14.06 8.16
N GLU A 819 64.92 -14.36 9.06
CA GLU A 819 66.27 -14.74 8.69
C GLU A 819 66.38 -16.25 8.80
N THR A 820 66.68 -16.92 7.68
CA THR A 820 66.72 -18.37 7.67
C THR A 820 67.79 -18.93 6.72
N TRP A 821 68.04 -20.26 6.84
CA TRP A 821 68.82 -21.01 5.88
C TRP A 821 67.89 -21.12 4.69
N PHE A 822 68.42 -21.42 3.49
CA PHE A 822 67.62 -21.49 2.27
C PHE A 822 66.99 -20.11 1.96
N GLY A 823 67.77 -19.04 2.16
CA GLY A 823 67.34 -17.67 1.89
C GLY A 823 66.56 -17.03 3.02
N LYS A 824 66.37 -15.72 2.92
CA LYS A 824 65.65 -14.93 3.90
C LYS A 824 64.74 -13.92 3.24
N GLU A 825 63.62 -13.60 3.88
CA GLU A 825 62.63 -12.64 3.37
C GLU A 825 61.81 -11.96 4.48
N ILE A 826 61.37 -10.73 4.22
CA ILE A 826 60.64 -9.92 5.16
C ILE A 826 59.30 -9.49 4.59
N LEU A 827 58.22 -9.63 5.39
CA LEU A 827 56.87 -9.23 4.96
C LEU A 827 56.39 -8.01 5.74
N VAL A 828 55.59 -7.18 5.08
CA VAL A 828 55.07 -5.97 5.68
C VAL A 828 53.59 -6.11 6.02
N LYS A 829 53.26 -6.06 7.31
CA LYS A 829 51.87 -6.19 7.77
C LYS A 829 51.36 -4.95 8.47
N THR A 830 50.10 -4.58 8.24
CA THR A 830 49.52 -3.41 8.86
C THR A 830 48.61 -3.79 10.01
N LEU A 831 48.73 -3.06 11.12
CA LEU A 831 47.94 -3.29 12.33
C LEU A 831 47.04 -2.11 12.64
N ARG A 832 45.74 -2.35 12.73
CA ARG A 832 44.77 -1.29 13.01
C ARG A 832 44.20 -1.42 14.39
N VAL A 833 44.04 -0.29 15.08
CA VAL A 833 43.47 -0.28 16.43
C VAL A 833 42.18 0.59 16.54
N VAL A 834 41.37 0.35 17.57
CA VAL A 834 40.12 1.06 17.82
C VAL A 834 39.95 1.43 19.31
N PRO A 835 39.37 2.61 19.62
CA PRO A 835 39.10 3.07 20.99
C PRO A 835 38.20 2.12 21.81
N GLU A 836 38.28 2.25 23.13
CA GLU A 836 37.59 1.42 24.12
C GLU A 836 36.06 1.35 24.01
N GLY A 837 35.35 2.42 24.39
CA GLY A 837 33.88 2.41 24.39
C GLY A 837 33.25 2.96 23.12
N VAL A 838 31.97 2.63 22.83
CA VAL A 838 31.34 3.13 21.59
C VAL A 838 29.91 3.50 21.79
N LYS A 839 29.52 4.71 21.39
CA LYS A 839 28.12 5.15 21.42
C LYS A 839 27.85 6.09 20.25
N ARG A 840 26.93 5.70 19.35
CA ARG A 840 26.55 6.53 18.21
C ARG A 840 25.30 7.29 18.49
N GLU A 841 25.28 8.54 18.11
CA GLU A 841 24.11 9.37 18.31
C GLU A 841 23.79 10.15 17.04
N SER A 842 22.65 9.84 16.41
CA SER A 842 22.17 10.57 15.23
C SER A 842 21.89 11.96 15.76
N TYR A 843 21.04 12.04 16.80
CA TYR A 843 20.82 13.22 17.63
C TYR A 843 20.15 14.42 16.96
N SER A 844 20.17 14.47 15.61
CA SER A 844 19.61 15.59 14.84
C SER A 844 19.31 15.23 13.40
N GLY A 845 18.42 15.99 12.81
CA GLY A 845 17.99 15.86 11.44
C GLY A 845 16.86 16.86 11.22
N VAL A 846 16.67 17.29 9.97
CA VAL A 846 15.65 18.28 9.61
C VAL A 846 15.08 18.05 8.23
N THR A 847 13.81 18.41 8.04
CA THR A 847 13.18 18.31 6.73
C THR A 847 13.16 19.70 6.15
N LEU A 848 13.90 19.90 5.06
CA LEU A 848 13.98 21.22 4.44
C LEU A 848 12.78 21.51 3.58
N ASP A 849 12.06 22.61 3.88
CA ASP A 849 10.90 23.01 3.09
C ASP A 849 11.17 24.34 2.40
N PRO A 850 11.44 24.30 1.09
CA PRO A 850 11.69 25.49 0.27
C PRO A 850 10.50 26.41 0.15
N ARG A 851 9.31 25.86 -0.10
CA ARG A 851 8.13 26.68 -0.30
C ARG A 851 7.37 26.96 0.99
N GLY A 852 7.77 26.31 2.08
CA GLY A 852 7.07 26.44 3.35
C GLY A 852 5.71 25.76 3.23
N ILE A 853 5.65 24.63 2.53
CA ILE A 853 4.44 23.84 2.34
C ILE A 853 3.82 23.53 3.70
N TYR A 854 4.54 22.75 4.51
CA TYR A 854 4.12 22.42 5.86
C TYR A 854 4.54 23.58 6.75
N GLY A 855 3.55 24.27 7.34
CA GLY A 855 3.77 25.42 8.22
C GLY A 855 4.72 26.48 7.65
N THR A 856 5.73 26.84 8.45
CA THR A 856 6.73 27.83 8.07
C THR A 856 7.79 27.28 7.11
N ILE A 857 8.41 28.18 6.34
CA ILE A 857 9.50 27.88 5.42
C ILE A 857 10.77 27.51 6.19
N SER A 858 11.38 26.36 5.83
CA SER A 858 12.60 25.87 6.45
C SER A 858 13.72 25.74 5.42
N ARG A 859 14.79 26.50 5.61
CA ARG A 859 15.91 26.49 4.68
C ARG A 859 17.23 26.19 5.37
N ARG A 860 17.66 27.06 6.27
CA ARG A 860 18.92 26.93 6.97
C ARG A 860 18.77 26.20 8.31
N LYS A 861 19.65 25.22 8.58
CA LYS A 861 19.70 24.55 9.86
C LYS A 861 21.13 24.38 10.36
N GLU A 862 21.39 24.82 11.58
CA GLU A 862 22.71 24.74 12.17
C GLU A 862 22.84 23.51 13.05
N PHE A 863 23.79 22.63 12.72
CA PHE A 863 24.09 21.44 13.51
C PHE A 863 25.25 21.76 14.44
N PRO A 864 24.93 21.96 15.74
CA PRO A 864 25.92 22.34 16.74
C PRO A 864 26.97 21.28 16.93
N TYR A 865 28.20 21.70 17.21
CA TYR A 865 29.28 20.79 17.52
C TYR A 865 29.49 20.80 19.03
N ARG A 866 29.18 19.69 19.71
CA ARG A 866 29.32 19.62 21.16
C ARG A 866 30.24 18.49 21.59
N ILE A 867 30.88 18.67 22.76
CA ILE A 867 31.78 17.67 23.31
C ILE A 867 31.22 17.12 24.60
N PRO A 868 30.80 15.84 24.60
CA PRO A 868 30.31 15.18 25.82
C PRO A 868 31.43 14.97 26.83
N LEU A 869 31.07 14.84 28.11
CA LEU A 869 32.06 14.62 29.17
C LEU A 869 32.49 13.14 29.30
N ASP A 870 31.83 12.29 28.54
CA ASP A 870 32.10 10.86 28.55
C ASP A 870 33.15 10.50 27.49
N LEU A 871 33.69 11.52 26.82
CA LEU A 871 34.65 11.33 25.76
C LEU A 871 35.93 10.63 26.20
N VAL A 872 36.39 9.70 25.38
CA VAL A 872 37.64 8.97 25.59
C VAL A 872 38.80 9.93 25.38
N PRO A 873 39.91 9.74 26.15
CA PRO A 873 41.14 10.49 25.94
C PRO A 873 41.57 10.34 24.48
N LYS A 874 42.05 11.44 23.90
CA LYS A 874 42.43 11.54 22.50
C LYS A 874 41.21 11.29 21.61
N THR A 875 41.30 10.27 20.73
CA THR A 875 40.24 9.89 19.77
C THR A 875 39.81 11.10 18.93
N GLU A 876 38.49 11.22 18.68
CA GLU A 876 37.90 12.29 17.88
C GLU A 876 36.40 12.05 17.76
N ILE A 877 35.73 12.98 17.08
CA ILE A 877 34.28 12.92 16.82
C ILE A 877 34.08 12.88 15.32
N LYS A 878 33.32 11.88 14.83
CA LYS A 878 33.05 11.73 13.40
C LYS A 878 31.59 11.93 13.14
N ARG A 879 31.26 12.66 12.07
CA ARG A 879 29.88 12.95 11.67
C ARG A 879 29.64 12.65 10.21
N ILE A 880 28.46 12.14 9.88
CA ILE A 880 28.11 11.77 8.50
C ILE A 880 26.80 12.41 8.12
N LEU A 881 26.65 12.85 6.86
CA LEU A 881 25.43 13.51 6.43
C LEU A 881 24.90 12.96 5.11
N SER A 882 23.58 12.94 4.95
CA SER A 882 22.92 12.48 3.72
C SER A 882 21.56 13.15 3.50
N VAL A 883 21.03 13.09 2.27
CA VAL A 883 19.74 13.70 1.93
C VAL A 883 18.89 12.80 1.06
N LYS A 884 17.57 12.87 1.22
CA LYS A 884 16.64 12.07 0.44
C LYS A 884 15.26 12.68 0.43
N GLY A 885 14.24 11.93 0.01
CA GLY A 885 12.86 12.39 0.10
C GLY A 885 12.11 12.71 -1.16
N LEU A 886 10.86 13.18 -0.99
CA LEU A 886 9.91 13.50 -2.04
C LEU A 886 9.40 12.29 -2.82
N LEU A 887 9.57 12.33 -4.17
CA LEU A 887 9.04 11.37 -5.12
C LEU A 887 7.50 11.36 -5.05
N VAL A 888 6.88 12.36 -5.67
CA VAL A 888 5.42 12.40 -5.75
C VAL A 888 4.91 11.13 -6.46
N GLY A 889 3.86 10.52 -5.92
CA GLY A 889 3.29 9.26 -6.40
C GLY A 889 2.80 9.26 -7.83
N GLU A 890 1.80 10.10 -8.13
CA GLU A 890 1.20 10.10 -9.46
C GLU A 890 0.87 11.48 -9.96
N ILE A 891 0.89 11.64 -11.27
CA ILE A 891 0.53 12.89 -11.94
C ILE A 891 -1.01 12.95 -12.03
N LEU A 892 -1.64 11.78 -12.21
CA LEU A 892 -3.08 11.65 -12.33
C LEU A 892 -3.71 12.42 -13.47
N SER A 893 -4.89 12.96 -13.24
CA SER A 893 -5.70 13.60 -14.25
C SER A 893 -5.52 15.10 -14.37
N ALA A 894 -6.46 15.76 -15.10
CA ALA A 894 -6.56 17.19 -15.35
C ALA A 894 -8.02 17.53 -15.52
N VAL A 895 -8.30 18.72 -16.01
CA VAL A 895 -9.68 19.18 -16.18
C VAL A 895 -9.86 20.06 -17.42
N LEU A 896 -11.09 20.58 -17.62
CA LEU A 896 -11.50 21.36 -18.78
C LEU A 896 -11.36 20.40 -20.01
N SER A 897 -11.03 20.80 -21.26
CA SER A 897 -10.91 22.13 -21.85
C SER A 897 -12.26 22.45 -22.53
N GLN A 898 -13.22 21.54 -22.44
CA GLN A 898 -14.54 21.74 -23.02
C GLN A 898 -15.30 22.79 -22.23
N GLU A 899 -15.00 22.92 -20.93
CA GLU A 899 -15.65 23.86 -20.03
C GLU A 899 -15.49 25.30 -20.48
N GLY A 900 -14.31 25.64 -21.02
CA GLY A 900 -14.04 26.97 -21.54
C GLY A 900 -14.99 27.28 -22.71
N ILE A 901 -15.23 26.28 -23.57
CA ILE A 901 -16.14 26.41 -24.69
C ILE A 901 -17.58 26.28 -24.19
N ASN A 902 -17.79 25.47 -23.14
CA ASN A 902 -19.12 25.23 -22.58
C ASN A 902 -19.57 26.38 -21.72
N ILE A 903 -19.00 26.52 -20.52
CA ILE A 903 -19.33 27.63 -19.66
C ILE A 903 -18.15 28.51 -19.34
N LEU A 904 -18.11 29.67 -19.95
CA LEU A 904 -17.21 30.76 -19.61
C LEU A 904 -18.09 31.97 -19.83
N THR A 905 -18.31 32.32 -21.11
CA THR A 905 -19.26 33.33 -21.53
C THR A 905 -20.44 32.55 -22.08
N HIS A 906 -20.28 31.22 -22.17
CA HIS A 906 -21.23 30.28 -22.75
C HIS A 906 -21.53 30.67 -24.21
N ALA A 912 -32.75 35.54 -14.07
CA ALA A 912 -32.84 36.89 -13.54
C ALA A 912 -31.87 37.10 -12.39
N GLU A 913 -32.10 36.43 -11.26
CA GLU A 913 -31.25 36.48 -10.06
C GLU A 913 -30.10 35.45 -10.19
N ALA A 914 -30.06 34.73 -11.31
CA ALA A 914 -29.02 33.76 -11.61
C ALA A 914 -27.71 34.42 -12.00
N GLU A 915 -27.71 35.77 -12.14
CA GLU A 915 -26.51 36.55 -12.46
C GLU A 915 -25.41 36.24 -11.48
N LEU A 916 -25.78 36.02 -10.20
CA LEU A 916 -24.85 35.61 -9.16
C LEU A 916 -24.24 34.28 -9.58
N MET A 917 -25.09 33.25 -9.74
CA MET A 917 -24.71 31.91 -10.16
C MET A 917 -23.94 31.96 -11.50
N SER A 918 -24.21 32.96 -12.35
CA SER A 918 -23.55 33.10 -13.64
C SER A 918 -22.08 33.46 -13.55
N VAL A 919 -21.77 34.51 -12.78
CA VAL A 919 -20.41 35.03 -12.65
C VAL A 919 -19.55 34.38 -11.55
N VAL A 920 -20.18 33.66 -10.63
CA VAL A 920 -19.46 33.03 -9.52
C VAL A 920 -18.41 31.99 -9.93
N PRO A 921 -18.76 30.99 -10.78
CA PRO A 921 -17.76 29.99 -11.13
C PRO A 921 -16.60 30.58 -11.93
N VAL A 922 -16.82 31.73 -12.57
CA VAL A 922 -15.81 32.40 -13.38
C VAL A 922 -14.55 32.66 -12.58
N PHE A 923 -14.72 33.11 -11.33
CA PHE A 923 -13.61 33.40 -10.42
C PHE A 923 -12.84 32.16 -10.04
N TYR A 924 -13.57 31.04 -9.84
CA TYR A 924 -12.97 29.76 -9.52
C TYR A 924 -12.29 29.16 -10.72
N VAL A 925 -12.86 29.37 -11.92
CA VAL A 925 -12.32 28.90 -13.18
C VAL A 925 -11.06 29.68 -13.49
N PHE A 926 -11.09 30.99 -13.28
CA PHE A 926 -9.94 31.83 -13.56
C PHE A 926 -8.74 31.51 -12.69
N HIS A 927 -8.99 30.95 -11.50
CA HIS A 927 -7.91 30.59 -10.59
C HIS A 927 -7.17 29.35 -11.06
N TYR A 928 -7.91 28.40 -11.65
CA TYR A 928 -7.34 27.15 -12.15
C TYR A 928 -6.43 27.41 -13.34
N LEU A 929 -6.84 28.32 -14.23
CA LEU A 929 -6.09 28.66 -15.43
C LEU A 929 -4.72 29.24 -15.08
N GLU A 930 -4.65 29.99 -13.97
CA GLU A 930 -3.39 30.55 -13.51
C GLU A 930 -2.59 29.49 -12.77
N THR A 931 -3.26 28.64 -11.99
CA THR A 931 -2.60 27.57 -11.23
C THR A 931 -2.07 26.49 -12.16
N GLY A 932 -2.91 26.02 -13.09
CA GLY A 932 -2.51 25.04 -14.09
C GLY A 932 -1.51 25.69 -15.06
N ASN A 933 -1.53 27.04 -15.13
CA ASN A 933 -0.61 27.86 -15.92
C ASN A 933 -0.70 27.57 -17.42
N HIS A 934 -1.84 27.06 -17.88
CA HIS A 934 -2.01 26.76 -19.28
C HIS A 934 -3.12 27.55 -19.94
N TRP A 935 -2.76 28.54 -20.73
CA TRP A 935 -3.70 29.27 -21.59
C TRP A 935 -3.41 28.86 -23.05
N ASN A 936 -2.37 28.05 -23.23
CA ASN A 936 -1.84 27.64 -24.52
C ASN A 936 -2.71 26.71 -25.37
N ILE A 937 -3.77 26.15 -24.76
CA ILE A 937 -4.68 25.21 -25.41
C ILE A 937 -5.44 25.84 -26.58
N PHE A 938 -5.84 27.09 -26.44
CA PHE A 938 -6.57 27.80 -27.48
C PHE A 938 -5.65 28.31 -28.57
N HIS A 939 -6.20 28.46 -29.77
CA HIS A 939 -5.49 28.93 -30.96
C HIS A 939 -5.01 30.37 -30.80
N SER A 940 -5.81 31.21 -30.11
CA SER A 940 -5.50 32.63 -29.89
C SER A 940 -4.27 32.81 -29.01
N ASP A 941 -3.67 34.01 -29.08
CA ASP A 941 -2.50 34.35 -28.27
C ASP A 941 -2.89 34.36 -26.79
N PRO A 942 -2.02 33.82 -25.90
CA PRO A 942 -2.26 33.74 -24.45
C PRO A 942 -2.67 35.07 -23.81
N LEU A 943 -2.11 36.18 -24.29
CA LEU A 943 -2.42 37.49 -23.75
C LEU A 943 -3.81 37.95 -24.18
N ILE A 944 -4.21 37.60 -25.40
CA ILE A 944 -5.53 37.95 -25.95
C ILE A 944 -6.62 37.29 -25.12
N GLU A 945 -6.40 36.03 -24.74
CA GLU A 945 -7.36 35.26 -23.94
C GLU A 945 -7.42 35.79 -22.50
N LYS A 946 -6.26 35.92 -21.85
CA LYS A 946 -6.16 36.37 -20.46
C LYS A 946 -6.79 37.73 -20.24
N GLN A 947 -6.49 38.68 -21.12
CA GLN A 947 -7.04 40.02 -21.03
C GLN A 947 -8.53 40.03 -21.29
N LYS A 948 -9.01 39.05 -22.07
CA LYS A 948 -10.44 38.91 -22.39
C LYS A 948 -11.17 38.34 -21.19
N LEU A 949 -10.47 37.55 -20.36
CA LEU A 949 -11.04 36.94 -19.17
C LEU A 949 -11.19 37.93 -18.03
N LYS A 950 -10.23 38.86 -17.90
CA LYS A 950 -10.24 39.86 -16.84
C LYS A 950 -11.46 40.75 -16.93
N LYS A 951 -11.95 41.01 -18.15
CA LYS A 951 -13.14 41.83 -18.38
C LYS A 951 -14.37 41.15 -17.82
N LYS A 952 -14.38 39.81 -17.85
CA LYS A 952 -15.50 39.04 -17.32
C LYS A 952 -15.51 39.13 -15.79
N LEU A 953 -14.32 39.22 -15.17
CA LEU A 953 -14.18 39.36 -13.73
C LEU A 953 -14.51 40.78 -13.29
N LYS A 954 -14.22 41.76 -14.18
CA LYS A 954 -14.52 43.15 -13.92
C LYS A 954 -16.02 43.32 -13.85
N GLU A 955 -16.76 42.62 -14.73
CA GLU A 955 -18.21 42.62 -14.75
C GLU A 955 -18.74 41.80 -13.59
N GLY A 956 -17.98 40.79 -13.16
CA GLY A 956 -18.34 39.91 -12.05
C GLY A 956 -18.35 40.68 -10.73
N MET A 957 -17.40 41.61 -10.57
CA MET A 957 -17.31 42.45 -9.37
C MET A 957 -18.37 43.53 -9.43
N LEU A 958 -18.76 43.91 -10.63
CA LEU A 958 -19.81 44.90 -10.84
C LEU A 958 -21.19 44.26 -10.66
N SER A 959 -21.29 42.94 -10.92
CA SER A 959 -22.54 42.20 -10.75
C SER A 959 -22.78 41.89 -9.29
N ILE A 960 -21.69 41.68 -8.52
CA ILE A 960 -21.77 41.39 -7.09
C ILE A 960 -21.94 42.67 -6.29
N MET A 961 -21.65 43.81 -6.91
CA MET A 961 -21.79 45.10 -6.28
C MET A 961 -23.27 45.48 -6.16
N SER A 962 -24.10 44.98 -7.09
CA SER A 962 -25.53 45.21 -7.13
C SER A 962 -26.26 44.53 -5.96
N TYR A 963 -25.65 43.47 -5.39
CA TYR A 963 -26.24 42.72 -4.28
C TYR A 963 -25.83 43.27 -2.93
N ARG A 964 -25.06 44.37 -2.91
CA ARG A 964 -24.61 44.98 -1.66
C ARG A 964 -25.54 46.12 -1.19
N ASN A 965 -26.15 45.92 -0.02
CA ASN A 965 -27.02 46.90 0.63
C ASN A 965 -26.20 48.01 1.27
N ALA A 966 -26.86 49.14 1.57
CA ALA A 966 -26.24 50.28 2.25
C ALA A 966 -25.75 49.88 3.65
N ASP A 967 -26.24 48.72 4.14
CA ASP A 967 -25.85 48.13 5.42
C ASP A 967 -24.46 47.50 5.29
N TYR A 968 -23.90 47.51 4.07
CA TYR A 968 -22.60 46.91 3.70
C TYR A 968 -22.68 45.40 3.63
N SER A 969 -23.86 44.83 3.94
CA SER A 969 -24.10 43.41 3.85
C SER A 969 -24.52 43.04 2.42
N TYR A 970 -24.85 41.77 2.20
CA TYR A 970 -25.29 41.30 0.89
C TYR A 970 -26.63 40.60 0.99
N SER A 971 -27.56 40.96 0.09
CA SER A 971 -28.89 40.36 0.05
C SER A 971 -29.18 39.80 -1.33
N VAL A 972 -29.94 38.71 -1.37
CA VAL A 972 -30.27 38.01 -2.60
C VAL A 972 -31.21 38.79 -3.52
N TRP A 973 -32.38 39.17 -3.01
CA TRP A 973 -33.36 39.86 -3.84
C TRP A 973 -33.64 41.27 -3.38
N LYS A 974 -33.21 42.26 -4.18
CA LYS A 974 -33.49 43.69 -3.99
C LYS A 974 -33.08 44.32 -2.65
N GLY A 975 -32.58 43.51 -1.72
CA GLY A 975 -32.19 43.99 -0.39
C GLY A 975 -33.39 44.06 0.54
N GLY A 976 -34.39 43.19 0.31
CA GLY A 976 -35.61 43.13 1.11
C GLY A 976 -35.32 42.48 2.47
N SER A 977 -34.55 41.38 2.48
CA SER A 977 -34.18 40.67 3.70
C SER A 977 -32.68 40.48 3.80
N ALA A 978 -32.18 40.22 5.00
CA ALA A 978 -30.74 40.04 5.23
C ALA A 978 -30.39 38.58 5.54
N SER A 979 -29.38 38.03 4.85
CA SER A 979 -28.93 36.66 5.07
C SER A 979 -27.44 36.62 5.29
N THR A 980 -27.01 35.90 6.33
CA THR A 980 -25.59 35.76 6.66
C THR A 980 -24.89 34.86 5.65
N TRP A 981 -25.64 33.90 5.08
CA TRP A 981 -25.13 32.95 4.10
C TRP A 981 -24.53 33.65 2.88
N LEU A 982 -25.28 34.56 2.28
CA LEU A 982 -24.82 35.25 1.11
C LEU A 982 -23.70 36.21 1.43
N THR A 983 -23.73 36.80 2.64
CA THR A 983 -22.68 37.72 3.09
C THR A 983 -21.38 36.95 3.24
N ALA A 984 -21.49 35.69 3.65
CA ALA A 984 -20.33 34.81 3.81
C ALA A 984 -19.83 34.36 2.44
N PHE A 985 -20.70 33.66 1.68
CA PHE A 985 -20.40 33.13 0.35
C PHE A 985 -19.76 34.14 -0.58
N ALA A 986 -20.18 35.41 -0.47
CA ALA A 986 -19.65 36.49 -1.29
C ALA A 986 -18.22 36.83 -0.90
N LEU A 987 -17.90 36.74 0.40
CA LEU A 987 -16.56 37.01 0.92
C LEU A 987 -15.50 36.04 0.42
N ARG A 988 -15.91 34.84 0.00
CA ARG A 988 -14.98 33.86 -0.53
C ARG A 988 -14.48 34.32 -1.89
N VAL A 989 -15.42 34.79 -2.73
CA VAL A 989 -15.14 35.25 -4.08
C VAL A 989 -14.27 36.50 -4.06
N LEU A 990 -14.60 37.43 -3.16
CA LEU A 990 -13.87 38.66 -3.00
C LEU A 990 -12.44 38.44 -2.53
N GLY A 991 -12.21 37.38 -1.72
CA GLY A 991 -10.89 37.02 -1.21
C GLY A 991 -9.98 36.48 -2.30
N GLN A 992 -10.61 35.99 -3.38
CA GLN A 992 -9.91 35.47 -4.54
C GLN A 992 -9.41 36.60 -5.43
N VAL A 993 -10.16 37.69 -5.50
CA VAL A 993 -9.80 38.86 -6.30
C VAL A 993 -8.53 39.53 -5.79
N ASN A 994 -8.38 39.66 -4.47
CA ASN A 994 -7.24 40.30 -3.83
C ASN A 994 -5.89 39.72 -4.27
N LYS A 995 -5.87 38.41 -4.58
CA LYS A 995 -4.66 37.73 -5.04
C LYS A 995 -4.40 38.02 -6.52
N TYR A 996 -5.39 38.58 -7.23
CA TYR A 996 -5.29 38.84 -8.66
C TYR A 996 -5.23 40.29 -9.05
N VAL A 997 -6.33 41.02 -8.86
CA VAL A 997 -6.39 42.44 -9.23
C VAL A 997 -6.16 43.31 -8.01
N GLU A 998 -7.24 43.54 -7.23
CA GLU A 998 -7.23 44.35 -6.01
C GLU A 998 -8.62 44.53 -5.45
N GLN A 999 -8.67 44.98 -4.19
CA GLN A 999 -9.89 45.36 -3.48
C GLN A 999 -9.57 46.35 -2.38
N ASN A 1000 -10.41 47.37 -2.22
CA ASN A 1000 -10.21 48.39 -1.20
C ASN A 1000 -10.55 47.87 0.18
N GLN A 1001 -9.60 48.01 1.12
CA GLN A 1001 -9.75 47.52 2.49
C GLN A 1001 -10.94 48.12 3.21
N ASN A 1002 -10.96 49.46 3.35
CA ASN A 1002 -12.01 50.19 4.06
C ASN A 1002 -13.42 49.84 3.63
N SER A 1003 -13.58 49.49 2.34
CA SER A 1003 -14.88 49.10 1.82
C SER A 1003 -15.18 47.63 2.16
N ILE A 1004 -14.16 46.78 2.12
CA ILE A 1004 -14.33 45.36 2.41
C ILE A 1004 -14.37 45.08 3.90
N CYS A 1005 -13.49 45.73 4.67
CA CYS A 1005 -13.38 45.49 6.11
C CYS A 1005 -14.67 45.65 6.88
N ASN A 1006 -15.48 46.67 6.54
CA ASN A 1006 -16.77 46.94 7.22
C ASN A 1006 -17.82 45.85 6.99
N SER A 1007 -17.63 45.00 5.97
CA SER A 1007 -18.53 43.89 5.68
C SER A 1007 -18.35 42.80 6.72
N LEU A 1008 -17.11 42.64 7.21
CA LEU A 1008 -16.78 41.61 8.19
C LEU A 1008 -17.26 42.00 9.58
N LEU A 1009 -17.28 43.29 9.86
CA LEU A 1009 -17.69 43.80 11.16
C LEU A 1009 -19.15 43.51 11.48
N TRP A 1010 -20.03 43.58 10.47
CA TRP A 1010 -21.47 43.36 10.64
C TRP A 1010 -21.79 41.96 11.16
N LEU A 1011 -20.90 41.01 10.90
CA LEU A 1011 -21.08 39.64 11.35
C LEU A 1011 -20.72 39.51 12.83
N VAL A 1012 -19.63 40.16 13.23
CA VAL A 1012 -19.17 40.15 14.63
C VAL A 1012 -20.05 41.07 15.49
N GLU A 1013 -20.37 42.27 14.97
CA GLU A 1013 -21.16 43.24 15.68
C GLU A 1013 -22.57 42.74 15.92
N ASN A 1014 -23.09 41.93 14.99
CA ASN A 1014 -24.46 41.49 15.08
C ASN A 1014 -24.69 39.99 15.08
N TYR A 1015 -24.38 39.35 13.95
CA TYR A 1015 -24.67 37.95 13.68
C TYR A 1015 -23.82 36.86 14.34
N GLN A 1016 -22.82 37.27 15.12
CA GLN A 1016 -22.01 36.29 15.82
C GLN A 1016 -22.56 36.09 17.23
N LEU A 1017 -23.08 34.90 17.49
CA LEU A 1017 -23.65 34.57 18.80
C LEU A 1017 -22.56 34.49 19.86
N ASP A 1018 -22.94 34.67 21.13
CA ASP A 1018 -22.00 34.59 22.27
C ASP A 1018 -21.41 33.19 22.41
N ASN A 1019 -22.15 32.17 21.91
CA ASN A 1019 -21.72 30.77 21.93
C ASN A 1019 -20.71 30.52 20.82
N GLY A 1020 -20.64 31.43 19.83
CA GLY A 1020 -19.70 31.34 18.72
C GLY A 1020 -20.39 30.95 17.44
N SER A 1021 -21.65 30.46 17.55
CA SER A 1021 -22.42 30.04 16.40
C SER A 1021 -22.88 31.21 15.54
N PHE A 1022 -23.26 30.95 14.30
CA PHE A 1022 -23.76 31.99 13.40
C PHE A 1022 -25.18 31.67 12.95
N LYS A 1023 -25.99 32.72 12.71
CA LYS A 1023 -27.36 32.56 12.23
C LYS A 1023 -27.69 33.63 11.21
N GLU A 1024 -28.77 33.42 10.45
CA GLU A 1024 -29.20 34.39 9.46
C GLU A 1024 -30.61 34.89 9.72
N ASN A 1025 -30.91 36.13 9.32
CA ASN A 1025 -32.24 36.72 9.51
C ASN A 1025 -33.23 36.17 8.49
N SER A 1026 -32.81 36.07 7.22
CA SER A 1026 -33.67 35.62 6.13
C SER A 1026 -34.14 34.17 6.33
N GLN A 1027 -35.45 33.97 6.23
CA GLN A 1027 -36.07 32.66 6.42
C GLN A 1027 -36.97 32.31 5.22
N LEU A 1037 -38.80 17.16 15.76
CA LEU A 1037 -37.36 16.99 15.54
C LEU A 1037 -36.54 18.16 16.13
N PRO A 1038 -36.46 18.24 17.48
CA PRO A 1038 -35.73 19.33 18.14
C PRO A 1038 -34.21 19.25 17.96
N VAL A 1039 -33.68 18.03 17.77
CA VAL A 1039 -32.24 17.79 17.65
C VAL A 1039 -31.64 18.29 16.32
N GLU A 1040 -32.50 18.58 15.34
CA GLU A 1040 -32.09 19.03 14.02
C GLU A 1040 -31.47 20.44 14.04
N ALA A 1041 -31.73 21.19 15.11
CA ALA A 1041 -31.26 22.57 15.26
C ALA A 1041 -29.74 22.66 15.40
N ARG A 1042 -29.12 21.65 16.01
CA ARG A 1042 -27.68 21.66 16.23
C ARG A 1042 -26.89 21.56 14.93
N GLU A 1043 -27.35 20.69 14.02
CA GLU A 1043 -26.68 20.46 12.73
C GLU A 1043 -26.72 21.71 11.86
N ASN A 1044 -27.87 22.37 11.79
CA ASN A 1044 -28.07 23.56 10.98
C ASN A 1044 -27.17 24.71 11.43
N SER A 1045 -26.84 24.76 12.72
CA SER A 1045 -25.97 25.81 13.27
C SER A 1045 -24.50 25.59 12.88
N LEU A 1046 -24.08 24.33 12.83
CA LEU A 1046 -22.71 23.98 12.47
C LEU A 1046 -22.40 24.36 11.03
N TYR A 1047 -23.36 24.15 10.13
CA TYR A 1047 -23.19 24.51 8.72
C TYR A 1047 -23.00 26.00 8.58
N LEU A 1048 -23.90 26.78 9.19
CA LEU A 1048 -23.87 28.24 9.15
C LEU A 1048 -22.61 28.76 9.79
N THR A 1049 -22.12 28.05 10.83
CA THR A 1049 -20.91 28.44 11.50
C THR A 1049 -19.73 28.20 10.59
N ALA A 1050 -19.60 26.97 10.09
CA ALA A 1050 -18.47 26.56 9.24
C ALA A 1050 -18.41 27.33 7.94
N PHE A 1051 -19.58 27.63 7.35
CA PHE A 1051 -19.64 28.35 6.09
C PHE A 1051 -19.07 29.75 6.21
N THR A 1052 -19.34 30.39 7.35
CA THR A 1052 -18.84 31.73 7.63
C THR A 1052 -17.35 31.69 7.96
N VAL A 1053 -16.91 30.65 8.68
CA VAL A 1053 -15.51 30.48 9.03
C VAL A 1053 -14.65 30.47 7.75
N ILE A 1054 -15.12 29.73 6.73
CA ILE A 1054 -14.43 29.65 5.45
C ILE A 1054 -14.26 31.04 4.84
N GLY A 1055 -15.38 31.71 4.56
CA GLY A 1055 -15.39 33.03 3.93
C GLY A 1055 -14.56 34.06 4.68
N ILE A 1056 -14.67 34.07 6.00
CA ILE A 1056 -13.94 35.02 6.82
C ILE A 1056 -12.46 34.73 6.78
N ARG A 1057 -12.08 33.44 6.87
CA ARG A 1057 -10.68 33.02 6.84
C ARG A 1057 -10.01 33.41 5.53
N LYS A 1058 -10.80 33.37 4.44
CA LYS A 1058 -10.33 33.73 3.11
C LYS A 1058 -9.96 35.23 3.04
N ALA A 1059 -10.83 36.07 3.62
CA ALA A 1059 -10.66 37.52 3.63
C ALA A 1059 -9.87 38.05 4.83
N PHE A 1060 -9.58 37.18 5.80
CA PHE A 1060 -8.87 37.59 6.99
C PHE A 1060 -7.45 38.03 6.70
N ASP A 1061 -6.81 37.39 5.70
CA ASP A 1061 -5.42 37.70 5.34
C ASP A 1061 -5.29 39.01 4.62
N ILE A 1062 -6.33 39.40 3.86
CA ILE A 1062 -6.33 40.64 3.10
C ILE A 1062 -6.59 41.85 4.00
N CYS A 1063 -7.33 41.64 5.10
CA CYS A 1063 -7.64 42.70 6.05
C CYS A 1063 -7.51 42.21 7.49
N PRO A 1064 -6.27 42.20 8.03
CA PRO A 1064 -6.04 41.76 9.41
C PRO A 1064 -6.71 42.68 10.39
N LEU A 1065 -7.51 42.11 11.31
CA LEU A 1065 -8.20 42.90 12.34
C LEU A 1065 -8.20 42.15 13.63
N VAL A 1066 -7.94 42.87 14.74
CA VAL A 1066 -7.89 42.28 16.07
C VAL A 1066 -9.25 41.75 16.49
N LYS A 1067 -10.32 42.50 16.21
CA LYS A 1067 -11.67 42.10 16.57
C LYS A 1067 -12.11 40.88 15.76
N ILE A 1068 -11.72 40.81 14.48
CA ILE A 1068 -12.06 39.68 13.62
C ILE A 1068 -11.28 38.46 14.03
N ASP A 1069 -10.00 38.67 14.38
CA ASP A 1069 -9.12 37.60 14.82
C ASP A 1069 -9.64 36.99 16.10
N THR A 1070 -10.23 37.83 16.97
CA THR A 1070 -10.85 37.39 18.23
C THR A 1070 -12.09 36.54 17.88
N ALA A 1071 -12.80 36.93 16.82
CA ALA A 1071 -13.99 36.23 16.40
C ALA A 1071 -13.67 34.85 15.90
N LEU A 1072 -12.54 34.70 15.19
CA LEU A 1072 -12.11 33.42 14.66
C LEU A 1072 -11.77 32.44 15.76
N ILE A 1073 -11.20 32.94 16.86
CA ILE A 1073 -10.87 32.12 18.02
C ILE A 1073 -12.13 31.49 18.59
N LYS A 1074 -13.20 32.27 18.70
CA LYS A 1074 -14.47 31.79 19.21
C LYS A 1074 -15.18 30.95 18.16
N ALA A 1075 -14.97 31.27 16.88
CA ALA A 1075 -15.61 30.57 15.78
C ALA A 1075 -15.11 29.15 15.62
N ASP A 1076 -13.79 28.98 15.51
CA ASP A 1076 -13.19 27.67 15.34
C ASP A 1076 -13.36 26.81 16.57
N ASN A 1077 -13.26 27.43 17.77
CA ASN A 1077 -13.41 26.73 19.05
C ASN A 1077 -14.79 26.13 19.20
N PHE A 1078 -15.80 26.74 18.58
CA PHE A 1078 -17.16 26.23 18.59
C PHE A 1078 -17.24 24.94 17.78
N LEU A 1079 -16.49 24.86 16.67
CA LEU A 1079 -16.48 23.69 15.82
C LEU A 1079 -15.73 22.55 16.45
N LEU A 1080 -14.79 22.88 17.33
CA LEU A 1080 -13.98 21.86 17.99
C LEU A 1080 -14.76 21.06 19.02
N GLU A 1081 -15.47 21.77 19.91
CA GLU A 1081 -16.20 21.16 21.00
C GLU A 1081 -17.54 20.54 20.60
N ASN A 1082 -18.23 21.16 19.64
CA ASN A 1082 -19.58 20.73 19.23
C ASN A 1082 -19.64 19.64 18.16
N THR A 1083 -18.51 19.36 17.50
CA THR A 1083 -18.44 18.33 16.47
C THR A 1083 -17.98 16.99 17.05
N LEU A 1084 -17.78 16.94 18.39
CA LEU A 1084 -17.37 15.73 19.10
C LEU A 1084 -18.30 14.54 18.78
N PRO A 1085 -19.64 14.70 18.92
CA PRO A 1085 -20.49 13.58 18.54
C PRO A 1085 -20.60 13.54 17.02
N ALA A 1086 -20.89 12.37 16.47
CA ALA A 1086 -21.05 12.25 15.03
C ALA A 1086 -22.50 12.64 14.65
N GLN A 1087 -22.64 13.67 13.82
CA GLN A 1087 -23.96 14.12 13.38
C GLN A 1087 -24.24 13.70 11.93
N SER A 1088 -23.56 14.34 10.99
CA SER A 1088 -23.70 14.08 9.56
C SER A 1088 -22.35 14.21 8.87
N THR A 1089 -22.08 13.37 7.87
CA THR A 1089 -20.83 13.38 7.13
C THR A 1089 -20.62 14.75 6.47
N PHE A 1090 -21.65 15.26 5.80
CA PHE A 1090 -21.58 16.56 5.14
C PHE A 1090 -21.31 17.64 6.15
N THR A 1091 -21.92 17.52 7.34
CA THR A 1091 -21.70 18.48 8.42
C THR A 1091 -20.28 18.36 8.90
N LEU A 1092 -19.79 17.11 9.01
CA LEU A 1092 -18.45 16.83 9.48
C LEU A 1092 -17.41 17.28 8.46
N ALA A 1093 -17.76 17.19 7.17
CA ALA A 1093 -16.85 17.56 6.10
C ALA A 1093 -16.56 19.04 6.06
N ILE A 1094 -17.62 19.87 6.03
CA ILE A 1094 -17.49 21.32 5.96
C ILE A 1094 -16.79 21.88 7.20
N SER A 1095 -17.09 21.32 8.37
CA SER A 1095 -16.49 21.76 9.63
C SER A 1095 -15.03 21.39 9.67
N ALA A 1096 -14.66 20.27 9.02
CA ALA A 1096 -13.27 19.82 8.98
C ALA A 1096 -12.46 20.71 8.05
N TYR A 1097 -13.07 21.13 6.93
CA TYR A 1097 -12.41 22.02 5.98
C TYR A 1097 -12.27 23.44 6.53
N ALA A 1098 -13.26 23.89 7.29
CA ALA A 1098 -13.19 25.20 7.90
C ALA A 1098 -12.07 25.22 8.94
N LEU A 1099 -11.86 24.10 9.63
CA LEU A 1099 -10.81 24.00 10.60
C LEU A 1099 -9.46 23.70 9.93
N SER A 1100 -9.51 23.18 8.70
CA SER A 1100 -8.30 22.90 7.92
C SER A 1100 -7.72 24.19 7.39
N LEU A 1101 -8.52 25.26 7.36
CA LEU A 1101 -8.07 26.59 6.93
C LEU A 1101 -7.37 27.27 8.10
N GLY A 1102 -7.67 26.79 9.31
CA GLY A 1102 -7.06 27.29 10.53
C GLY A 1102 -5.86 26.44 10.89
N ASP A 1103 -5.64 26.28 12.20
CA ASP A 1103 -4.53 25.50 12.75
C ASP A 1103 -4.79 24.02 12.49
N LYS A 1104 -3.88 23.37 11.76
CA LYS A 1104 -4.05 21.96 11.44
C LYS A 1104 -3.42 21.05 12.50
N THR A 1105 -2.66 21.65 13.40
CA THR A 1105 -1.96 20.89 14.42
C THR A 1105 -2.76 20.82 15.73
N HIS A 1106 -3.99 21.34 15.74
CA HIS A 1106 -4.81 21.30 16.94
C HIS A 1106 -5.18 19.86 17.30
N PRO A 1107 -5.10 19.49 18.62
CA PRO A 1107 -5.40 18.12 19.10
C PRO A 1107 -6.81 17.67 18.78
N GLN A 1108 -7.80 18.58 18.98
CA GLN A 1108 -9.19 18.30 18.69
C GLN A 1108 -9.45 18.21 17.20
N PHE A 1109 -8.64 18.92 16.39
CA PHE A 1109 -8.74 18.88 14.94
C PHE A 1109 -8.35 17.51 14.39
N ARG A 1110 -7.30 16.91 14.94
CA ARG A 1110 -6.86 15.60 14.51
C ARG A 1110 -7.92 14.56 14.84
N SER A 1111 -8.65 14.77 15.94
CA SER A 1111 -9.72 13.86 16.34
C SER A 1111 -10.87 13.95 15.37
N ILE A 1112 -11.07 15.15 14.78
CA ILE A 1112 -12.13 15.39 13.80
C ILE A 1112 -11.76 14.75 12.47
N VAL A 1113 -10.52 14.96 12.03
CA VAL A 1113 -10.02 14.40 10.79
C VAL A 1113 -10.08 12.88 10.86
N SER A 1114 -9.68 12.32 12.02
CA SER A 1114 -9.69 10.89 12.26
C SER A 1114 -11.11 10.37 12.20
N ALA A 1115 -12.07 11.13 12.72
CA ALA A 1115 -13.46 10.73 12.68
C ALA A 1115 -14.01 10.82 11.26
N LEU A 1116 -13.43 11.70 10.45
CA LEU A 1116 -13.84 11.87 9.06
C LEU A 1116 -13.32 10.75 8.17
N LYS A 1117 -12.08 10.30 8.45
CA LYS A 1117 -11.45 9.25 7.67
C LYS A 1117 -12.11 7.90 7.89
N ARG A 1118 -12.77 7.72 9.03
CA ARG A 1118 -13.48 6.48 9.36
C ARG A 1118 -14.79 6.39 8.61
N GLU A 1119 -15.39 7.54 8.33
CA GLU A 1119 -16.65 7.61 7.59
C GLU A 1119 -16.42 7.62 6.08
N ALA A 1120 -15.15 7.56 5.66
CA ALA A 1120 -14.78 7.52 4.25
C ALA A 1120 -14.98 6.15 3.68
N LEU A 1121 -15.42 6.08 2.41
CA LEU A 1121 -15.63 4.81 1.73
C LEU A 1121 -14.67 4.68 0.59
N VAL A 1122 -14.20 3.45 0.36
CA VAL A 1122 -13.19 3.19 -0.67
C VAL A 1122 -13.57 2.09 -1.63
N LYS A 1123 -12.82 2.02 -2.76
CA LYS A 1123 -12.98 0.97 -3.76
C LYS A 1123 -11.63 0.37 -4.10
N GLY A 1124 -11.43 -0.89 -3.72
CA GLY A 1124 -10.18 -1.59 -4.04
C GLY A 1124 -9.26 -1.80 -2.86
N ASN A 1125 -8.37 -2.79 -3.01
CA ASN A 1125 -7.39 -3.11 -2.00
C ASN A 1125 -6.03 -3.29 -2.68
N PRO A 1126 -5.19 -2.23 -2.72
CA PRO A 1126 -5.34 -0.88 -2.14
C PRO A 1126 -6.41 -0.09 -2.84
N PRO A 1127 -6.99 0.94 -2.16
CA PRO A 1127 -8.07 1.74 -2.73
C PRO A 1127 -7.70 2.47 -4.01
N ILE A 1128 -8.51 2.27 -5.05
CA ILE A 1128 -8.34 2.97 -6.32
C ILE A 1128 -9.04 4.31 -6.18
N TYR A 1129 -10.23 4.30 -5.55
CA TYR A 1129 -11.02 5.50 -5.33
C TYR A 1129 -11.45 5.60 -3.88
N ARG A 1130 -11.50 6.82 -3.35
CA ARG A 1130 -11.92 7.07 -1.96
C ARG A 1130 -12.96 8.17 -1.95
N PHE A 1131 -14.15 7.87 -1.44
CA PHE A 1131 -15.26 8.81 -1.42
C PHE A 1131 -16.00 8.84 -0.08
N TRP A 1132 -16.88 9.83 0.09
CA TRP A 1132 -17.69 9.98 1.29
C TRP A 1132 -19.17 10.02 0.95
N LYS A 1133 -19.97 9.23 1.69
CA LYS A 1133 -21.43 9.20 1.53
C LYS A 1133 -22.10 9.65 2.82
N ASP A 1134 -22.95 10.68 2.74
CA ASP A 1134 -23.60 11.28 3.90
C ASP A 1134 -24.62 10.38 4.58
N ASN A 1135 -25.60 9.89 3.80
CA ASN A 1135 -26.68 9.08 4.34
C ASN A 1135 -26.23 7.71 4.83
N LEU A 1136 -26.76 7.30 5.99
CA LEU A 1136 -26.45 5.99 6.58
C LEU A 1136 -27.63 5.06 6.35
N GLN A 1137 -27.34 3.89 5.73
CA GLN A 1137 -28.34 2.87 5.39
C GLN A 1137 -29.48 3.43 4.51
N HIS A 1138 -29.12 4.20 3.47
CA HIS A 1138 -30.07 4.81 2.54
C HIS A 1138 -30.52 3.80 1.47
N GLY A 1147 -28.85 14.54 -10.88
CA GLY A 1147 -29.08 15.72 -10.03
C GLY A 1147 -29.38 15.34 -8.58
N THR A 1148 -29.45 14.03 -8.32
CA THR A 1148 -29.76 13.49 -6.99
C THR A 1148 -28.51 13.25 -6.14
N ALA A 1149 -27.31 13.44 -6.70
CA ALA A 1149 -26.07 13.20 -5.99
C ALA A 1149 -25.57 14.40 -5.20
N ARG A 1150 -25.72 14.35 -3.88
CA ARG A 1150 -25.29 15.39 -2.94
C ARG A 1150 -23.94 15.02 -2.32
N MET A 1151 -23.43 13.82 -2.63
CA MET A 1151 -22.16 13.31 -2.08
C MET A 1151 -20.94 14.00 -2.68
N VAL A 1152 -21.11 14.79 -3.73
CA VAL A 1152 -20.02 15.49 -4.39
C VAL A 1152 -19.52 16.58 -3.49
N GLU A 1153 -20.41 17.21 -2.71
CA GLU A 1153 -20.04 18.30 -1.81
C GLU A 1153 -19.19 17.79 -0.65
N THR A 1154 -19.68 16.76 0.06
CA THR A 1154 -18.96 16.18 1.20
C THR A 1154 -17.57 15.67 0.83
N THR A 1155 -17.40 15.17 -0.41
CA THR A 1155 -16.10 14.68 -0.89
C THR A 1155 -15.22 15.87 -1.22
N ALA A 1156 -15.82 16.92 -1.83
CA ALA A 1156 -15.08 18.12 -2.23
C ALA A 1156 -14.52 18.80 -1.01
N TYR A 1157 -15.30 18.86 0.08
CA TYR A 1157 -14.85 19.44 1.34
C TYR A 1157 -13.78 18.54 1.96
N ALA A 1158 -13.97 17.22 1.88
CA ALA A 1158 -13.01 16.27 2.42
C ALA A 1158 -11.73 16.30 1.60
N LEU A 1159 -11.86 16.52 0.28
CA LEU A 1159 -10.71 16.62 -0.63
C LEU A 1159 -9.89 17.84 -0.28
N LEU A 1160 -10.57 18.99 -0.18
CA LEU A 1160 -9.94 20.27 0.14
C LEU A 1160 -9.35 20.22 1.52
N THR A 1161 -9.92 19.39 2.41
CA THR A 1161 -9.41 19.22 3.77
C THR A 1161 -8.04 18.56 3.73
N SER A 1162 -7.92 17.46 2.98
CA SER A 1162 -6.67 16.72 2.84
C SER A 1162 -5.63 17.49 2.02
N LEU A 1163 -6.09 18.25 1.01
CA LEU A 1163 -5.21 19.10 0.20
C LEU A 1163 -4.61 20.20 1.06
N ASN A 1164 -5.36 20.67 2.06
CA ASN A 1164 -4.87 21.65 3.02
C ASN A 1164 -3.97 20.96 4.05
N LEU A 1165 -4.04 19.62 4.13
CA LEU A 1165 -3.18 18.85 4.99
C LEU A 1165 -1.93 18.43 4.22
N LYS A 1166 -1.88 18.81 2.93
CA LYS A 1166 -0.76 18.59 2.00
C LYS A 1166 -0.38 17.12 1.91
N ASP A 1167 -1.38 16.23 1.82
CA ASP A 1167 -1.15 14.79 1.73
C ASP A 1167 -1.54 14.24 0.36
N ILE A 1168 -0.55 13.87 -0.46
CA ILE A 1168 -0.81 13.35 -1.79
C ILE A 1168 -1.49 11.99 -1.74
N ASN A 1169 -0.92 11.07 -0.98
CA ASN A 1169 -1.33 9.69 -0.87
C ASN A 1169 -2.83 9.52 -0.59
N TYR A 1170 -3.38 10.34 0.30
CA TYR A 1170 -4.79 10.24 0.66
C TYR A 1170 -5.66 10.93 -0.38
N VAL A 1171 -5.12 11.99 -1.01
CA VAL A 1171 -5.84 12.80 -2.00
C VAL A 1171 -6.04 12.08 -3.34
N ASN A 1172 -4.98 11.46 -3.84
CA ASN A 1172 -4.98 10.76 -5.12
C ASN A 1172 -6.19 9.88 -5.42
N PRO A 1173 -6.66 9.04 -4.45
CA PRO A 1173 -7.84 8.23 -4.75
C PRO A 1173 -9.09 9.11 -4.92
N VAL A 1174 -9.15 10.25 -4.21
CA VAL A 1174 -10.29 11.17 -4.24
C VAL A 1174 -10.39 11.89 -5.57
N ILE A 1175 -9.23 12.32 -6.12
CA ILE A 1175 -9.17 13.00 -7.41
C ILE A 1175 -9.64 12.06 -8.51
N LYS A 1176 -9.22 10.76 -8.43
CA LYS A 1176 -9.63 9.73 -9.37
C LYS A 1176 -11.14 9.59 -9.37
N TRP A 1177 -11.76 9.79 -8.20
CA TRP A 1177 -13.20 9.69 -8.05
C TRP A 1177 -13.87 10.90 -8.70
N LEU A 1178 -13.32 12.10 -8.50
CA LEU A 1178 -13.88 13.34 -9.06
C LEU A 1178 -13.55 13.53 -10.52
N SER A 1179 -12.56 12.80 -11.03
CA SER A 1179 -12.22 12.89 -12.44
C SER A 1179 -13.28 12.15 -13.26
N GLU A 1180 -13.56 10.91 -12.87
CA GLU A 1180 -14.51 10.05 -13.57
C GLU A 1180 -15.31 9.23 -12.57
N GLU A 1181 -16.66 9.37 -12.63
CA GLU A 1181 -17.56 8.62 -11.75
C GLU A 1181 -19.00 8.60 -12.21
N GLN A 1182 -19.85 7.99 -11.36
CA GLN A 1182 -21.29 7.91 -11.55
C GLN A 1182 -21.86 9.25 -11.07
N ARG A 1183 -20.98 10.16 -10.73
CA ARG A 1183 -21.29 11.50 -10.24
C ARG A 1183 -22.08 12.35 -11.26
N TYR A 1184 -22.17 11.89 -12.51
CA TYR A 1184 -22.81 12.56 -13.65
C TYR A 1184 -22.09 13.86 -14.12
N GLY A 1185 -22.49 15.12 -13.80
CA GLY A 1185 -23.57 15.53 -12.91
C GLY A 1185 -24.50 16.63 -13.44
N GLY A 1186 -25.65 16.83 -12.79
CA GLY A 1186 -26.04 16.06 -11.60
C GLY A 1186 -25.65 16.79 -10.30
N GLY A 1187 -25.59 18.13 -10.34
CA GLY A 1187 -25.22 18.95 -9.18
C GLY A 1187 -25.93 20.28 -9.10
N PHE A 1188 -26.07 20.77 -7.87
CA PHE A 1188 -26.75 22.02 -7.53
C PHE A 1188 -26.06 22.66 -6.31
N TYR A 1189 -26.25 23.96 -5.98
CA TYR A 1189 -27.25 24.95 -6.40
C TYR A 1189 -27.71 25.07 -7.89
N SER A 1190 -26.81 25.16 -8.89
CA SER A 1190 -25.36 25.30 -8.78
C SER A 1190 -25.10 26.83 -8.59
N THR A 1191 -23.87 27.29 -8.41
CA THR A 1191 -22.61 26.58 -8.50
C THR A 1191 -22.03 26.09 -7.18
N GLN A 1192 -22.78 26.25 -6.09
CA GLN A 1192 -22.34 25.90 -4.74
C GLN A 1192 -21.62 24.55 -4.65
N ASP A 1193 -22.07 23.57 -5.44
CA ASP A 1193 -21.43 22.26 -5.49
C ASP A 1193 -20.18 22.26 -6.36
N THR A 1194 -20.28 22.80 -7.58
CA THR A 1194 -19.25 22.77 -8.60
C THR A 1194 -17.99 23.51 -8.24
N ILE A 1195 -18.13 24.71 -7.70
CA ILE A 1195 -16.99 25.57 -7.35
C ILE A 1195 -15.98 24.91 -6.42
N ASN A 1196 -16.47 24.10 -5.48
CA ASN A 1196 -15.61 23.39 -4.55
C ASN A 1196 -14.85 22.26 -5.27
N ALA A 1197 -15.38 21.77 -6.40
CA ALA A 1197 -14.70 20.75 -7.18
C ALA A 1197 -13.64 21.43 -8.02
N ILE A 1198 -13.94 22.64 -8.52
CA ILE A 1198 -12.99 23.40 -9.34
C ILE A 1198 -11.83 23.81 -8.47
N GLU A 1199 -12.12 24.25 -7.24
CA GLU A 1199 -11.10 24.66 -6.28
C GLU A 1199 -10.24 23.46 -5.90
N GLY A 1200 -10.84 22.28 -5.72
CA GLY A 1200 -10.12 21.07 -5.36
C GLY A 1200 -9.14 20.67 -6.43
N LEU A 1201 -9.55 20.77 -7.70
CA LEU A 1201 -8.70 20.43 -8.83
C LEU A 1201 -7.66 21.51 -9.04
N THR A 1202 -7.98 22.74 -8.58
CA THR A 1202 -7.06 23.87 -8.65
C THR A 1202 -5.99 23.68 -7.59
N GLU A 1203 -6.41 23.35 -6.36
CA GLU A 1203 -5.51 23.13 -5.24
C GLU A 1203 -4.65 21.90 -5.46
N TYR A 1204 -5.20 20.88 -6.13
CA TYR A 1204 -4.45 19.66 -6.40
C TYR A 1204 -3.30 19.90 -7.35
N SER A 1205 -3.59 20.59 -8.48
CA SER A 1205 -2.60 20.90 -9.50
C SER A 1205 -1.48 21.73 -8.91
N LEU A 1206 -1.80 22.46 -7.82
CA LEU A 1206 -0.82 23.25 -7.10
C LEU A 1206 0.06 22.35 -6.27
N LEU A 1207 -0.53 21.43 -5.49
CA LEU A 1207 0.21 20.52 -4.62
C LEU A 1207 1.20 19.65 -5.38
N VAL A 1208 0.79 19.18 -6.56
CA VAL A 1208 1.67 18.36 -7.41
C VAL A 1208 2.83 19.24 -7.85
N LYS A 1209 2.53 20.48 -8.19
CA LYS A 1209 3.54 21.45 -8.61
C LYS A 1209 4.37 21.89 -7.40
N GLN A 1210 3.77 21.81 -6.18
CA GLN A 1210 4.39 22.24 -4.94
C GLN A 1210 5.64 21.46 -4.62
N LEU A 1211 5.62 20.18 -4.97
CA LEU A 1211 6.79 19.33 -4.76
C LEU A 1211 7.41 18.85 -6.08
N ARG A 1212 8.50 19.49 -6.51
CA ARG A 1212 9.19 19.07 -7.71
C ARG A 1212 10.54 18.43 -7.35
N LEU A 1213 10.95 18.52 -6.07
CA LEU A 1213 12.28 18.12 -5.63
C LEU A 1213 13.36 18.81 -6.47
N SER A 1214 13.21 20.11 -6.68
CA SER A 1214 14.17 20.88 -7.46
C SER A 1214 15.17 21.55 -6.52
N MET A 1215 15.08 21.22 -5.23
CA MET A 1215 15.94 21.78 -4.19
C MET A 1215 17.42 21.63 -4.45
N ASP A 1216 18.18 22.68 -4.14
CA ASP A 1216 19.64 22.63 -4.24
C ASP A 1216 20.19 22.87 -2.85
N ILE A 1217 20.79 21.84 -2.27
CA ILE A 1217 21.27 21.84 -0.89
C ILE A 1217 22.73 22.04 -0.79
N ASP A 1218 23.16 23.00 0.04
CA ASP A 1218 24.58 23.28 0.23
C ASP A 1218 24.93 23.15 1.70
N VAL A 1219 25.71 22.12 2.01
CA VAL A 1219 26.17 21.88 3.36
C VAL A 1219 27.60 22.45 3.59
N SER A 1220 27.71 23.39 4.51
CA SER A 1220 28.98 24.01 4.79
C SER A 1220 29.21 24.20 6.29
N TYR A 1221 30.46 24.44 6.70
CA TYR A 1221 30.76 24.71 8.09
C TYR A 1221 30.42 26.17 8.39
N LYS A 1222 30.11 26.47 9.65
CA LYS A 1222 29.73 27.81 10.09
C LYS A 1222 30.90 28.78 9.90
N HIS A 1223 32.04 28.45 10.48
CA HIS A 1223 33.20 29.32 10.41
C HIS A 1223 34.18 28.88 9.34
N LYS A 1224 33.86 27.80 8.60
CA LYS A 1224 34.75 27.27 7.56
C LYS A 1224 34.09 27.07 6.21
N GLY A 1225 34.91 26.75 5.20
CA GLY A 1225 34.51 26.56 3.80
C GLY A 1225 33.50 25.46 3.57
N ALA A 1226 32.89 25.49 2.38
CA ALA A 1226 31.86 24.53 1.98
C ALA A 1226 32.39 23.11 1.82
N LEU A 1227 31.73 22.19 2.52
CA LEU A 1227 32.12 20.79 2.48
C LEU A 1227 31.65 20.12 1.21
N HIS A 1228 30.35 20.26 0.90
CA HIS A 1228 29.74 19.62 -0.25
C HIS A 1228 28.39 20.26 -0.58
N ASN A 1229 27.89 20.04 -1.80
CA ASN A 1229 26.60 20.57 -2.25
C ASN A 1229 25.83 19.54 -3.04
N TYR A 1230 24.63 19.27 -2.61
CA TYR A 1230 23.78 18.30 -3.30
C TYR A 1230 22.82 19.03 -4.23
N LYS A 1231 22.72 18.54 -5.47
CA LYS A 1231 21.76 19.08 -6.43
C LYS A 1231 20.66 18.05 -6.63
N MET A 1232 19.47 18.31 -6.04
CA MET A 1232 18.37 17.37 -6.09
C MET A 1232 17.48 17.62 -7.29
N THR A 1233 17.07 16.53 -7.94
CA THR A 1233 16.22 16.56 -9.11
C THR A 1233 15.28 15.38 -9.07
N ASP A 1234 14.57 15.16 -10.17
CA ASP A 1234 13.68 14.01 -10.29
C ASP A 1234 14.51 12.75 -10.52
N LYS A 1235 15.55 12.86 -11.37
CA LYS A 1235 16.50 11.78 -11.66
C LYS A 1235 17.27 11.35 -10.40
N ASN A 1236 17.80 12.31 -9.65
CA ASN A 1236 18.47 12.01 -8.40
C ASN A 1236 17.69 12.56 -7.21
N PHE A 1237 17.03 11.68 -6.48
CA PHE A 1237 16.26 12.04 -5.28
C PHE A 1237 17.03 11.71 -4.04
N LEU A 1238 18.25 11.19 -4.24
CA LEU A 1238 19.07 10.65 -3.18
C LEU A 1238 20.37 11.42 -3.03
N GLY A 1239 21.10 11.17 -1.94
CA GLY A 1239 22.37 11.82 -1.68
C GLY A 1239 23.32 10.86 -1.05
N ARG A 1240 24.62 11.03 -1.34
CA ARG A 1240 25.70 10.18 -0.82
C ARG A 1240 26.18 10.65 0.55
N PRO A 1241 26.39 9.71 1.50
CA PRO A 1241 26.93 10.02 2.82
C PRO A 1241 28.29 10.70 2.70
N VAL A 1242 28.45 11.85 3.38
CA VAL A 1242 29.68 12.64 3.33
C VAL A 1242 30.24 12.76 4.72
N GLU A 1243 31.53 12.48 4.86
CA GLU A 1243 32.20 12.55 6.15
C GLU A 1243 32.42 13.97 6.61
N VAL A 1244 32.08 14.25 7.87
CA VAL A 1244 32.36 15.51 8.54
C VAL A 1244 33.43 15.23 9.57
N LEU A 1245 34.67 15.63 9.28
CA LEU A 1245 35.76 15.31 10.18
C LEU A 1245 36.17 16.48 11.06
N LEU A 1246 36.65 17.55 10.42
CA LEU A 1246 37.09 18.79 11.06
C LEU A 1246 35.99 19.31 11.94
N ASN A 1247 36.36 19.67 13.17
CA ASN A 1247 35.43 20.04 14.21
C ASN A 1247 35.00 21.49 14.21
N ASP A 1248 33.74 21.74 13.79
CA ASP A 1248 33.12 23.06 13.71
C ASP A 1248 31.63 22.89 13.57
N ASP A 1249 30.88 23.95 13.85
CA ASP A 1249 29.44 23.92 13.69
C ASP A 1249 29.10 23.71 12.21
N LEU A 1250 28.21 22.77 11.93
CA LEU A 1250 27.85 22.45 10.57
C LEU A 1250 26.52 23.07 10.20
N ILE A 1251 26.49 23.84 9.12
CA ILE A 1251 25.28 24.50 8.67
C ILE A 1251 24.91 24.13 7.26
N VAL A 1252 23.71 23.55 7.10
CA VAL A 1252 23.16 23.21 5.80
C VAL A 1252 22.04 24.21 5.38
N SER A 1253 22.13 24.69 4.14
CA SER A 1253 21.18 25.67 3.64
C SER A 1253 20.74 25.32 2.24
N THR A 1254 19.70 25.99 1.76
CA THR A 1254 19.18 25.78 0.42
C THR A 1254 18.83 27.10 -0.28
N GLY A 1255 18.65 27.04 -1.59
CA GLY A 1255 18.25 28.22 -2.36
C GLY A 1255 16.73 28.32 -2.33
N PHE A 1256 16.13 28.80 -3.43
CA PHE A 1256 14.67 28.90 -3.54
C PHE A 1256 14.11 27.49 -3.70
N GLY A 1257 14.34 26.89 -4.87
CA GLY A 1257 13.97 25.51 -5.18
C GLY A 1257 12.47 25.19 -5.07
N SER A 1258 12.14 23.94 -5.39
CA SER A 1258 10.76 23.45 -5.32
C SER A 1258 10.80 22.03 -4.83
N GLY A 1259 10.15 21.74 -3.71
CA GLY A 1259 10.11 20.36 -3.24
C GLY A 1259 10.15 20.20 -1.74
N LEU A 1260 10.43 18.98 -1.29
CA LEU A 1260 10.54 18.61 0.12
C LEU A 1260 11.60 17.53 0.28
N ALA A 1261 12.57 17.74 1.19
CA ALA A 1261 13.67 16.78 1.41
C ALA A 1261 14.13 16.74 2.85
N THR A 1262 14.59 15.58 3.29
CA THR A 1262 14.98 15.39 4.67
C THR A 1262 16.44 15.08 4.82
N VAL A 1263 17.19 15.95 5.51
CA VAL A 1263 18.63 15.71 5.73
C VAL A 1263 18.91 15.03 7.08
N HIS A 1264 19.69 13.94 7.08
CA HIS A 1264 20.01 13.23 8.30
C HIS A 1264 21.50 13.26 8.56
N VAL A 1265 21.88 13.63 9.78
CA VAL A 1265 23.28 13.70 10.17
C VAL A 1265 23.52 12.96 11.47
N THR A 1266 24.37 11.95 11.43
CA THR A 1266 24.72 11.17 12.61
C THR A 1266 26.15 11.42 13.08
N THR A 1267 26.31 11.57 14.40
CA THR A 1267 27.62 11.81 15.00
C THR A 1267 28.08 10.57 15.75
N VAL A 1268 29.13 9.91 15.26
CA VAL A 1268 29.68 8.72 15.90
C VAL A 1268 30.85 9.11 16.76
N VAL A 1269 30.70 8.97 18.06
CA VAL A 1269 31.77 9.33 18.99
C VAL A 1269 32.04 8.21 19.95
N HIS A 1270 33.29 7.75 20.01
CA HIS A 1270 33.68 6.70 20.94
C HIS A 1270 33.68 7.24 22.34
N LYS A 1271 32.93 6.61 23.24
CA LYS A 1271 32.84 7.07 24.61
C LYS A 1271 33.07 5.99 25.63
N THR A 1272 34.12 6.19 26.47
CA THR A 1272 34.44 5.35 27.62
C THR A 1272 33.33 5.68 28.61
N SER A 1273 32.85 4.75 29.45
CA SER A 1273 33.28 3.43 29.92
C SER A 1273 34.27 3.56 31.05
N THR A 1274 34.84 4.76 31.21
CA THR A 1274 35.58 5.20 32.39
C THR A 1274 34.55 6.20 32.96
N SER A 1275 33.41 6.35 32.24
CA SER A 1275 32.29 7.23 32.52
C SER A 1275 31.29 6.62 33.47
N GLU A 1276 31.70 5.54 34.16
CA GLU A 1276 30.90 4.77 35.10
C GLU A 1276 30.13 5.61 36.08
N GLU A 1277 30.48 6.92 36.21
CA GLU A 1277 29.72 7.92 36.97
C GLU A 1277 28.29 7.91 36.41
N VAL A 1278 28.16 7.72 35.08
CA VAL A 1278 26.89 7.59 34.39
C VAL A 1278 26.36 6.17 34.57
N CYS A 1279 27.24 5.18 34.45
CA CYS A 1279 26.89 3.75 34.54
C CYS A 1279 26.57 3.26 35.96
N SER A 1280 27.09 3.98 36.96
CA SER A 1280 26.87 3.73 38.38
C SER A 1280 27.34 2.36 38.86
N PHE A 1281 28.40 1.82 38.26
CA PHE A 1281 28.93 0.52 38.67
C PHE A 1281 30.43 0.47 38.72
N TYR A 1282 31.00 0.17 39.89
CA TYR A 1282 32.43 0.01 40.06
C TYR A 1282 32.75 -1.47 39.93
N LEU A 1283 33.58 -1.84 38.94
CA LEU A 1283 33.92 -3.24 38.71
C LEU A 1283 35.39 -3.52 38.67
N LYS A 1284 35.79 -4.68 39.18
CA LYS A 1284 37.16 -5.14 39.15
C LYS A 1284 37.23 -6.59 38.71
N ILE A 1285 38.41 -7.06 38.32
CA ILE A 1285 38.64 -8.44 37.93
C ILE A 1285 40.12 -8.77 38.06
N ASP A 1286 40.43 -10.00 38.46
CA ASP A 1286 41.81 -10.47 38.58
C ASP A 1286 41.92 -11.97 38.36
N THR A 1287 43.02 -12.41 37.72
CA THR A 1287 43.28 -13.81 37.45
C THR A 1287 44.62 -14.24 38.05
N GLN A 1288 44.58 -15.17 39.00
CA GLN A 1288 45.79 -15.68 39.63
C GLN A 1288 45.92 -17.17 39.45
N ASP A 1289 47.17 -17.68 39.46
CA ASP A 1289 47.44 -19.11 39.30
C ASP A 1289 47.07 -19.89 40.54
N ILE A 1290 47.03 -19.21 41.69
CA ILE A 1290 46.69 -19.80 42.99
C ILE A 1290 45.24 -20.26 43.03
N TYR A 1303 43.86 -25.84 36.84
CA TYR A 1303 42.67 -25.07 37.18
C TYR A 1303 43.05 -23.68 37.69
N LYS A 1304 42.35 -22.64 37.22
CA LYS A 1304 42.60 -21.25 37.60
C LYS A 1304 41.34 -20.56 38.12
N ARG A 1305 41.48 -19.81 39.21
CA ARG A 1305 40.37 -19.08 39.81
C ARG A 1305 40.21 -17.70 39.20
N ILE A 1306 38.96 -17.22 39.09
CA ILE A 1306 38.67 -15.87 38.60
C ILE A 1306 37.79 -15.16 39.61
N VAL A 1307 38.21 -13.96 40.02
CA VAL A 1307 37.46 -13.18 41.00
C VAL A 1307 36.88 -11.91 40.36
N ALA A 1308 35.77 -11.42 40.91
CA ALA A 1308 35.12 -10.21 40.42
C ALA A 1308 35.28 -9.07 41.39
N CYS A 1309 34.55 -9.10 42.53
CA CYS A 1309 34.56 -8.03 43.54
C CYS A 1309 34.12 -6.70 42.94
N ALA A 1310 32.83 -6.59 42.58
CA ALA A 1310 32.28 -5.36 42.03
C ALA A 1310 31.26 -4.75 43.00
N SER A 1311 31.10 -3.43 42.95
CA SER A 1311 30.18 -2.73 43.85
C SER A 1311 29.36 -1.67 43.14
N TYR A 1312 28.33 -1.18 43.83
CA TYR A 1312 27.42 -0.16 43.33
C TYR A 1312 27.97 1.24 43.60
N LYS A 1313 27.81 2.15 42.63
CA LYS A 1313 28.25 3.53 42.77
C LYS A 1313 27.11 4.43 43.25
N PRO A 1314 27.20 4.94 44.48
CA PRO A 1314 26.19 5.81 45.07
C PRO A 1314 26.04 7.14 44.33
N SER A 1315 24.84 7.73 44.40
CA SER A 1315 24.57 9.04 43.81
C SER A 1315 24.50 10.06 44.94
N ARG A 1316 24.91 11.30 44.67
CA ARG A 1316 24.92 12.39 45.66
C ARG A 1316 23.57 12.56 46.37
N GLU A 1317 22.47 12.41 45.61
CA GLU A 1317 21.11 12.54 46.11
C GLU A 1317 20.56 11.21 46.62
N GLU A 1318 21.30 10.12 46.41
CA GLU A 1318 20.89 8.78 46.83
C GLU A 1318 21.63 8.28 48.06
N SER A 1319 20.88 7.97 49.13
CA SER A 1319 21.45 7.41 50.35
C SER A 1319 21.89 5.99 50.05
N SER A 1320 23.13 5.66 50.45
CA SER A 1320 23.73 4.35 50.19
C SER A 1320 23.03 3.21 50.91
N SER A 1321 22.48 2.26 50.15
CA SER A 1321 21.82 1.07 50.66
C SER A 1321 22.32 -0.13 49.87
N GLY A 1322 21.96 -0.17 48.59
CA GLY A 1322 22.34 -1.24 47.67
C GLY A 1322 21.97 -0.85 46.25
N SER A 1323 21.94 -1.83 45.35
CA SER A 1323 21.62 -1.59 43.95
C SER A 1323 20.44 -2.42 43.47
N SER A 1324 19.75 -1.94 42.43
CA SER A 1324 18.64 -2.66 41.82
C SER A 1324 19.13 -3.92 41.11
N HIS A 1325 18.21 -4.84 40.81
CA HIS A 1325 18.51 -6.09 40.15
C HIS A 1325 19.31 -5.88 38.88
N ALA A 1326 20.45 -6.58 38.78
CA ALA A 1326 21.36 -6.43 37.65
C ALA A 1326 21.97 -7.75 37.18
N VAL A 1327 22.11 -7.92 35.86
CA VAL A 1327 22.68 -9.12 35.26
C VAL A 1327 24.18 -8.99 35.24
N MET A 1328 24.88 -9.99 35.73
CA MET A 1328 26.34 -10.00 35.74
C MET A 1328 26.88 -10.94 34.67
N ASP A 1329 27.57 -10.36 33.69
CA ASP A 1329 28.12 -11.11 32.55
C ASP A 1329 29.63 -11.20 32.57
N ILE A 1330 30.16 -12.39 32.31
CA ILE A 1330 31.60 -12.62 32.23
C ILE A 1330 31.89 -13.28 30.91
N SER A 1331 32.71 -12.64 30.08
CA SER A 1331 33.07 -13.20 28.78
C SER A 1331 34.31 -14.05 28.87
N LEU A 1332 34.16 -15.35 28.61
CA LEU A 1332 35.28 -16.27 28.62
C LEU A 1332 35.94 -16.24 27.25
N PRO A 1333 37.29 -16.20 27.20
CA PRO A 1333 38.03 -16.19 25.94
C PRO A 1333 37.74 -17.46 25.15
N THR A 1334 37.83 -17.36 23.82
CA THR A 1334 37.52 -18.48 22.94
C THR A 1334 38.36 -19.70 23.26
N GLY A 1335 37.71 -20.85 23.49
CA GLY A 1335 38.37 -22.10 23.83
C GLY A 1335 38.50 -22.29 25.36
N ILE A 1336 37.81 -21.46 26.15
CA ILE A 1336 37.86 -21.55 27.60
C ILE A 1336 36.46 -21.69 28.15
N SER A 1337 36.25 -22.71 28.99
CA SER A 1337 34.97 -22.97 29.65
C SER A 1337 35.13 -22.99 31.17
N ALA A 1338 34.03 -22.81 31.90
CA ALA A 1338 34.05 -22.83 33.35
C ALA A 1338 33.32 -24.04 33.92
N ASN A 1339 33.73 -24.49 35.11
CA ASN A 1339 33.13 -25.65 35.76
C ASN A 1339 31.76 -25.33 36.37
N GLU A 1340 30.71 -26.03 35.91
CA GLU A 1340 29.35 -25.84 36.39
C GLU A 1340 29.17 -26.36 37.81
N GLU A 1341 29.83 -27.47 38.14
CA GLU A 1341 29.76 -28.07 39.48
C GLU A 1341 30.31 -27.12 40.54
N ASP A 1342 31.27 -26.27 40.14
CA ASP A 1342 31.86 -25.26 41.02
C ASP A 1342 30.91 -24.05 41.05
N LEU A 1343 30.17 -23.83 39.96
CA LEU A 1343 29.24 -22.72 39.87
C LEU A 1343 27.91 -23.02 40.54
N LYS A 1344 27.61 -24.31 40.75
CA LYS A 1344 26.37 -24.73 41.40
C LYS A 1344 26.30 -24.32 42.86
N ALA A 1345 27.46 -24.14 43.51
CA ALA A 1345 27.55 -23.78 44.92
C ALA A 1345 26.83 -22.47 45.23
N LEU A 1346 26.80 -21.55 44.25
CA LEU A 1346 26.14 -20.25 44.39
C LEU A 1346 24.62 -20.41 44.47
N VAL A 1347 24.08 -21.36 43.71
CA VAL A 1347 22.65 -21.64 43.69
C VAL A 1347 22.24 -22.50 44.88
N GLU A 1348 23.04 -23.54 45.16
CA GLU A 1348 22.76 -24.51 46.22
C GLU A 1348 22.78 -23.90 47.62
N GLY A 1349 23.57 -22.82 47.81
CA GLY A 1349 23.77 -22.14 49.10
C GLY A 1349 22.48 -21.78 49.82
N VAL A 1350 22.46 -21.99 51.15
CA VAL A 1350 21.35 -21.65 52.05
C VAL A 1350 21.09 -20.14 51.95
N ASP A 1351 22.16 -19.33 52.04
CA ASP A 1351 22.12 -17.89 51.85
C ASP A 1351 22.29 -17.66 50.35
N GLN A 1352 21.24 -17.15 49.70
CA GLN A 1352 21.23 -16.97 48.26
C GLN A 1352 21.49 -15.55 47.78
N LEU A 1353 22.68 -15.34 47.21
CA LEU A 1353 23.06 -14.05 46.67
C LEU A 1353 22.77 -14.03 45.17
N PHE A 1354 22.48 -15.20 44.60
CA PHE A 1354 22.23 -15.34 43.16
C PHE A 1354 21.06 -16.23 42.87
N THR A 1355 20.12 -15.74 42.06
CA THR A 1355 18.92 -16.50 41.73
C THR A 1355 19.17 -17.61 40.72
N ASP A 1356 19.85 -17.28 39.62
CA ASP A 1356 20.10 -18.22 38.53
C ASP A 1356 21.43 -17.98 37.85
N TYR A 1357 21.95 -19.01 37.19
CA TYR A 1357 23.19 -18.93 36.42
C TYR A 1357 22.96 -19.58 35.07
N GLN A 1358 23.68 -19.14 34.04
CA GLN A 1358 23.50 -19.70 32.70
C GLN A 1358 24.71 -19.44 31.83
N ILE A 1359 24.86 -20.23 30.77
CA ILE A 1359 25.92 -20.09 29.79
C ILE A 1359 25.31 -19.91 28.40
N LYS A 1360 25.49 -18.72 27.81
CA LYS A 1360 24.90 -18.39 26.52
C LYS A 1360 25.91 -17.72 25.61
N ASP A 1361 26.03 -18.20 24.36
CA ASP A 1361 26.93 -17.64 23.34
C ASP A 1361 28.39 -17.61 23.81
N GLY A 1362 28.78 -18.56 24.67
CA GLY A 1362 30.13 -18.64 25.20
C GLY A 1362 30.38 -17.62 26.30
N HIS A 1363 29.30 -17.16 26.96
CA HIS A 1363 29.39 -16.20 28.04
C HIS A 1363 28.80 -16.79 29.31
N VAL A 1364 29.17 -16.23 30.47
CA VAL A 1364 28.66 -16.66 31.76
C VAL A 1364 27.60 -15.65 32.22
N ILE A 1365 26.36 -16.10 32.38
CA ILE A 1365 25.26 -15.25 32.83
C ILE A 1365 24.77 -15.63 34.20
N LEU A 1366 24.84 -14.70 35.14
CA LEU A 1366 24.32 -14.92 36.48
C LEU A 1366 23.68 -13.64 37.00
N GLN A 1367 22.42 -13.72 37.44
CA GLN A 1367 21.67 -12.57 37.89
C GLN A 1367 21.80 -12.33 39.39
N LEU A 1368 22.10 -11.09 39.77
CA LEU A 1368 22.25 -10.70 41.17
C LEU A 1368 21.12 -9.76 41.60
N ASN A 1369 20.48 -10.06 42.75
CA ASN A 1369 19.38 -9.24 43.27
C ASN A 1369 19.82 -7.84 43.69
N SER A 1370 20.86 -7.74 44.52
CA SER A 1370 21.33 -6.45 44.98
C SER A 1370 22.84 -6.37 45.03
N ILE A 1371 23.41 -5.30 44.50
CA ILE A 1371 24.86 -5.05 44.51
C ILE A 1371 25.18 -4.14 45.70
N PRO A 1372 26.02 -4.64 46.63
CA PRO A 1372 26.37 -3.89 47.84
C PRO A 1372 27.03 -2.56 47.55
N SER A 1373 26.53 -1.49 48.20
CA SER A 1373 27.09 -0.15 48.06
C SER A 1373 28.30 0.03 48.97
N SER A 1374 28.29 -0.66 50.12
CA SER A 1374 29.35 -0.58 51.11
C SER A 1374 30.67 -1.20 50.64
N ASP A 1375 30.62 -2.45 50.19
CA ASP A 1375 31.80 -3.18 49.76
C ASP A 1375 31.61 -3.91 48.44
N PHE A 1376 32.70 -4.40 47.87
CA PHE A 1376 32.68 -5.13 46.61
C PHE A 1376 32.27 -6.58 46.84
N LEU A 1377 31.27 -7.05 46.07
CA LEU A 1377 30.81 -8.43 46.16
C LEU A 1377 31.59 -9.35 45.24
N CYS A 1378 32.29 -10.33 45.81
CA CYS A 1378 33.16 -11.21 45.06
C CYS A 1378 32.50 -12.46 44.54
N VAL A 1379 32.91 -12.89 43.34
CA VAL A 1379 32.44 -14.11 42.72
C VAL A 1379 33.63 -14.94 42.26
N ARG A 1380 33.78 -16.15 42.80
CA ARG A 1380 34.90 -17.02 42.47
C ARG A 1380 34.45 -18.26 41.71
N PHE A 1381 35.20 -18.62 40.66
CA PHE A 1381 34.94 -19.83 39.87
C PHE A 1381 36.20 -20.35 39.23
N ARG A 1382 36.27 -21.68 39.02
CA ARG A 1382 37.40 -22.34 38.38
C ARG A 1382 37.11 -22.62 36.91
N ILE A 1383 38.12 -22.51 36.06
CA ILE A 1383 37.96 -22.69 34.61
C ILE A 1383 38.77 -23.85 34.02
N PHE A 1384 38.20 -24.47 32.97
CA PHE A 1384 38.85 -25.55 32.23
C PHE A 1384 39.03 -25.07 30.80
N GLU A 1385 40.28 -24.94 30.38
CA GLU A 1385 40.60 -24.41 29.07
C GLU A 1385 41.27 -25.42 28.19
N LEU A 1386 40.84 -25.50 26.92
CA LEU A 1386 41.44 -26.40 25.96
C LEU A 1386 42.15 -25.70 24.83
N PHE A 1387 43.50 -25.66 24.94
CA PHE A 1387 44.46 -25.18 23.95
C PHE A 1387 44.03 -23.96 23.12
N GLU A 1388 44.21 -24.05 21.78
CA GLU A 1388 43.88 -23.01 20.79
C GLU A 1388 44.64 -21.70 21.13
N VAL A 1389 44.31 -20.54 20.57
CA VAL A 1389 43.49 -20.20 19.41
C VAL A 1389 44.46 -19.49 18.46
N GLY A 1390 43.96 -19.07 17.29
CA GLY A 1390 44.73 -18.28 16.32
C GLY A 1390 45.01 -16.93 16.97
N PHE A 1391 43.97 -16.28 17.44
CA PHE A 1391 44.05 -15.04 18.21
C PHE A 1391 42.95 -15.02 19.25
N LEU A 1392 43.30 -14.69 20.49
CA LEU A 1392 42.29 -14.62 21.55
C LEU A 1392 41.54 -13.31 21.47
N SER A 1393 40.22 -13.40 21.35
CA SER A 1393 39.39 -12.19 21.33
C SER A 1393 39.38 -11.62 22.75
N PRO A 1394 39.54 -10.27 22.88
CA PRO A 1394 39.56 -9.60 24.18
C PRO A 1394 38.37 -10.00 25.04
N ALA A 1395 38.66 -10.45 26.27
CA ALA A 1395 37.63 -10.88 27.21
C ALA A 1395 37.09 -9.70 27.98
N THR A 1396 35.76 -9.62 28.07
CA THR A 1396 35.09 -8.49 28.70
C THR A 1396 34.31 -8.86 29.95
N PHE A 1397 34.43 -8.03 30.98
CA PHE A 1397 33.68 -8.21 32.20
C PHE A 1397 32.66 -7.07 32.27
N THR A 1398 31.38 -7.41 32.15
CA THR A 1398 30.32 -6.39 32.15
C THR A 1398 29.19 -6.65 33.14
N VAL A 1399 28.59 -5.58 33.66
CA VAL A 1399 27.45 -5.64 34.59
C VAL A 1399 26.44 -4.53 34.25
N TYR A 1400 25.16 -4.89 34.19
CA TYR A 1400 24.10 -3.95 33.83
C TYR A 1400 22.81 -4.25 34.55
N GLU A 1401 22.05 -3.21 34.91
CA GLU A 1401 20.74 -3.36 35.56
C GLU A 1401 19.74 -3.86 34.53
N TYR A 1402 18.99 -4.91 34.87
CA TYR A 1402 18.04 -5.54 33.96
C TYR A 1402 16.96 -4.61 33.50
N HIS A 1403 16.65 -3.59 34.30
CA HIS A 1403 15.65 -2.58 33.98
C HIS A 1403 16.09 -1.75 32.78
N ARG A 1404 17.31 -1.18 32.83
CA ARG A 1404 17.85 -0.42 31.71
C ARG A 1404 19.09 -1.09 31.11
N PRO A 1405 18.94 -1.74 29.94
CA PRO A 1405 20.07 -2.36 29.23
C PRO A 1405 20.93 -1.30 28.54
N ASP A 1406 20.40 -0.07 28.41
CA ASP A 1406 21.05 1.07 27.74
C ASP A 1406 22.51 1.26 28.13
N LYS A 1407 22.77 1.43 29.44
CA LYS A 1407 24.10 1.67 29.95
C LYS A 1407 24.74 0.45 30.60
N GLN A 1408 25.88 0.01 30.05
CA GLN A 1408 26.60 -1.15 30.53
C GLN A 1408 28.06 -0.86 30.76
N CYS A 1409 28.54 -1.12 31.99
CA CYS A 1409 29.94 -0.93 32.40
C CYS A 1409 30.74 -2.12 31.90
N THR A 1410 31.72 -1.90 31.04
CA THR A 1410 32.53 -2.99 30.47
C THR A 1410 34.02 -2.76 30.68
N MET A 1411 34.73 -3.82 31.07
CA MET A 1411 36.17 -3.76 31.29
C MET A 1411 36.85 -4.99 30.73
N PHE A 1412 37.95 -4.79 30.01
CA PHE A 1412 38.71 -5.88 29.41
C PHE A 1412 39.57 -6.60 30.42
N TYR A 1413 39.84 -7.88 30.17
CA TYR A 1413 40.71 -8.68 31.02
C TYR A 1413 41.38 -9.79 30.23
N SER A 1414 42.54 -10.23 30.69
CA SER A 1414 43.26 -11.30 30.03
C SER A 1414 43.69 -12.32 31.07
N THR A 1415 43.52 -13.60 30.73
CA THR A 1415 43.90 -14.69 31.61
C THR A 1415 45.43 -14.79 31.73
N SER A 1416 46.13 -14.58 30.61
CA SER A 1416 47.58 -14.63 30.56
C SER A 1416 48.20 -13.49 31.35
N ASN A 1417 49.41 -13.71 31.85
CA ASN A 1417 50.17 -12.74 32.64
C ASN A 1417 50.48 -11.51 31.81
N ILE A 1418 50.51 -10.36 32.46
CA ILE A 1418 50.78 -9.07 31.81
C ILE A 1418 52.25 -8.71 31.81
N LYS A 1419 52.87 -8.74 30.61
CA LYS A 1419 54.29 -8.40 30.45
C LYS A 1419 54.46 -6.90 30.44
N ILE A 1420 53.64 -6.19 29.67
CA ILE A 1420 53.69 -4.73 29.59
C ILE A 1420 52.57 -4.14 30.44
N GLN A 1421 52.91 -3.15 31.28
CA GLN A 1421 51.93 -2.55 32.18
C GLN A 1421 52.12 -1.05 32.33
N LYS A 1422 51.17 -0.39 33.00
CA LYS A 1422 51.20 1.01 33.34
C LYS A 1422 51.33 2.00 32.17
N VAL A 1423 50.26 2.12 31.41
CA VAL A 1423 50.18 3.05 30.30
C VAL A 1423 49.31 4.26 30.68
N CYS A 1424 49.95 5.41 30.84
CA CYS A 1424 49.31 6.65 31.28
C CYS A 1424 48.71 7.45 30.12
N GLU A 1425 47.54 8.02 30.33
CA GLU A 1425 46.87 8.85 29.33
C GLU A 1425 47.44 10.27 29.28
N GLY A 1426 47.81 10.79 30.46
CA GLY A 1426 48.36 12.14 30.61
C GLY A 1426 49.76 12.26 30.05
N ALA A 1427 50.68 11.40 30.50
CA ALA A 1427 52.09 11.42 30.09
C ALA A 1427 52.42 10.53 28.90
N ALA A 1428 51.41 9.81 28.37
CA ALA A 1428 51.54 8.95 27.20
C ALA A 1428 52.63 7.88 27.29
N CYS A 1429 52.58 7.06 28.36
CA CYS A 1429 53.52 5.93 28.58
C CYS A 1429 53.40 5.00 27.36
N LYS A 1430 54.50 4.51 26.77
CA LYS A 1430 55.89 4.58 27.22
C LYS A 1430 56.18 3.77 28.48
N CYS A 1431 55.90 2.47 28.41
CA CYS A 1431 56.20 1.44 29.40
C CYS A 1431 57.73 1.38 29.60
N VAL A 1432 58.27 1.12 30.82
CA VAL A 1432 57.62 0.75 32.09
C VAL A 1432 57.10 -0.68 32.06
N GLU A 1433 58.03 -1.64 32.12
CA GLU A 1433 57.74 -3.07 32.18
C GLU A 1433 57.06 -3.42 33.52
N ALA A 1434 56.27 -4.49 33.53
CA ALA A 1434 55.52 -4.93 34.71
C ALA A 1434 56.37 -5.58 35.78
N ASP A 1435 57.46 -6.25 35.40
CA ASP A 1435 58.34 -6.96 36.34
C ASP A 1435 58.92 -6.08 37.43
N CYS A 1436 59.09 -6.65 38.62
CA CYS A 1436 59.60 -5.96 39.79
C CYS A 1436 61.06 -6.22 40.10
N GLY A 1437 61.80 -5.15 40.43
CA GLY A 1437 63.22 -5.22 40.80
C GLY A 1437 63.41 -5.19 42.30
N GLN A 1438 64.66 -5.15 42.74
CA GLN A 1438 64.99 -5.12 44.16
C GLN A 1438 66.25 -4.32 44.42
N MET A 1439 66.26 -3.64 45.57
CA MET A 1439 67.40 -2.83 45.99
C MET A 1439 68.30 -3.62 46.91
N GLN A 1440 69.62 -3.48 46.74
CA GLN A 1440 70.61 -4.12 47.59
C GLN A 1440 70.52 -3.58 49.00
N GLU A 1441 70.85 -4.41 49.98
CA GLU A 1441 70.78 -4.06 51.39
C GLU A 1441 71.74 -2.94 51.77
N GLU A 1442 71.36 -2.17 52.80
CA GLU A 1442 72.16 -1.04 53.26
C GLU A 1442 73.46 -1.49 53.91
N LEU A 1443 74.57 -0.91 53.41
CA LEU A 1443 75.91 -1.16 53.89
C LEU A 1443 76.28 -2.61 53.90
N ASP A 1444 75.99 -3.32 52.80
CA ASP A 1444 76.36 -4.73 52.68
C ASP A 1444 77.86 -4.79 52.56
N LEU A 1445 78.53 -5.41 53.54
CA LEU A 1445 79.97 -5.47 53.59
C LEU A 1445 80.54 -6.33 52.50
N THR A 1446 81.31 -5.68 51.59
CA THR A 1446 81.95 -6.33 50.44
C THR A 1446 80.92 -7.13 49.64
N ILE A 1447 81.27 -8.39 49.30
CA ILE A 1447 80.46 -9.39 48.63
C ILE A 1447 79.49 -8.85 47.54
N SER A 1448 80.02 -8.39 46.38
CA SER A 1448 81.43 -8.38 46.03
C SER A 1448 81.72 -7.20 45.13
N ALA A 1449 82.98 -6.80 45.06
CA ALA A 1449 83.38 -5.69 44.21
C ALA A 1449 83.48 -6.12 42.75
N GLU A 1450 83.77 -7.40 42.54
CA GLU A 1450 83.94 -7.96 41.20
C GLU A 1450 82.60 -8.16 40.50
N THR A 1451 81.55 -8.47 41.27
CA THR A 1451 80.20 -8.74 40.74
C THR A 1451 79.55 -7.53 40.08
N ARG A 1452 79.91 -6.32 40.53
CA ARG A 1452 79.34 -5.07 40.01
C ARG A 1452 79.75 -4.82 38.56
N LYS A 1453 80.99 -5.18 38.20
CA LYS A 1453 81.52 -5.02 36.86
C LYS A 1453 80.78 -5.94 35.89
N GLN A 1454 80.46 -7.15 36.34
CA GLN A 1454 79.76 -8.15 35.54
C GLN A 1454 78.33 -7.69 35.24
N THR A 1455 77.69 -7.02 36.23
CA THR A 1455 76.32 -6.55 36.10
C THR A 1455 76.25 -5.33 35.18
N ALA A 1456 77.25 -4.45 35.26
CA ALA A 1456 77.28 -3.23 34.48
C ALA A 1456 77.64 -3.46 33.01
N CYS A 1457 78.49 -4.46 32.75
CA CYS A 1457 78.94 -4.83 31.39
C CYS A 1457 77.84 -5.56 30.60
N LYS A 1458 76.72 -5.88 31.25
CA LYS A 1458 75.60 -6.56 30.60
C LYS A 1458 75.02 -5.69 29.47
N PRO A 1459 74.87 -6.27 28.25
CA PRO A 1459 74.33 -5.57 27.09
C PRO A 1459 72.96 -4.98 27.34
N GLU A 1460 72.16 -5.64 28.20
CA GLU A 1460 70.84 -5.17 28.57
C GLU A 1460 70.92 -3.93 29.45
N ILE A 1461 71.98 -3.86 30.28
CA ILE A 1461 72.22 -2.73 31.17
C ILE A 1461 72.88 -1.61 30.38
N ALA A 1462 72.22 -0.46 30.32
CA ALA A 1462 72.74 0.67 29.58
C ALA A 1462 73.34 1.74 30.47
N TYR A 1463 72.51 2.38 31.31
CA TYR A 1463 72.97 3.45 32.17
C TYR A 1463 73.39 3.02 33.55
N ALA A 1464 74.69 3.10 33.84
CA ALA A 1464 75.27 2.80 35.16
C ALA A 1464 75.95 4.07 35.66
N TYR A 1465 75.38 4.69 36.69
CA TYR A 1465 75.84 5.98 37.22
C TYR A 1465 75.46 6.26 38.68
N LYS A 1466 76.15 7.23 39.30
CA LYS A 1466 75.91 7.62 40.69
C LYS A 1466 74.97 8.80 40.73
N VAL A 1467 73.85 8.64 41.42
CA VAL A 1467 72.84 9.69 41.53
C VAL A 1467 72.46 9.99 42.98
N SER A 1468 71.87 11.16 43.21
CA SER A 1468 71.41 11.55 44.52
C SER A 1468 69.96 12.02 44.45
N ILE A 1469 69.05 11.25 45.05
CA ILE A 1469 67.63 11.56 45.07
C ILE A 1469 67.33 12.87 45.82
N THR A 1470 66.53 13.75 45.20
CA THR A 1470 66.15 15.03 45.77
C THR A 1470 64.68 15.06 46.19
N SER A 1471 63.77 15.00 45.22
CA SER A 1471 62.34 15.10 45.49
C SER A 1471 61.58 13.85 45.10
N ILE A 1472 60.47 13.58 45.80
CA ILE A 1472 59.60 12.42 45.54
C ILE A 1472 58.12 12.79 45.47
N THR A 1473 57.49 12.51 44.33
CA THR A 1473 56.06 12.78 44.16
C THR A 1473 55.37 11.43 44.09
N VAL A 1474 54.64 11.08 45.15
CA VAL A 1474 53.96 9.81 45.27
C VAL A 1474 52.86 9.56 44.25
N GLU A 1475 52.93 8.38 43.58
CA GLU A 1475 51.93 7.84 42.68
C GLU A 1475 51.41 8.85 41.59
N ASN A 1476 50.21 8.70 40.97
CA ASN A 1476 49.35 7.55 40.85
C ASN A 1476 49.31 7.12 39.38
N VAL A 1477 50.11 6.10 39.00
CA VAL A 1477 51.12 5.51 39.86
C VAL A 1477 52.46 5.78 39.19
N PHE A 1478 53.22 6.71 39.75
CA PHE A 1478 54.45 7.18 39.13
C PHE A 1478 55.68 7.01 39.99
N VAL A 1479 55.75 7.73 41.13
CA VAL A 1479 56.92 7.79 42.00
C VAL A 1479 58.07 8.38 41.16
N LYS A 1480 57.96 9.68 40.84
CA LYS A 1480 58.88 10.40 39.96
C LYS A 1480 60.35 10.26 40.27
N TYR A 1481 60.71 10.31 41.57
CA TYR A 1481 62.10 10.17 42.02
C TYR A 1481 63.00 11.23 41.39
N LYS A 1482 62.85 12.48 41.78
CA LYS A 1482 63.69 13.56 41.27
C LYS A 1482 65.11 13.41 41.86
N ALA A 1483 66.12 13.24 40.99
CA ALA A 1483 67.49 13.00 41.44
C ALA A 1483 68.51 14.00 40.94
N THR A 1484 69.79 13.76 41.21
CA THR A 1484 70.90 14.63 40.76
C THR A 1484 72.06 13.74 40.42
N LEU A 1485 72.72 14.00 39.29
CA LEU A 1485 73.85 13.17 38.86
C LEU A 1485 75.20 13.66 39.38
N LEU A 1486 75.84 12.87 40.23
CA LEU A 1486 77.14 13.26 40.75
C LEU A 1486 78.24 12.85 39.79
N ASP A 1487 78.20 11.60 39.33
CA ASP A 1487 79.20 11.06 38.41
C ASP A 1487 78.61 10.02 37.47
N ILE A 1488 79.26 9.80 36.32
CA ILE A 1488 78.82 8.85 35.29
C ILE A 1488 79.95 7.92 34.90
N TYR A 1489 79.59 6.71 34.45
CA TYR A 1489 80.54 5.69 33.99
C TYR A 1489 80.14 5.28 32.58
N LYS A 1490 79.00 4.61 32.46
CA LYS A 1490 78.32 4.31 31.21
C LYS A 1490 76.83 4.41 31.56
N THR A 1491 76.09 5.45 31.13
CA THR A 1491 76.45 6.59 30.28
C THR A 1491 76.79 6.26 28.82
N GLY A 1492 76.20 5.16 28.30
CA GLY A 1492 76.31 4.82 26.90
C GLY A 1492 75.32 5.72 26.15
N GLU A 1493 75.18 5.47 24.85
CA GLU A 1493 74.27 6.23 23.99
C GLU A 1493 72.80 6.06 24.45
N ALA A 1494 71.91 7.03 24.20
CA ALA A 1494 72.24 8.28 23.52
C ALA A 1494 72.41 9.46 24.48
N VAL A 1495 72.20 9.24 25.78
CA VAL A 1495 72.26 10.31 26.78
C VAL A 1495 73.66 10.88 27.00
N ALA A 1496 73.76 11.96 27.78
CA ALA A 1496 75.02 12.64 27.99
C ALA A 1496 75.09 13.51 29.27
N GLU A 1497 76.10 14.39 29.30
CA GLU A 1497 76.40 15.39 30.33
C GLU A 1497 76.50 14.92 31.77
N LYS A 1498 76.16 15.81 32.71
CA LYS A 1498 76.28 15.60 34.14
C LYS A 1498 75.49 16.66 34.89
N ASP A 1499 75.21 16.42 36.19
CA ASP A 1499 74.44 17.31 37.06
C ASP A 1499 73.13 17.72 36.42
N SER A 1500 72.57 16.85 35.57
CA SER A 1500 71.38 17.13 34.80
C SER A 1500 70.12 17.07 35.63
N GLU A 1501 70.20 16.44 36.80
CA GLU A 1501 69.05 16.27 37.68
C GLU A 1501 67.88 15.61 36.95
N ILE A 1502 68.07 14.33 36.58
CA ILE A 1502 67.07 13.56 35.89
C ILE A 1502 66.19 12.75 36.86
N THR A 1503 65.11 12.16 36.35
CA THR A 1503 64.16 11.39 37.15
C THR A 1503 63.91 10.00 36.59
N PHE A 1504 63.49 9.08 37.45
CA PHE A 1504 63.14 7.72 37.06
C PHE A 1504 61.93 7.25 37.83
N ILE A 1505 60.93 6.74 37.11
CA ILE A 1505 59.66 6.31 37.70
C ILE A 1505 59.56 4.82 37.94
N LYS A 1506 58.89 4.43 39.02
CA LYS A 1506 58.69 3.03 39.37
C LYS A 1506 57.32 2.84 40.00
N LYS A 1507 56.65 1.74 39.66
CA LYS A 1507 55.32 1.42 40.20
C LYS A 1507 55.41 1.20 41.71
N VAL A 1508 54.36 1.59 42.44
CA VAL A 1508 54.30 1.47 43.90
C VAL A 1508 54.17 0.03 44.38
N THR A 1509 53.90 -0.90 43.46
CA THR A 1509 53.76 -2.31 43.78
C THR A 1509 55.05 -2.92 44.34
N CYS A 1510 56.19 -2.25 44.10
CA CYS A 1510 57.49 -2.68 44.60
C CYS A 1510 57.86 -1.86 45.82
N THR A 1511 57.77 -2.47 47.00
CA THR A 1511 58.11 -1.78 48.25
C THR A 1511 59.57 -2.02 48.63
N ASN A 1512 60.22 -2.94 47.92
CA ASN A 1512 61.61 -3.30 48.19
C ASN A 1512 62.61 -2.32 47.59
N ALA A 1513 62.19 -1.57 46.57
CA ALA A 1513 63.05 -0.62 45.88
C ALA A 1513 62.95 0.80 46.41
N GLU A 1514 62.19 0.99 47.52
CA GLU A 1514 61.98 2.29 48.14
C GLU A 1514 63.29 3.01 48.46
N LEU A 1515 63.43 4.26 47.98
CA LEU A 1515 64.62 5.07 48.17
C LEU A 1515 64.41 6.17 49.21
N VAL A 1516 65.47 6.43 49.99
CA VAL A 1516 65.44 7.44 51.03
C VAL A 1516 65.80 8.78 50.44
N LYS A 1517 65.00 9.80 50.75
CA LYS A 1517 65.22 11.14 50.25
C LYS A 1517 66.51 11.73 50.82
N GLY A 1518 67.41 12.17 49.94
CA GLY A 1518 68.67 12.80 50.34
C GLY A 1518 69.86 11.85 50.30
N ARG A 1519 69.60 10.55 50.38
CA ARG A 1519 70.67 9.53 50.35
C ARG A 1519 71.04 9.18 48.91
N GLN A 1520 72.34 9.23 48.59
CA GLN A 1520 72.79 8.94 47.23
C GLN A 1520 72.90 7.45 46.97
N TYR A 1521 72.28 7.00 45.88
CA TYR A 1521 72.28 5.60 45.49
C TYR A 1521 72.95 5.41 44.13
N LEU A 1522 73.77 4.37 43.99
CA LEU A 1522 74.37 4.02 42.70
C LEU A 1522 73.35 3.20 41.92
N ILE A 1523 72.97 3.67 40.73
CA ILE A 1523 71.95 3.02 39.93
C ILE A 1523 72.44 2.56 38.58
N MET A 1524 72.21 1.29 38.26
CA MET A 1524 72.56 0.73 36.97
C MET A 1524 71.32 0.07 36.41
N GLY A 1525 70.83 0.53 35.26
CA GLY A 1525 69.60 -0.01 34.70
C GLY A 1525 69.48 0.05 33.17
N LYS A 1526 68.31 -0.33 32.67
CA LYS A 1526 68.01 -0.40 31.24
C LYS A 1526 68.02 0.95 30.56
N GLU A 1527 68.12 0.94 29.23
CA GLU A 1527 68.10 2.17 28.43
C GLU A 1527 66.88 3.05 28.71
N ALA A 1528 67.07 4.37 28.72
CA ALA A 1528 66.00 5.33 29.00
C ALA A 1528 64.97 5.37 27.91
N LEU A 1529 63.70 5.43 28.31
CA LEU A 1529 62.59 5.56 27.37
C LEU A 1529 62.64 6.96 26.73
N GLN A 1530 62.08 7.10 25.52
CA GLN A 1530 62.10 8.39 24.84
C GLN A 1530 60.84 9.21 25.02
N ILE A 1531 61.02 10.52 25.09
CA ILE A 1531 59.98 11.54 25.19
C ILE A 1531 58.93 11.36 26.29
N LYS A 1532 57.74 11.90 26.04
CA LYS A 1532 56.59 11.97 26.93
C LYS A 1532 55.52 12.78 26.21
N TYR A 1533 54.43 13.15 26.93
CA TYR A 1533 53.41 14.07 26.44
C TYR A 1533 54.11 15.34 25.94
N ASN A 1534 55.18 15.75 26.64
CA ASN A 1534 56.04 16.84 26.18
C ASN A 1534 56.92 16.31 25.07
N PHE A 1535 56.92 16.97 23.90
CA PHE A 1535 57.76 16.55 22.79
C PHE A 1535 59.24 16.81 23.09
N SER A 1536 59.52 17.74 24.02
CA SER A 1536 60.86 18.05 24.48
C SER A 1536 61.06 17.36 25.83
N PHE A 1537 62.27 16.83 26.09
CA PHE A 1537 62.59 16.07 27.30
C PHE A 1537 61.67 14.83 27.38
N ARG A 1538 61.86 13.82 26.51
CA ARG A 1538 63.03 13.47 25.69
C ARG A 1538 64.17 12.99 26.60
N TYR A 1539 64.13 11.68 26.90
CA TYR A 1539 65.01 10.93 27.80
C TYR A 1539 64.67 11.02 29.28
N ILE A 1540 63.60 10.30 29.69
CA ILE A 1540 63.24 10.04 31.08
C ILE A 1540 63.62 8.57 31.38
N TYR A 1541 64.05 8.24 32.60
CA TYR A 1541 64.55 6.90 32.94
C TYR A 1541 63.52 5.89 33.45
N PRO A 1542 63.57 4.63 32.95
CA PRO A 1542 62.61 3.58 33.26
C PRO A 1542 62.63 3.01 34.65
N LEU A 1543 63.83 2.73 35.19
CA LEU A 1543 63.99 2.10 36.51
C LEU A 1543 63.21 0.77 36.61
N ASP A 1544 63.43 -0.13 35.64
CA ASP A 1544 62.74 -1.43 35.56
C ASP A 1544 63.31 -2.49 36.50
N SER A 1545 62.86 -3.75 36.31
CA SER A 1545 63.31 -4.88 37.12
C SER A 1545 64.76 -5.21 36.88
N LEU A 1546 65.38 -5.88 37.86
CA LEU A 1546 66.78 -6.27 37.81
C LEU A 1546 67.74 -5.08 37.54
N THR A 1547 67.42 -3.92 38.14
CA THR A 1547 68.30 -2.77 38.09
C THR A 1547 69.16 -2.79 39.35
N TRP A 1548 70.42 -2.39 39.24
CA TRP A 1548 71.29 -2.39 40.39
C TRP A 1548 71.14 -1.11 41.17
N ILE A 1549 70.68 -1.20 42.41
CA ILE A 1549 70.50 -0.04 43.27
C ILE A 1549 71.17 -0.31 44.61
N GLU A 1550 72.21 0.46 44.95
CA GLU A 1550 72.95 0.25 46.18
C GLU A 1550 73.28 1.56 46.84
N TYR A 1551 73.14 1.63 48.18
CA TYR A 1551 73.42 2.84 48.93
C TYR A 1551 74.91 3.22 48.90
N TRP A 1552 75.21 4.44 48.46
CA TRP A 1552 76.58 4.92 48.44
C TRP A 1552 76.80 5.77 49.68
N PRO A 1553 77.72 5.35 50.56
CA PRO A 1553 77.99 6.07 51.81
C PRO A 1553 78.57 7.46 51.62
N ARG A 1554 78.01 8.42 52.32
CA ARG A 1554 78.51 9.78 52.29
C ARG A 1554 79.16 10.09 53.62
N ASP A 1555 78.36 10.02 54.71
CA ASP A 1555 78.78 10.27 56.09
C ASP A 1555 79.85 9.25 56.48
N THR A 1556 80.61 9.59 57.55
CA THR A 1556 81.68 8.77 58.11
C THR A 1556 81.37 7.28 58.09
N THR A 1557 82.23 6.41 57.54
CA THR A 1557 83.60 6.64 57.01
C THR A 1557 84.59 7.22 58.02
N CYS A 1558 85.01 6.44 59.01
CA CYS A 1558 84.72 5.02 59.13
C CYS A 1558 83.40 4.71 59.86
N SER A 1559 82.47 4.08 59.13
CA SER A 1559 81.13 3.67 59.59
C SER A 1559 81.15 2.23 60.04
N SER A 1560 82.35 1.67 60.15
CA SER A 1560 82.67 0.26 60.38
C SER A 1560 82.28 -0.54 59.11
N CYS A 1561 82.99 -0.34 57.99
CA CYS A 1561 84.09 0.62 57.85
C CYS A 1561 84.11 1.44 56.56
N GLN A 1562 85.18 2.23 56.40
CA GLN A 1562 85.46 3.08 55.25
C GLN A 1562 85.97 2.22 54.11
N ALA A 1563 86.47 1.00 54.41
CA ALA A 1563 87.01 0.04 53.43
C ALA A 1563 85.98 -0.37 52.38
N PHE A 1564 84.69 -0.33 52.74
CA PHE A 1564 83.61 -0.66 51.82
C PHE A 1564 83.52 0.34 50.67
N LEU A 1565 83.77 1.63 50.96
CA LEU A 1565 83.74 2.68 49.97
C LEU A 1565 84.83 2.47 48.93
N ALA A 1566 85.97 1.89 49.36
CA ALA A 1566 87.09 1.59 48.47
C ALA A 1566 86.69 0.49 47.50
N ASN A 1567 85.84 -0.45 47.92
CA ASN A 1567 85.35 -1.53 47.05
C ASN A 1567 84.43 -0.97 45.98
N LEU A 1568 83.70 0.11 46.30
CA LEU A 1568 82.82 0.76 45.33
C LEU A 1568 83.62 1.55 44.32
N ASP A 1569 84.72 2.17 44.77
CA ASP A 1569 85.57 3.00 43.92
C ASP A 1569 86.40 2.16 42.95
N GLU A 1570 86.75 0.94 43.33
CA GLU A 1570 87.51 0.03 42.50
C GLU A 1570 86.70 -0.33 41.25
N PHE A 1571 85.39 -0.63 41.43
CA PHE A 1571 84.49 -0.95 40.32
C PHE A 1571 84.37 0.25 39.39
N ALA A 1572 84.28 1.48 39.96
CA ALA A 1572 84.15 2.72 39.20
C ALA A 1572 85.37 2.95 38.32
N GLU A 1573 86.56 2.85 38.90
CA GLU A 1573 87.82 3.05 38.19
C GLU A 1573 88.08 1.97 37.16
N ASP A 1574 87.74 0.72 37.47
CA ASP A 1574 87.95 -0.39 36.57
C ASP A 1574 87.08 -0.26 35.34
N ILE A 1575 85.80 0.15 35.51
CA ILE A 1575 84.88 0.31 34.40
C ILE A 1575 85.16 1.58 33.62
N PHE A 1576 85.76 2.56 34.28
CA PHE A 1576 86.08 3.81 33.62
C PHE A 1576 87.33 3.67 32.77
N LEU A 1577 88.37 3.02 33.32
CA LEU A 1577 89.64 2.83 32.65
C LEU A 1577 89.54 1.88 31.46
N ASN A 1578 89.03 0.67 31.71
CA ASN A 1578 88.92 -0.37 30.69
C ASN A 1578 87.51 -0.44 30.15
N GLY A 1579 86.56 -0.84 30.99
CA GLY A 1579 85.17 -0.91 30.61
C GLY A 1579 84.80 -2.18 29.90
N CYS A 1580 83.59 -2.13 29.36
CA CYS A 1580 82.93 -3.21 28.65
C CYS A 1580 83.19 -3.17 27.15
N CYS B 1 -89.35 36.00 -59.62
CA CYS B 1 -88.28 35.93 -60.62
C CYS B 1 -87.77 34.49 -60.80
N PHE B 2 -87.15 34.23 -61.95
CA PHE B 2 -86.56 32.93 -62.25
C PHE B 2 -85.06 33.07 -62.10
N CYS B 3 -84.50 32.49 -61.02
CA CYS B 3 -83.08 32.57 -60.72
C CYS B 3 -82.26 31.78 -61.72
N ASP B 4 -82.86 30.71 -62.28
CA ASP B 4 -82.21 29.85 -63.25
C ASP B 4 -82.04 30.53 -64.62
N HIS B 5 -82.63 31.72 -64.78
CA HIS B 5 -82.52 32.50 -66.01
C HIS B 5 -81.06 32.90 -66.24
N TYR B 6 -80.36 33.25 -65.17
CA TYR B 6 -78.94 33.58 -65.23
C TYR B 6 -78.15 32.38 -64.74
N ALA B 7 -77.47 31.71 -65.67
CA ALA B 7 -76.75 30.47 -65.41
C ALA B 7 -75.56 30.63 -64.49
N TRP B 8 -75.22 29.56 -63.77
CA TRP B 8 -74.07 29.53 -62.89
C TRP B 8 -72.79 29.36 -63.72
N THR B 9 -71.67 29.81 -63.17
CA THR B 9 -70.37 29.58 -63.79
C THR B 9 -69.94 28.17 -63.40
N GLN B 10 -68.78 27.75 -63.88
CA GLN B 10 -68.24 26.44 -63.54
C GLN B 10 -67.55 26.48 -62.20
N TRP B 11 -67.51 25.32 -61.52
CA TRP B 11 -66.80 25.17 -60.26
C TRP B 11 -65.32 25.43 -60.56
N THR B 12 -64.71 26.36 -59.84
CA THR B 12 -63.30 26.72 -60.05
C THR B 12 -62.36 25.62 -59.64
N SER B 13 -61.05 25.82 -59.86
CA SER B 13 -60.04 24.86 -59.48
C SER B 13 -59.98 24.76 -57.96
N CYS B 14 -59.89 23.53 -57.45
CA CYS B 14 -59.82 23.26 -56.01
C CYS B 14 -58.59 23.94 -55.44
N SER B 15 -58.80 24.79 -54.41
CA SER B 15 -57.73 25.54 -53.76
C SER B 15 -56.60 24.61 -53.32
N LYS B 16 -56.95 23.52 -52.62
CA LYS B 16 -56.00 22.53 -52.18
C LYS B 16 -56.38 21.18 -52.75
N THR B 17 -55.49 20.56 -53.52
CA THR B 17 -55.74 19.27 -54.16
C THR B 17 -56.00 18.15 -53.15
N CYS B 18 -55.74 18.43 -51.88
CA CYS B 18 -55.97 17.51 -50.77
C CYS B 18 -56.12 18.28 -49.47
N ASN B 19 -56.40 17.56 -48.37
CA ASN B 19 -56.61 18.17 -47.04
C ASN B 19 -57.71 19.22 -47.00
N SER B 20 -58.88 18.87 -47.56
CA SER B 20 -60.07 19.72 -47.56
C SER B 20 -59.86 21.09 -48.18
N GLY B 21 -59.71 21.11 -49.50
CA GLY B 21 -59.60 22.36 -50.26
C GLY B 21 -60.99 22.92 -50.52
N THR B 22 -61.07 24.13 -51.07
CA THR B 22 -62.35 24.77 -51.35
C THR B 22 -62.44 25.26 -52.78
N GLN B 23 -63.66 25.26 -53.31
CA GLN B 23 -63.96 25.77 -54.64
C GLN B 23 -65.32 26.43 -54.65
N SER B 24 -65.53 27.39 -55.56
CA SER B 24 -66.78 28.12 -55.61
C SER B 24 -67.22 28.47 -57.02
N ARG B 25 -68.53 28.56 -57.22
CA ARG B 25 -69.13 28.97 -58.48
C ARG B 25 -70.12 30.10 -58.21
N HIS B 26 -70.48 30.84 -59.25
CA HIS B 26 -71.43 31.95 -59.12
C HIS B 26 -72.26 32.09 -60.38
N ARG B 27 -73.46 32.67 -60.25
CA ARG B 27 -74.32 32.92 -61.41
C ARG B 27 -73.69 34.02 -62.28
N GLN B 28 -73.96 33.99 -63.58
CA GLN B 28 -73.46 35.00 -64.53
C GLN B 28 -74.53 36.08 -64.64
N ILE B 29 -74.26 37.25 -64.06
CA ILE B 29 -75.22 38.33 -63.99
C ILE B 29 -74.78 39.58 -64.73
N VAL B 30 -75.58 39.96 -65.72
CA VAL B 30 -75.41 41.21 -66.46
C VAL B 30 -76.63 42.07 -66.14
N VAL B 31 -76.39 43.34 -65.78
CA VAL B 31 -77.48 44.24 -65.42
C VAL B 31 -78.34 44.54 -66.64
N ASP B 32 -79.64 44.24 -66.57
CA ASP B 32 -80.56 44.44 -67.69
C ASP B 32 -82.01 44.61 -67.25
N LYS B 33 -82.94 44.57 -68.21
CA LYS B 33 -84.36 44.71 -67.99
C LYS B 33 -84.94 43.67 -67.03
N TYR B 34 -84.88 42.37 -67.41
CA TYR B 34 -85.44 41.28 -66.62
C TYR B 34 -84.96 41.27 -65.17
N TYR B 35 -83.66 41.55 -64.96
CA TYR B 35 -83.05 41.56 -63.64
C TYR B 35 -83.72 42.55 -62.70
N GLN B 36 -83.64 43.85 -63.03
CA GLN B 36 -84.19 44.92 -62.20
C GLN B 36 -85.70 44.90 -62.09
N GLU B 37 -86.40 44.42 -63.14
CA GLU B 37 -87.87 44.35 -63.15
C GLU B 37 -88.42 43.28 -62.23
N ASN B 38 -87.87 42.08 -62.30
CA ASN B 38 -88.35 40.93 -61.55
C ASN B 38 -87.78 40.78 -60.16
N PHE B 39 -86.94 41.75 -59.73
CA PHE B 39 -86.29 41.75 -58.41
C PHE B 39 -85.46 40.49 -58.20
N CYS B 40 -84.61 40.17 -59.19
CA CYS B 40 -83.77 38.97 -59.16
C CYS B 40 -82.60 39.07 -58.18
N GLU B 41 -82.38 40.27 -57.63
CA GLU B 41 -81.30 40.50 -56.68
C GLU B 41 -81.62 39.95 -55.30
N GLN B 42 -82.82 40.24 -54.80
CA GLN B 42 -83.20 39.88 -53.44
C GLN B 42 -83.58 38.42 -53.22
N ILE B 43 -84.35 37.84 -54.14
CA ILE B 43 -84.88 36.48 -53.99
C ILE B 43 -84.04 35.36 -54.59
N CYS B 44 -82.87 35.69 -55.14
CA CYS B 44 -81.99 34.71 -55.77
C CYS B 44 -80.66 34.53 -55.08
N SER B 45 -80.13 33.29 -55.09
CA SER B 45 -78.83 32.97 -54.52
C SER B 45 -77.78 33.09 -55.63
N LYS B 46 -76.82 34.01 -55.47
CA LYS B 46 -75.82 34.29 -56.49
C LYS B 46 -74.50 33.52 -56.33
N GLN B 47 -74.36 32.75 -55.24
CA GLN B 47 -73.11 32.03 -54.98
C GLN B 47 -73.30 30.70 -54.27
N GLU B 48 -72.46 29.71 -54.63
CA GLU B 48 -72.42 28.40 -54.01
C GLU B 48 -70.97 28.00 -53.76
N THR B 49 -70.59 27.83 -52.49
CA THR B 49 -69.23 27.44 -52.11
C THR B 49 -69.24 26.05 -51.51
N ARG B 50 -68.27 25.22 -51.90
CA ARG B 50 -68.17 23.85 -51.39
C ARG B 50 -66.73 23.46 -51.11
N GLU B 51 -66.55 22.53 -50.17
CA GLU B 51 -65.23 22.00 -49.86
C GLU B 51 -64.94 20.87 -50.85
N CYS B 52 -63.72 20.85 -51.38
CA CYS B 52 -63.30 19.83 -52.34
C CYS B 52 -62.07 19.09 -51.90
N ASN B 53 -61.99 17.82 -52.26
CA ASN B 53 -60.85 16.94 -51.95
C ASN B 53 -60.54 16.87 -50.45
N TRP B 54 -61.56 16.53 -49.64
CA TRP B 54 -61.41 16.44 -48.19
C TRP B 54 -60.59 15.26 -47.73
N GLN B 55 -60.27 14.33 -48.64
CA GLN B 55 -59.43 13.18 -48.32
C GLN B 55 -58.04 13.71 -47.94
N ARG B 56 -57.51 13.21 -46.84
CA ARG B 56 -56.22 13.67 -46.34
C ARG B 56 -55.08 13.35 -47.28
N CYS B 57 -54.15 14.32 -47.47
CA CYS B 57 -52.99 14.11 -48.35
C CYS B 57 -52.23 12.89 -47.85
N PRO B 58 -51.91 11.95 -48.75
CA PRO B 58 -51.19 10.73 -48.38
C PRO B 58 -49.90 11.05 -47.62
N ILE B 59 -49.73 10.41 -46.47
CA ILE B 59 -48.56 10.64 -45.63
C ILE B 59 -47.49 9.63 -45.95
N ASN B 60 -46.37 10.08 -46.48
CA ASN B 60 -45.29 9.21 -46.88
C ASN B 60 -44.15 9.25 -45.89
N CYS B 61 -43.52 8.11 -45.65
CA CYS B 61 -42.39 8.02 -44.75
C CYS B 61 -41.17 8.65 -45.37
N LEU B 62 -40.56 9.58 -44.61
CA LEU B 62 -39.37 10.29 -45.06
C LEU B 62 -38.12 9.56 -44.63
N LEU B 63 -38.28 8.54 -43.75
CA LEU B 63 -37.18 7.74 -43.19
C LEU B 63 -36.12 8.65 -42.56
N GLY B 64 -34.83 8.42 -42.85
CA GLY B 64 -33.77 9.23 -42.29
C GLY B 64 -32.43 8.99 -42.95
N ASP B 65 -31.41 9.75 -42.51
CA ASP B 65 -30.06 9.63 -43.02
C ASP B 65 -29.39 8.34 -42.53
N PHE B 66 -28.51 7.79 -43.34
CA PHE B 66 -27.78 6.55 -43.07
C PHE B 66 -26.76 6.74 -41.97
N GLY B 67 -26.70 5.79 -41.05
CA GLY B 67 -25.75 5.81 -39.95
C GLY B 67 -24.41 5.18 -40.35
N PRO B 68 -23.31 5.59 -39.70
CA PRO B 68 -21.98 5.05 -39.99
C PRO B 68 -21.81 3.64 -39.41
N TRP B 69 -20.79 2.92 -39.88
CA TRP B 69 -20.52 1.57 -39.41
C TRP B 69 -19.39 1.58 -38.39
N SER B 70 -19.55 0.84 -37.30
CA SER B 70 -18.52 0.76 -36.25
C SER B 70 -18.67 -0.53 -35.45
N ASP B 71 -17.63 -0.84 -34.63
CA ASP B 71 -17.59 -1.95 -33.67
C ASP B 71 -18.10 -3.27 -34.25
N CYS B 72 -17.25 -3.97 -35.03
CA CYS B 72 -17.60 -5.20 -35.73
C CYS B 72 -18.28 -6.29 -34.87
N ASP B 73 -19.12 -7.12 -35.51
CA ASP B 73 -19.95 -8.17 -34.92
C ASP B 73 -19.37 -9.44 -34.35
N PRO B 74 -18.12 -9.85 -34.74
CA PRO B 74 -17.62 -11.21 -34.88
C PRO B 74 -18.51 -12.38 -34.54
N CYS B 75 -19.28 -12.24 -33.47
CA CYS B 75 -20.27 -13.24 -33.12
C CYS B 75 -21.21 -13.45 -34.30
N ILE B 76 -21.61 -12.36 -34.96
CA ILE B 76 -22.41 -12.43 -36.17
C ILE B 76 -21.53 -12.33 -37.42
N GLU B 77 -20.25 -11.93 -37.24
CA GLU B 77 -19.27 -11.76 -38.32
C GLU B 77 -19.76 -10.84 -39.43
N LYS B 78 -20.26 -9.64 -39.06
CA LYS B 78 -20.79 -8.64 -40.00
C LYS B 78 -20.67 -7.20 -39.52
N GLN B 79 -20.84 -6.24 -40.42
CA GLN B 79 -20.79 -4.82 -40.08
C GLN B 79 -22.12 -4.17 -40.44
N SER B 80 -22.86 -3.70 -39.43
CA SER B 80 -24.20 -3.17 -39.65
C SER B 80 -24.36 -1.69 -39.32
N LYS B 81 -25.35 -1.06 -39.98
CA LYS B 81 -25.74 0.33 -39.78
C LYS B 81 -27.25 0.38 -39.66
N VAL B 82 -27.80 1.48 -39.12
CA VAL B 82 -29.25 1.63 -38.99
C VAL B 82 -29.71 3.04 -39.31
N ARG B 83 -30.92 3.17 -39.88
CA ARG B 83 -31.52 4.44 -40.24
C ARG B 83 -32.78 4.70 -39.43
N SER B 84 -32.91 5.93 -38.89
CA SER B 84 -34.08 6.33 -38.12
C SER B 84 -35.24 6.65 -39.06
N VAL B 85 -36.47 6.51 -38.57
CA VAL B 85 -37.68 6.78 -39.37
C VAL B 85 -38.38 8.03 -38.92
N LEU B 86 -38.80 8.84 -39.88
CA LEU B 86 -39.49 10.10 -39.58
C LEU B 86 -40.78 10.16 -40.34
N ARG B 87 -41.82 10.71 -39.70
CA ARG B 87 -43.16 10.84 -40.27
C ARG B 87 -43.68 9.49 -40.84
N PRO B 88 -44.09 8.57 -39.94
CA PRO B 88 -44.63 7.28 -40.36
C PRO B 88 -45.86 7.48 -41.24
N SER B 89 -46.11 6.52 -42.15
CA SER B 89 -47.25 6.58 -43.05
C SER B 89 -48.57 6.53 -42.30
N GLN B 90 -49.57 7.23 -42.82
CA GLN B 90 -50.87 7.28 -42.16
C GLN B 90 -52.02 6.78 -43.04
N PHE B 91 -52.41 7.59 -44.02
CA PHE B 91 -53.55 7.31 -44.89
C PHE B 91 -53.21 6.44 -46.09
N GLY B 92 -51.90 6.30 -46.39
CA GLY B 92 -51.41 5.50 -47.52
C GLY B 92 -50.13 6.12 -48.05
N GLY B 93 -49.89 6.02 -49.36
CA GLY B 93 -48.72 6.63 -49.99
C GLY B 93 -47.45 5.77 -50.03
N GLN B 94 -47.61 4.45 -50.15
CA GLN B 94 -46.48 3.50 -50.26
C GLN B 94 -45.49 3.71 -49.11
N PRO B 95 -45.81 3.17 -47.91
CA PRO B 95 -45.02 3.33 -46.69
C PRO B 95 -43.55 2.96 -46.79
N CYS B 96 -42.81 3.22 -45.70
CA CYS B 96 -41.36 3.10 -45.61
C CYS B 96 -40.68 1.96 -46.33
N THR B 97 -41.04 0.69 -45.97
CA THR B 97 -40.35 -0.54 -46.43
C THR B 97 -38.84 -0.34 -46.25
N ALA B 98 -38.04 -0.57 -47.32
CA ALA B 98 -36.61 -0.30 -47.42
C ALA B 98 -35.87 -0.55 -46.09
N PRO B 99 -35.63 -1.86 -45.74
CA PRO B 99 -35.05 -2.30 -44.46
C PRO B 99 -34.08 -1.33 -43.79
N LEU B 100 -34.37 -1.00 -42.54
CA LEU B 100 -33.63 -0.03 -41.72
C LEU B 100 -32.18 -0.43 -41.46
N VAL B 101 -31.96 -1.68 -41.09
CA VAL B 101 -30.61 -2.17 -40.79
C VAL B 101 -30.01 -2.94 -41.94
N ALA B 102 -28.85 -2.48 -42.43
CA ALA B 102 -28.15 -3.16 -43.51
C ALA B 102 -26.87 -3.78 -43.01
N PHE B 103 -26.66 -5.05 -43.32
CA PHE B 103 -25.47 -5.78 -42.88
C PHE B 103 -24.40 -5.85 -43.96
N GLN B 104 -23.15 -5.72 -43.56
CA GLN B 104 -22.01 -5.78 -44.46
C GLN B 104 -20.94 -6.70 -43.88
N PRO B 105 -20.27 -7.50 -44.73
CA PRO B 105 -19.20 -8.39 -44.26
C PRO B 105 -17.99 -7.60 -43.73
N CYS B 106 -17.43 -8.02 -42.58
CA CYS B 106 -16.25 -7.38 -41.97
C CYS B 106 -15.21 -8.43 -41.57
N ILE B 107 -14.14 -7.97 -40.91
CA ILE B 107 -13.07 -8.81 -40.40
C ILE B 107 -13.18 -8.89 -38.87
N PRO B 108 -13.45 -10.10 -38.34
CA PRO B 108 -13.60 -10.30 -36.90
C PRO B 108 -12.32 -10.06 -36.10
N SER B 109 -12.41 -9.25 -35.04
CA SER B 109 -11.28 -9.00 -34.16
C SER B 109 -11.23 -10.03 -33.00
N LYS B 110 -12.40 -10.34 -32.42
CA LYS B 110 -12.54 -11.23 -31.26
C LYS B 110 -13.01 -12.63 -31.63
N LEU B 111 -13.10 -13.50 -30.63
CA LEU B 111 -13.50 -14.90 -30.82
C LEU B 111 -14.96 -15.15 -30.50
N CYS B 112 -15.74 -14.08 -30.20
CA CYS B 112 -17.15 -14.17 -29.82
C CYS B 112 -17.32 -15.02 -28.54
N LYS B 113 -16.59 -14.63 -27.51
CA LYS B 113 -16.70 -15.29 -26.23
C LYS B 113 -17.19 -14.31 -25.18
N ILE B 114 -17.85 -14.81 -24.13
CA ILE B 114 -18.33 -13.98 -23.02
C ILE B 114 -17.12 -13.63 -22.16
N GLU B 115 -16.90 -12.33 -21.93
CA GLU B 115 -15.75 -11.85 -21.13
C GLU B 115 -16.17 -11.54 -19.72
N GLU B 116 -15.31 -11.84 -18.74
CA GLU B 116 -15.62 -11.61 -17.32
C GLU B 116 -14.42 -11.10 -16.52
N ALA B 117 -14.69 -10.11 -15.65
CA ALA B 117 -13.67 -9.56 -14.76
C ALA B 117 -13.40 -10.53 -13.60
N ASP B 118 -12.20 -10.41 -12.99
CA ASP B 118 -11.77 -11.20 -11.84
C ASP B 118 -11.78 -12.71 -12.11
N CYS B 119 -12.73 -13.42 -11.45
CA CYS B 119 -12.91 -14.87 -11.51
C CYS B 119 -11.72 -15.57 -10.87
N LYS B 120 -11.28 -15.04 -9.73
CA LYS B 120 -10.18 -15.58 -8.93
C LYS B 120 -10.59 -16.94 -8.38
N ASN B 121 -11.87 -17.06 -8.02
CA ASN B 121 -12.47 -18.28 -7.48
C ASN B 121 -12.68 -19.35 -8.55
N LYS B 122 -12.43 -18.99 -9.85
CA LYS B 122 -12.55 -19.86 -11.04
C LYS B 122 -13.95 -20.56 -11.09
N PHE B 123 -14.17 -21.72 -11.73
CA PHE B 123 -13.42 -22.38 -12.76
C PHE B 123 -14.07 -21.94 -14.05
N ARG B 124 -13.29 -21.32 -14.92
CA ARG B 124 -13.76 -20.77 -16.19
C ARG B 124 -14.26 -21.83 -17.18
N CYS B 125 -15.14 -21.41 -18.09
CA CYS B 125 -15.69 -22.27 -19.14
C CYS B 125 -15.21 -21.76 -20.48
N ASP B 126 -15.33 -22.59 -21.53
CA ASP B 126 -14.93 -22.22 -22.89
C ASP B 126 -15.66 -20.97 -23.36
N SER B 127 -16.91 -20.79 -22.90
CA SER B 127 -17.72 -19.61 -23.19
C SER B 127 -17.24 -18.43 -22.34
N GLY B 128 -16.77 -18.70 -21.12
CA GLY B 128 -16.24 -17.66 -20.23
C GLY B 128 -17.18 -17.22 -19.13
N ARG B 129 -18.25 -17.99 -18.88
CA ARG B 129 -19.24 -17.69 -17.83
C ARG B 129 -18.62 -17.73 -16.43
N CYS B 130 -17.53 -18.50 -16.30
CA CYS B 130 -16.73 -18.58 -15.09
C CYS B 130 -17.32 -19.37 -13.90
N ILE B 131 -18.66 -19.54 -13.85
CA ILE B 131 -19.36 -20.35 -12.83
C ILE B 131 -18.71 -20.34 -11.43
N ALA B 132 -18.92 -19.24 -10.69
CA ALA B 132 -18.31 -18.95 -9.39
C ALA B 132 -18.13 -20.12 -8.41
N ARG B 133 -19.20 -20.86 -8.14
CA ARG B 133 -19.11 -22.03 -7.25
C ARG B 133 -18.41 -23.20 -7.95
N LYS B 134 -18.28 -24.32 -7.26
CA LYS B 134 -17.67 -25.48 -7.87
C LYS B 134 -18.75 -26.38 -8.49
N LEU B 135 -18.89 -26.31 -9.80
CA LEU B 135 -19.87 -27.12 -10.53
C LEU B 135 -19.29 -28.45 -10.93
N GLU B 136 -18.03 -28.43 -11.38
CA GLU B 136 -17.31 -29.59 -11.89
C GLU B 136 -17.27 -30.84 -11.01
N CYS B 137 -17.46 -32.01 -11.60
CA CYS B 137 -17.82 -32.14 -13.02
C CYS B 137 -19.31 -32.39 -13.19
N ASN B 138 -19.98 -32.76 -12.11
CA ASN B 138 -21.35 -33.22 -12.11
C ASN B 138 -22.39 -32.16 -11.75
N GLY B 139 -23.70 -32.45 -11.94
CA GLY B 139 -24.22 -33.63 -12.62
C GLY B 139 -24.46 -33.33 -14.11
N GLU B 140 -25.07 -32.19 -14.39
CA GLU B 140 -25.49 -31.76 -15.72
C GLU B 140 -24.38 -31.24 -16.61
N ASN B 141 -23.26 -30.81 -16.01
CA ASN B 141 -22.04 -30.35 -16.69
C ASN B 141 -22.26 -29.46 -17.92
N ASP B 142 -23.00 -28.37 -17.77
CA ASP B 142 -23.35 -27.52 -18.90
C ASP B 142 -22.58 -26.21 -19.09
N CYS B 143 -22.94 -25.16 -18.34
CA CYS B 143 -22.35 -23.81 -18.46
C CYS B 143 -22.19 -23.31 -19.92
N GLY B 144 -23.20 -23.55 -20.78
CA GLY B 144 -23.13 -23.11 -22.18
C GLY B 144 -23.03 -24.28 -23.14
N ASP B 145 -23.47 -24.05 -24.38
CA ASP B 145 -23.55 -25.06 -25.46
C ASP B 145 -22.25 -25.36 -26.22
N ASN B 146 -21.98 -26.65 -26.51
CA ASN B 146 -22.83 -27.77 -26.09
C ASN B 146 -22.26 -28.35 -24.80
N SER B 147 -22.87 -27.96 -23.65
CA SER B 147 -22.44 -28.35 -22.29
C SER B 147 -20.97 -28.00 -22.01
N ASP B 148 -20.34 -27.24 -22.92
CA ASP B 148 -18.97 -26.71 -22.84
C ASP B 148 -17.94 -27.69 -22.30
N GLU B 149 -18.32 -28.97 -22.13
CA GLU B 149 -17.58 -30.05 -21.48
C GLU B 149 -17.15 -29.45 -20.13
N ARG B 150 -15.97 -29.87 -19.68
CA ARG B 150 -15.01 -29.28 -18.81
C ARG B 150 -15.53 -28.14 -17.85
N ASP B 151 -16.22 -28.43 -16.74
CA ASP B 151 -16.83 -29.69 -16.29
C ASP B 151 -16.21 -31.07 -16.56
N CYS B 152 -17.06 -31.99 -17.06
CA CYS B 152 -16.73 -33.38 -17.31
C CYS B 152 -15.72 -33.61 -18.42
N GLY B 153 -14.90 -34.67 -18.32
CA GLY B 153 -14.96 -35.65 -17.24
C GLY B 153 -13.93 -35.44 -16.12
N ARG B 154 -13.57 -36.54 -15.43
CA ARG B 154 -14.19 -37.85 -15.66
C ARG B 154 -15.02 -38.34 -14.46
N THR B 155 -14.99 -37.60 -13.36
CA THR B 155 -15.56 -38.02 -12.07
C THR B 155 -17.06 -37.92 -11.83
N LYS B 156 -17.69 -39.08 -11.65
CA LYS B 156 -19.09 -39.19 -11.25
C LYS B 156 -19.11 -39.18 -9.71
N ALA B 157 -20.20 -38.76 -9.04
CA ALA B 157 -21.49 -38.29 -9.58
C ALA B 157 -22.17 -37.39 -8.57
N VAL B 158 -23.20 -36.66 -8.99
CA VAL B 158 -24.04 -35.82 -8.13
C VAL B 158 -25.41 -35.64 -8.75
N CYS B 159 -26.42 -35.32 -7.91
CA CYS B 159 -27.78 -35.09 -8.37
C CYS B 159 -28.39 -36.27 -9.13
N THR B 160 -28.37 -37.45 -8.50
CA THR B 160 -28.86 -38.70 -9.07
C THR B 160 -30.38 -38.82 -9.03
N ARG B 161 -30.88 -40.04 -9.29
CA ARG B 161 -32.29 -40.42 -9.27
C ARG B 161 -33.06 -40.07 -10.54
N LYS B 162 -32.38 -39.40 -11.50
CA LYS B 162 -32.88 -39.04 -12.82
C LYS B 162 -34.23 -38.29 -12.86
N TYR B 163 -34.19 -37.00 -12.52
CA TYR B 163 -35.40 -36.17 -12.54
C TYR B 163 -35.65 -35.59 -13.94
N ASN B 164 -36.92 -35.54 -14.35
CA ASN B 164 -37.32 -35.05 -15.68
C ASN B 164 -37.60 -33.55 -15.70
N PRO B 165 -37.02 -32.82 -16.68
CA PRO B 165 -37.21 -31.37 -16.78
C PRO B 165 -38.60 -30.98 -17.26
N ILE B 166 -39.01 -29.74 -16.94
CA ILE B 166 -40.27 -29.14 -17.37
C ILE B 166 -40.23 -29.08 -18.90
N PRO B 167 -41.29 -29.58 -19.57
CA PRO B 167 -41.37 -29.60 -21.03
C PRO B 167 -40.93 -28.29 -21.69
N SER B 168 -41.49 -27.16 -21.23
CA SER B 168 -41.08 -25.87 -21.74
C SER B 168 -40.64 -24.95 -20.61
N VAL B 169 -39.34 -24.77 -20.49
CA VAL B 169 -38.78 -23.84 -19.52
C VAL B 169 -38.36 -22.57 -20.27
N GLN B 170 -38.35 -22.63 -21.59
CA GLN B 170 -37.86 -21.56 -22.45
C GLN B 170 -38.78 -20.34 -22.55
N LEU B 171 -40.10 -20.57 -22.45
CA LEU B 171 -41.10 -19.52 -22.54
C LEU B 171 -41.18 -18.71 -21.26
N MET B 172 -40.89 -19.34 -20.12
CA MET B 172 -40.83 -18.66 -18.83
C MET B 172 -39.55 -17.85 -18.85
N GLY B 173 -38.63 -18.27 -19.71
CA GLY B 173 -37.39 -17.57 -19.95
C GLY B 173 -37.65 -16.51 -21.00
N ASN B 174 -36.69 -16.33 -21.91
CA ASN B 174 -36.84 -15.37 -23.00
C ASN B 174 -37.08 -13.94 -22.47
N GLY B 175 -38.01 -13.19 -23.05
CA GLY B 175 -38.28 -11.82 -22.66
C GLY B 175 -39.40 -11.24 -23.49
N PHE B 176 -40.03 -10.19 -23.00
CA PHE B 176 -41.19 -9.61 -23.67
C PHE B 176 -40.99 -8.15 -24.10
N HIS B 177 -41.42 -7.82 -25.32
CA HIS B 177 -41.35 -6.47 -25.83
C HIS B 177 -42.69 -5.81 -25.58
N PHE B 178 -42.73 -4.82 -24.70
CA PHE B 178 -43.96 -4.16 -24.31
C PHE B 178 -44.69 -3.50 -25.47
N LEU B 179 -43.94 -2.84 -26.35
CA LEU B 179 -44.50 -2.10 -27.47
C LEU B 179 -44.93 -2.99 -28.62
N ALA B 180 -44.11 -3.99 -28.96
CA ALA B 180 -44.39 -4.91 -30.05
C ALA B 180 -45.40 -5.99 -29.65
N GLY B 181 -45.34 -6.44 -28.40
CA GLY B 181 -46.24 -7.48 -27.89
C GLY B 181 -45.79 -8.89 -28.29
N GLU B 182 -44.48 -9.13 -28.42
CA GLU B 182 -43.95 -10.44 -28.80
C GLU B 182 -42.73 -10.87 -27.98
N PRO B 183 -42.56 -12.18 -27.77
CA PRO B 183 -41.40 -12.74 -27.07
C PRO B 183 -40.20 -12.74 -28.01
N ARG B 184 -39.51 -11.61 -28.09
CA ARG B 184 -38.43 -11.37 -29.02
C ARG B 184 -37.23 -12.31 -28.99
N GLY B 185 -36.55 -12.40 -27.86
CA GLY B 185 -35.35 -13.23 -27.80
C GLY B 185 -35.04 -13.76 -26.41
N GLU B 186 -34.26 -14.87 -26.36
CA GLU B 186 -33.86 -15.55 -25.13
C GLU B 186 -33.00 -14.69 -24.22
N VAL B 187 -33.40 -14.57 -22.94
CA VAL B 187 -32.67 -13.78 -21.96
C VAL B 187 -32.35 -14.60 -20.73
N LEU B 188 -33.39 -15.11 -20.05
CA LEU B 188 -33.23 -15.86 -18.83
C LEU B 188 -32.39 -17.12 -18.95
N ASP B 189 -32.81 -18.11 -19.76
CA ASP B 189 -32.12 -19.41 -19.88
C ASP B 189 -32.07 -20.11 -18.52
N ASN B 190 -33.22 -20.61 -18.08
CA ASN B 190 -33.36 -21.23 -16.78
C ASN B 190 -32.66 -22.57 -16.64
N SER B 191 -32.12 -23.11 -17.75
CA SER B 191 -31.43 -24.41 -17.80
C SER B 191 -30.34 -24.60 -16.75
N PHE B 192 -29.80 -23.50 -16.21
CA PHE B 192 -28.78 -23.51 -15.16
C PHE B 192 -29.33 -24.17 -13.90
N THR B 193 -28.66 -25.24 -13.44
CA THR B 193 -29.09 -26.02 -12.28
C THR B 193 -28.78 -25.33 -10.96
N GLY B 194 -27.59 -24.75 -10.84
CA GLY B 194 -27.14 -24.08 -9.63
C GLY B 194 -26.44 -25.04 -8.68
N GLY B 195 -26.36 -26.33 -9.05
CA GLY B 195 -25.73 -27.37 -8.23
C GLY B 195 -26.71 -27.94 -7.21
N ILE B 196 -27.87 -27.28 -7.02
CA ILE B 196 -28.90 -27.70 -6.08
C ILE B 196 -29.98 -28.50 -6.80
N CYS B 197 -30.38 -29.62 -6.20
CA CYS B 197 -31.40 -30.49 -6.74
C CYS B 197 -32.75 -30.23 -6.09
N LYS B 198 -33.66 -29.56 -6.83
CA LYS B 198 -35.01 -29.26 -6.36
C LYS B 198 -36.03 -29.63 -7.41
N THR B 199 -37.09 -30.30 -6.98
CA THR B 199 -38.13 -30.77 -7.87
C THR B 199 -39.52 -30.59 -7.27
N VAL B 200 -40.50 -30.37 -8.13
CA VAL B 200 -41.90 -30.24 -7.74
C VAL B 200 -42.71 -31.33 -8.43
N LYS B 201 -43.67 -31.92 -7.71
CA LYS B 201 -44.50 -32.95 -8.29
C LYS B 201 -45.85 -32.39 -8.68
N SER B 202 -46.42 -32.91 -9.76
CA SER B 202 -47.69 -32.43 -10.26
C SER B 202 -48.78 -33.50 -10.35
N SER B 203 -50.02 -33.05 -10.53
CA SER B 203 -51.13 -33.95 -10.77
C SER B 203 -50.98 -34.42 -12.21
N ARG B 204 -51.29 -35.70 -12.46
CA ARG B 204 -51.20 -36.35 -13.77
C ARG B 204 -49.77 -36.60 -14.25
N THR B 205 -48.79 -35.87 -13.72
CA THR B 205 -47.39 -36.02 -14.11
C THR B 205 -46.46 -35.91 -12.92
N SER B 206 -45.51 -36.86 -12.78
CA SER B 206 -45.40 -38.04 -13.63
C SER B 206 -45.22 -39.30 -12.77
N ASN B 207 -44.16 -39.49 -11.94
CA ASN B 207 -42.86 -38.80 -11.75
C ASN B 207 -42.77 -37.32 -11.28
N PRO B 208 -41.61 -36.95 -10.68
CA PRO B 208 -41.37 -35.57 -10.27
C PRO B 208 -40.86 -34.77 -11.45
N TYR B 209 -40.87 -33.43 -11.34
CA TYR B 209 -40.35 -32.52 -12.36
C TYR B 209 -39.32 -31.56 -11.76
N ARG B 210 -38.08 -31.57 -12.27
CA ARG B 210 -36.97 -30.77 -11.76
C ARG B 210 -37.17 -29.28 -11.95
N VAL B 211 -36.82 -28.50 -10.92
CA VAL B 211 -37.00 -27.04 -10.91
C VAL B 211 -35.69 -26.34 -11.22
N PRO B 212 -35.72 -25.41 -12.21
CA PRO B 212 -34.60 -24.57 -12.57
C PRO B 212 -34.22 -23.66 -11.41
N ALA B 213 -32.94 -23.25 -11.34
CA ALA B 213 -32.45 -22.39 -10.25
C ALA B 213 -33.04 -20.99 -10.30
N ASN B 214 -33.22 -20.45 -11.51
CA ASN B 214 -33.74 -19.10 -11.72
C ASN B 214 -35.13 -18.90 -11.13
N LEU B 215 -35.99 -19.92 -11.25
CA LEU B 215 -37.35 -19.82 -10.72
C LEU B 215 -37.34 -20.00 -9.22
N GLU B 216 -37.92 -19.03 -8.51
CA GLU B 216 -37.99 -19.07 -7.05
C GLU B 216 -38.98 -20.14 -6.62
N ASN B 217 -40.15 -20.16 -7.26
CA ASN B 217 -41.18 -21.15 -6.92
C ASN B 217 -42.01 -21.49 -8.13
N VAL B 218 -42.45 -22.74 -8.20
CA VAL B 218 -43.28 -23.21 -9.30
C VAL B 218 -44.20 -24.31 -8.80
N GLY B 219 -45.41 -24.38 -9.37
CA GLY B 219 -46.39 -25.38 -9.00
C GLY B 219 -47.46 -25.52 -10.07
N PHE B 220 -48.11 -26.69 -10.11
CA PHE B 220 -49.16 -26.98 -11.08
C PHE B 220 -50.48 -26.82 -10.37
N GLU B 221 -51.14 -25.68 -10.62
CA GLU B 221 -52.35 -25.27 -9.92
C GLU B 221 -53.68 -25.64 -10.54
N VAL B 222 -53.67 -26.46 -11.59
CA VAL B 222 -54.90 -26.90 -12.25
C VAL B 222 -55.77 -27.64 -11.24
N GLN B 223 -56.93 -27.05 -10.92
CA GLN B 223 -57.86 -27.59 -9.94
C GLN B 223 -59.23 -27.05 -10.23
N THR B 224 -60.26 -27.66 -9.62
CA THR B 224 -61.66 -27.23 -9.70
C THR B 224 -62.10 -27.04 -11.14
N ALA B 225 -62.38 -28.16 -11.85
CA ALA B 225 -62.82 -28.13 -13.25
C ALA B 225 -63.95 -27.14 -13.41
N GLU B 226 -63.87 -26.33 -14.47
CA GLU B 226 -64.75 -25.20 -14.74
C GLU B 226 -66.23 -25.32 -14.35
N ASP B 227 -66.72 -24.48 -13.42
CA ASP B 227 -66.02 -23.45 -12.63
C ASP B 227 -65.28 -22.33 -13.35
N ASP B 228 -63.95 -22.23 -13.16
CA ASP B 228 -63.09 -21.17 -13.67
C ASP B 228 -63.33 -20.77 -15.13
N LEU B 229 -63.08 -21.69 -16.07
CA LEU B 229 -63.29 -21.43 -17.49
C LEU B 229 -64.79 -21.23 -17.81
N LYS B 230 -65.68 -21.71 -16.93
CA LYS B 230 -67.12 -21.55 -17.09
C LYS B 230 -67.54 -20.17 -16.59
N THR B 231 -66.93 -19.69 -15.48
CA THR B 231 -67.15 -18.35 -14.94
C THR B 231 -66.42 -17.35 -15.84
N ASP B 232 -65.64 -17.89 -16.80
CA ASP B 232 -64.90 -17.11 -17.77
C ASP B 232 -65.75 -16.63 -18.93
N PHE B 233 -65.08 -16.22 -20.01
CA PHE B 233 -65.61 -15.60 -21.23
C PHE B 233 -65.80 -14.11 -21.03
N TYR B 234 -65.90 -13.67 -19.76
CA TYR B 234 -65.96 -12.26 -19.33
C TYR B 234 -66.62 -11.38 -20.40
N LYS B 235 -67.92 -11.59 -20.61
CA LYS B 235 -68.69 -10.94 -21.65
C LYS B 235 -68.51 -9.44 -21.71
N ASP B 236 -67.99 -8.97 -22.85
CA ASP B 236 -67.71 -7.56 -23.09
C ASP B 236 -68.06 -7.17 -24.51
N LEU B 237 -68.75 -6.04 -24.69
CA LEU B 237 -69.07 -5.53 -26.01
C LEU B 237 -68.16 -4.33 -26.30
N THR B 238 -67.36 -4.44 -27.37
CA THR B 238 -66.44 -3.39 -27.77
C THR B 238 -67.18 -2.33 -28.59
N SER B 239 -66.99 -1.06 -28.22
CA SER B 239 -67.65 0.05 -28.89
C SER B 239 -66.73 1.28 -28.95
N LEU B 240 -67.31 2.45 -29.22
CA LEU B 240 -66.60 3.73 -29.27
C LEU B 240 -66.06 4.11 -27.90
N GLN B 253 -53.42 -0.24 -8.40
CA GLN B 253 -52.68 0.91 -8.93
C GLN B 253 -51.61 0.50 -9.95
N GLY B 254 -51.56 1.16 -11.11
CA GLY B 254 -52.49 2.23 -11.44
C GLY B 254 -51.85 3.61 -11.34
N GLY B 255 -52.41 4.59 -12.06
CA GLY B 255 -53.57 4.38 -12.93
C GLY B 255 -53.17 4.00 -14.35
N SER B 256 -54.11 4.21 -15.29
CA SER B 256 -53.88 3.93 -16.72
C SER B 256 -52.88 4.92 -17.30
N SER B 257 -52.76 6.11 -16.67
CA SER B 257 -51.83 7.15 -17.10
C SER B 257 -50.40 6.78 -16.69
N PHE B 258 -50.25 5.91 -15.68
CA PHE B 258 -48.96 5.47 -15.19
C PHE B 258 -48.41 4.33 -16.04
N SER B 259 -49.27 3.74 -16.88
CA SER B 259 -48.87 2.66 -17.78
C SER B 259 -48.19 3.20 -19.03
N VAL B 260 -48.43 4.49 -19.36
CA VAL B 260 -47.84 5.19 -20.51
C VAL B 260 -46.30 5.28 -20.40
N PRO B 261 -45.74 5.73 -19.24
CA PRO B 261 -44.28 5.77 -19.12
C PRO B 261 -43.69 4.36 -19.01
N ILE B 262 -44.54 3.35 -18.75
CA ILE B 262 -44.15 1.95 -18.55
C ILE B 262 -43.31 1.82 -17.29
N PHE B 263 -42.05 1.35 -17.43
CA PHE B 263 -41.15 1.10 -16.32
C PHE B 263 -41.75 0.10 -15.32
N TYR B 264 -41.83 -1.17 -15.75
CA TYR B 264 -42.27 -2.32 -14.97
C TYR B 264 -43.57 -2.21 -14.16
N SER B 265 -43.57 -2.79 -12.96
CA SER B 265 -44.71 -2.88 -12.09
C SER B 265 -44.52 -2.08 -10.78
N SER B 266 -45.43 -1.12 -10.44
CA SER B 266 -46.64 -0.66 -11.14
C SER B 266 -47.79 -1.66 -11.29
N LYS B 267 -47.63 -2.88 -10.74
CA LYS B 267 -48.61 -3.97 -10.80
C LYS B 267 -48.99 -4.28 -12.26
N ARG B 268 -47.97 -4.59 -13.06
CA ARG B 268 -48.10 -4.91 -14.48
C ARG B 268 -48.82 -6.24 -14.74
N SER B 269 -49.17 -6.98 -13.66
CA SER B 269 -49.79 -8.31 -13.69
C SER B 269 -50.77 -8.54 -14.83
N GLU B 270 -51.62 -7.55 -15.14
CA GLU B 270 -52.46 -7.65 -16.31
C GLU B 270 -52.03 -6.57 -17.36
N ASN B 271 -52.37 -5.27 -17.23
CA ASN B 271 -53.42 -4.67 -16.41
C ASN B 271 -54.61 -4.53 -17.37
N ILE B 272 -54.34 -4.76 -18.67
CA ILE B 272 -55.30 -4.69 -19.77
C ILE B 272 -55.16 -5.88 -20.70
N ASN B 273 -53.98 -5.99 -21.36
CA ASN B 273 -53.64 -7.01 -22.36
C ASN B 273 -54.61 -6.88 -23.59
N HIS B 274 -54.73 -7.85 -24.50
CA HIS B 274 -53.90 -9.04 -24.70
C HIS B 274 -52.94 -8.71 -25.85
N ASN B 275 -52.25 -9.74 -26.37
CA ASN B 275 -51.36 -9.63 -27.52
C ASN B 275 -52.18 -9.08 -28.69
N SER B 276 -51.61 -8.10 -29.39
CA SER B 276 -52.32 -7.42 -30.47
C SER B 276 -52.08 -7.94 -31.87
N ALA B 277 -53.06 -8.67 -32.39
CA ALA B 277 -53.11 -9.09 -33.79
C ALA B 277 -54.21 -8.22 -34.41
N PHE B 278 -54.82 -7.33 -33.59
CA PHE B 278 -55.95 -6.48 -33.95
C PHE B 278 -55.75 -5.58 -35.17
N LYS B 279 -54.51 -5.45 -35.65
CA LYS B 279 -54.19 -4.66 -36.82
C LYS B 279 -55.02 -5.09 -38.03
N GLN B 280 -55.38 -6.38 -38.07
CA GLN B 280 -56.22 -6.95 -39.12
C GLN B 280 -57.68 -6.66 -38.84
N ALA B 281 -58.05 -6.56 -37.55
CA ALA B 281 -59.43 -6.30 -37.12
C ALA B 281 -59.84 -4.87 -37.39
N ILE B 282 -58.98 -3.91 -37.01
CA ILE B 282 -59.24 -2.50 -37.23
C ILE B 282 -59.21 -2.15 -38.72
N GLN B 283 -58.40 -2.87 -39.49
CA GLN B 283 -58.33 -2.68 -40.92
C GLN B 283 -59.61 -3.22 -41.56
N ALA B 284 -60.23 -4.21 -40.89
CA ALA B 284 -61.48 -4.81 -41.34
C ALA B 284 -62.68 -3.96 -40.90
N SER B 285 -62.43 -2.89 -40.14
CA SER B 285 -63.48 -1.96 -39.71
C SER B 285 -63.89 -1.06 -40.87
N HIS B 286 -63.16 -1.16 -41.99
CA HIS B 286 -63.45 -0.41 -43.19
C HIS B 286 -64.79 -0.85 -43.79
N LYS B 287 -65.52 0.11 -44.39
CA LYS B 287 -66.81 -0.08 -45.05
C LYS B 287 -67.95 -0.48 -44.11
N LYS B 288 -67.64 -0.78 -42.86
CA LYS B 288 -68.64 -1.19 -41.89
C LYS B 288 -68.60 -0.38 -40.60
N ASP B 289 -69.67 -0.44 -39.80
CA ASP B 289 -69.71 0.25 -38.51
C ASP B 289 -68.86 -0.55 -37.54
N SER B 290 -68.88 -1.87 -37.69
CA SER B 290 -68.01 -2.80 -36.98
C SER B 290 -68.04 -2.72 -35.46
N SER B 291 -69.12 -3.23 -34.85
CA SER B 291 -69.19 -3.35 -33.39
C SER B 291 -68.60 -4.73 -33.05
N PHE B 292 -67.72 -4.78 -32.03
CA PHE B 292 -67.02 -6.02 -31.67
C PHE B 292 -67.44 -6.60 -30.32
N ILE B 293 -67.34 -7.94 -30.21
CA ILE B 293 -67.64 -8.66 -28.97
C ILE B 293 -66.55 -9.71 -28.73
N ARG B 294 -66.25 -10.02 -27.46
CA ARG B 294 -65.15 -10.92 -27.14
C ARG B 294 -65.47 -11.88 -26.00
N ILE B 295 -64.95 -13.11 -26.11
CA ILE B 295 -65.07 -14.15 -25.09
C ILE B 295 -63.73 -14.86 -24.95
N HIS B 296 -63.29 -15.13 -23.71
CA HIS B 296 -61.99 -15.76 -23.46
C HIS B 296 -61.98 -16.75 -22.29
N LYS B 297 -61.33 -17.90 -22.49
CA LYS B 297 -61.18 -18.94 -21.46
C LYS B 297 -59.73 -19.05 -21.09
N VAL B 298 -59.44 -19.36 -19.83
CA VAL B 298 -58.07 -19.51 -19.37
C VAL B 298 -57.84 -20.74 -18.54
N MET B 299 -56.86 -21.56 -18.94
CA MET B 299 -56.45 -22.73 -18.19
C MET B 299 -54.98 -22.60 -17.84
N LYS B 300 -54.68 -22.53 -16.55
CA LYS B 300 -53.31 -22.36 -16.06
C LYS B 300 -52.72 -23.69 -15.67
N VAL B 301 -51.80 -24.20 -16.49
CA VAL B 301 -51.13 -25.47 -16.22
C VAL B 301 -49.99 -25.30 -15.20
N LEU B 302 -49.45 -24.06 -15.08
CA LEU B 302 -48.35 -23.76 -14.18
C LEU B 302 -48.38 -22.34 -13.67
N ASN B 303 -47.83 -22.12 -12.47
CA ASN B 303 -47.68 -20.79 -11.90
C ASN B 303 -46.24 -20.69 -11.41
N PHE B 304 -45.43 -19.81 -12.01
CA PHE B 304 -44.01 -19.70 -11.65
C PHE B 304 -43.64 -18.34 -11.13
N THR B 305 -42.58 -18.27 -10.33
CA THR B 305 -42.06 -17.01 -9.80
C THR B 305 -40.55 -17.01 -9.95
N THR B 306 -39.98 -15.90 -10.39
CA THR B 306 -38.54 -15.80 -10.61
C THR B 306 -37.86 -15.15 -9.41
N LYS B 307 -36.71 -15.71 -9.00
CA LYS B 307 -35.92 -15.16 -7.90
C LYS B 307 -35.28 -13.86 -8.40
N ALA B 308 -35.56 -12.75 -7.72
CA ALA B 308 -35.09 -11.44 -8.16
C ALA B 308 -33.72 -11.03 -7.65
N LYS B 309 -33.13 -11.82 -6.75
CA LYS B 309 -31.83 -11.51 -6.18
C LYS B 309 -30.70 -11.68 -7.17
N ASP B 310 -30.53 -12.88 -7.69
CA ASP B 310 -29.48 -13.20 -8.63
C ASP B 310 -29.97 -14.12 -9.72
N LEU B 311 -29.64 -13.78 -10.96
CA LEU B 311 -30.09 -14.55 -12.10
C LEU B 311 -28.97 -14.95 -13.02
N HIS B 312 -29.08 -16.15 -13.59
CA HIS B 312 -28.09 -16.69 -14.50
C HIS B 312 -28.58 -16.40 -15.90
N LEU B 313 -27.90 -15.47 -16.57
CA LEU B 313 -28.27 -15.01 -17.91
C LEU B 313 -27.97 -16.01 -19.02
N SER B 314 -28.64 -15.84 -20.17
CA SER B 314 -28.45 -16.69 -21.33
C SER B 314 -27.09 -16.43 -21.97
N ASP B 315 -26.52 -17.45 -22.61
CA ASP B 315 -25.24 -17.33 -23.30
C ASP B 315 -25.41 -16.39 -24.50
N VAL B 316 -26.58 -16.42 -25.13
CA VAL B 316 -26.88 -15.60 -26.31
C VAL B 316 -27.05 -14.15 -25.94
N PHE B 317 -27.90 -13.90 -24.93
CA PHE B 317 -28.19 -12.54 -24.48
C PHE B 317 -26.97 -11.86 -23.92
N LEU B 318 -26.26 -12.57 -23.03
CA LEU B 318 -25.06 -12.06 -22.38
C LEU B 318 -23.97 -11.79 -23.40
N LYS B 319 -23.89 -12.59 -24.46
CA LYS B 319 -22.91 -12.40 -25.52
C LYS B 319 -23.08 -11.04 -26.19
N ALA B 320 -24.32 -10.68 -26.55
CA ALA B 320 -24.65 -9.40 -27.17
C ALA B 320 -24.59 -8.29 -26.14
N LEU B 321 -24.77 -8.64 -24.88
CA LEU B 321 -24.70 -7.68 -23.79
C LEU B 321 -23.24 -7.42 -23.46
N ASN B 322 -22.39 -8.47 -23.51
CA ASN B 322 -20.97 -8.35 -23.21
C ASN B 322 -20.28 -7.42 -24.17
N HIS B 323 -20.54 -7.58 -25.48
CA HIS B 323 -19.95 -6.74 -26.50
C HIS B 323 -20.88 -5.60 -26.83
N LEU B 324 -20.59 -4.44 -26.24
CA LEU B 324 -21.30 -3.19 -26.43
C LEU B 324 -20.33 -2.04 -26.29
N PRO B 325 -20.63 -0.89 -26.95
CA PRO B 325 -19.77 0.28 -26.81
C PRO B 325 -19.90 0.82 -25.41
N LEU B 326 -18.77 1.18 -24.77
CA LEU B 326 -18.81 1.74 -23.42
C LEU B 326 -19.38 3.14 -23.45
N GLU B 327 -19.14 3.86 -24.55
CA GLU B 327 -19.71 5.18 -24.79
C GLU B 327 -21.17 5.00 -25.18
N TYR B 328 -21.98 6.02 -24.96
CA TYR B 328 -23.39 5.91 -25.29
C TYR B 328 -23.64 5.95 -26.80
N ASN B 329 -24.35 4.95 -27.32
CA ASN B 329 -24.71 4.89 -28.74
C ASN B 329 -26.19 4.57 -28.90
N SER B 330 -26.94 5.52 -29.48
CA SER B 330 -28.38 5.37 -29.68
C SER B 330 -28.72 4.20 -30.60
N ALA B 331 -28.01 4.12 -31.73
CA ALA B 331 -28.22 3.10 -32.75
C ALA B 331 -28.07 1.69 -32.20
N LEU B 332 -26.85 1.34 -31.71
CA LEU B 332 -26.50 0.02 -31.19
C LEU B 332 -27.39 -0.46 -30.06
N TYR B 333 -27.46 0.33 -28.98
CA TYR B 333 -28.32 0.01 -27.83
C TYR B 333 -29.79 -0.20 -28.22
N SER B 334 -30.26 0.48 -29.26
CA SER B 334 -31.63 0.33 -29.74
C SER B 334 -31.87 -1.07 -30.28
N ARG B 335 -30.82 -1.73 -30.79
CA ARG B 335 -30.92 -3.09 -31.31
C ARG B 335 -31.12 -4.10 -30.20
N ILE B 336 -30.72 -3.76 -28.97
CA ILE B 336 -30.90 -4.64 -27.82
C ILE B 336 -32.37 -4.89 -27.55
N PHE B 337 -33.16 -3.82 -27.49
CA PHE B 337 -34.59 -3.92 -27.23
C PHE B 337 -35.29 -4.63 -28.36
N ASP B 338 -34.85 -4.38 -29.60
CA ASP B 338 -35.42 -5.01 -30.79
C ASP B 338 -35.18 -6.50 -30.78
N ASP B 339 -33.95 -6.93 -30.51
CA ASP B 339 -33.59 -8.33 -30.49
C ASP B 339 -34.10 -9.08 -29.27
N PHE B 340 -33.79 -8.58 -28.06
CA PHE B 340 -34.10 -9.28 -26.81
C PHE B 340 -35.36 -8.88 -26.09
N GLY B 341 -36.02 -7.80 -26.50
CA GLY B 341 -37.25 -7.37 -25.84
C GLY B 341 -37.03 -6.30 -24.77
N THR B 342 -38.09 -5.58 -24.41
CA THR B 342 -38.04 -4.50 -23.42
C THR B 342 -38.07 -4.93 -21.97
N HIS B 343 -38.74 -6.05 -21.68
CA HIS B 343 -38.89 -6.54 -20.31
C HIS B 343 -38.67 -8.05 -20.12
N TYR B 344 -38.52 -8.48 -18.87
CA TYR B 344 -38.39 -9.90 -18.54
C TYR B 344 -39.44 -10.28 -17.50
N PHE B 345 -39.83 -11.55 -17.46
CA PHE B 345 -40.90 -12.02 -16.59
C PHE B 345 -40.55 -12.23 -15.13
N THR B 346 -41.33 -11.59 -14.26
CA THR B 346 -41.29 -11.82 -12.81
C THR B 346 -42.65 -12.35 -12.46
N SER B 347 -42.70 -13.46 -11.71
CA SER B 347 -43.96 -14.14 -11.42
C SER B 347 -44.62 -14.54 -12.76
N GLY B 348 -45.94 -14.36 -12.88
CA GLY B 348 -46.62 -14.74 -14.10
C GLY B 348 -46.89 -16.25 -14.18
N SER B 349 -47.77 -16.66 -15.09
CA SER B 349 -48.13 -18.07 -15.25
C SER B 349 -48.15 -18.47 -16.72
N LEU B 350 -48.03 -19.77 -16.98
CA LEU B 350 -48.07 -20.27 -18.34
C LEU B 350 -49.26 -21.18 -18.54
N GLY B 351 -49.70 -21.32 -19.79
CA GLY B 351 -50.87 -22.13 -20.14
C GLY B 351 -51.34 -21.81 -21.55
N GLY B 352 -52.65 -21.90 -21.77
CA GLY B 352 -53.25 -21.63 -23.06
C GLY B 352 -54.61 -20.99 -22.91
N VAL B 353 -55.03 -20.24 -23.93
CA VAL B 353 -56.29 -19.53 -23.92
C VAL B 353 -57.06 -19.62 -25.23
N TYR B 354 -58.40 -19.61 -25.15
CA TYR B 354 -59.26 -19.63 -26.33
C TYR B 354 -59.78 -18.23 -26.53
N ASP B 355 -59.29 -17.52 -27.54
CA ASP B 355 -59.69 -16.13 -27.78
C ASP B 355 -60.20 -15.93 -29.19
N LEU B 356 -61.39 -15.35 -29.30
CA LEU B 356 -62.00 -15.11 -30.59
C LEU B 356 -62.68 -13.75 -30.64
N LEU B 357 -62.42 -13.01 -31.71
CA LEU B 357 -63.05 -11.72 -31.93
C LEU B 357 -63.98 -11.77 -33.13
N TYR B 358 -65.21 -11.28 -32.96
CA TYR B 358 -66.20 -11.27 -34.02
C TYR B 358 -66.60 -9.84 -34.39
N GLN B 359 -66.96 -9.63 -35.65
CA GLN B 359 -67.39 -8.33 -36.14
C GLN B 359 -68.83 -8.41 -36.67
N PHE B 360 -69.65 -7.43 -36.26
CA PHE B 360 -71.04 -7.33 -36.72
C PHE B 360 -71.37 -5.92 -37.15
N SER B 361 -72.19 -5.80 -38.19
CA SER B 361 -72.65 -4.51 -38.68
C SER B 361 -73.69 -3.95 -37.69
N SER B 362 -73.53 -2.67 -37.31
CA SER B 362 -74.43 -2.01 -36.36
C SER B 362 -75.81 -1.76 -36.96
N GLU B 363 -75.94 -1.97 -38.27
CA GLU B 363 -77.22 -1.83 -38.96
C GLU B 363 -78.03 -3.09 -38.69
N GLU B 364 -77.35 -4.20 -38.37
CA GLU B 364 -77.99 -5.49 -38.11
C GLU B 364 -78.68 -5.56 -36.76
N LEU B 365 -78.15 -4.87 -35.76
CA LEU B 365 -78.72 -4.88 -34.41
C LEU B 365 -80.08 -4.19 -34.36
N LYS B 366 -80.31 -3.21 -35.23
CA LYS B 366 -81.57 -2.47 -35.30
C LYS B 366 -82.64 -3.27 -36.04
N ASN B 367 -82.24 -3.99 -37.08
CA ASN B 367 -83.16 -4.78 -37.89
C ASN B 367 -83.61 -6.05 -37.20
N SER B 368 -82.69 -6.71 -36.50
CA SER B 368 -82.97 -7.96 -35.79
C SER B 368 -83.54 -7.74 -34.39
N GLY B 369 -83.68 -6.48 -33.98
CA GLY B 369 -84.19 -6.14 -32.66
C GLY B 369 -83.04 -5.85 -31.73
N LEU B 370 -83.27 -4.92 -30.79
CA LEU B 370 -82.26 -4.47 -29.84
C LEU B 370 -82.24 -5.25 -28.55
N THR B 371 -81.14 -5.98 -28.33
CA THR B 371 -80.86 -6.72 -27.12
C THR B 371 -79.42 -6.41 -26.77
N GLU B 372 -79.20 -5.64 -25.69
CA GLU B 372 -77.84 -5.24 -25.30
C GLU B 372 -77.14 -6.29 -24.42
N GLU B 373 -77.57 -6.38 -23.16
CA GLU B 373 -77.06 -7.34 -22.19
C GLU B 373 -77.45 -8.73 -22.66
N GLU B 374 -78.65 -8.86 -23.23
CA GLU B 374 -79.14 -10.08 -23.83
C GLU B 374 -78.43 -10.23 -25.18
N ALA B 375 -78.40 -11.46 -25.72
CA ALA B 375 -77.71 -11.79 -26.97
C ALA B 375 -76.18 -11.75 -26.85
N LYS B 376 -75.68 -11.18 -25.74
CA LYS B 376 -74.28 -11.22 -25.39
C LYS B 376 -74.09 -12.58 -24.71
N HIS B 377 -75.19 -13.15 -24.23
CA HIS B 377 -75.23 -14.47 -23.60
C HIS B 377 -75.39 -15.52 -24.71
N CYS B 378 -75.78 -15.07 -25.91
CA CYS B 378 -76.02 -15.94 -27.07
C CYS B 378 -74.72 -16.40 -27.71
N VAL B 379 -73.60 -15.77 -27.34
CA VAL B 379 -72.29 -16.06 -27.91
C VAL B 379 -71.74 -17.40 -27.45
N ARG B 380 -72.23 -17.90 -26.32
CA ARG B 380 -71.78 -19.17 -25.74
C ARG B 380 -71.92 -20.36 -26.69
N ILE B 381 -73.14 -20.61 -27.19
CA ILE B 381 -73.47 -21.68 -28.14
C ILE B 381 -72.78 -23.05 -27.87
N GLU B 382 -71.95 -23.51 -28.82
CA GLU B 382 -71.21 -24.77 -28.73
C GLU B 382 -70.39 -24.89 -27.45
N THR B 383 -70.39 -26.08 -26.81
CA THR B 383 -71.12 -27.26 -27.31
C THR B 383 -72.51 -27.37 -26.69
N HIS B 397 -86.83 -18.32 -31.83
CA HIS B 397 -86.03 -18.02 -33.03
C HIS B 397 -85.16 -16.79 -32.84
N ARG B 398 -85.39 -16.03 -31.77
CA ARG B 398 -84.63 -14.82 -31.45
C ARG B 398 -83.16 -15.14 -31.27
N CYS B 399 -82.83 -15.86 -30.19
CA CYS B 399 -81.47 -16.28 -29.83
C CYS B 399 -81.21 -17.68 -30.36
N THR B 400 -82.27 -18.40 -30.79
CA THR B 400 -82.16 -19.78 -31.23
C THR B 400 -81.09 -20.01 -32.30
N THR B 401 -81.24 -19.36 -33.45
CA THR B 401 -80.30 -19.52 -34.55
C THR B 401 -79.72 -18.18 -34.95
N ASN B 402 -78.43 -17.96 -34.65
CA ASN B 402 -77.72 -16.73 -34.98
C ASN B 402 -76.23 -16.94 -34.74
N LYS B 403 -75.42 -15.85 -34.81
CA LYS B 403 -74.01 -15.85 -34.45
C LYS B 403 -73.20 -16.88 -35.21
N LEU B 404 -72.73 -16.50 -36.41
CA LEU B 404 -71.99 -17.37 -37.32
C LEU B 404 -72.94 -18.44 -37.90
N SER B 405 -73.78 -17.99 -38.84
CA SER B 405 -74.80 -18.77 -39.52
C SER B 405 -74.32 -20.14 -40.01
N GLU B 406 -75.24 -21.12 -40.03
CA GLU B 406 -74.96 -22.53 -40.26
C GLU B 406 -74.89 -23.19 -41.67
N LYS B 407 -75.05 -22.50 -42.82
CA LYS B 407 -75.35 -21.09 -43.01
C LYS B 407 -76.86 -20.83 -43.03
N HIS B 408 -77.62 -21.68 -43.72
CA HIS B 408 -79.06 -21.54 -43.94
C HIS B 408 -79.92 -21.35 -42.71
N GLU B 409 -79.65 -22.12 -41.65
CA GLU B 409 -80.45 -22.09 -40.44
C GLU B 409 -80.47 -20.73 -39.75
N GLY B 410 -79.37 -19.98 -39.84
CA GLY B 410 -79.28 -18.67 -39.20
C GLY B 410 -79.40 -17.51 -40.17
N SER B 411 -79.42 -17.78 -41.50
CA SER B 411 -79.45 -16.78 -42.56
C SER B 411 -80.47 -15.67 -42.39
N PHE B 412 -81.70 -16.02 -42.01
CA PHE B 412 -82.78 -15.05 -41.79
C PHE B 412 -82.45 -14.15 -40.61
N ILE B 413 -81.79 -14.73 -39.60
CA ILE B 413 -81.39 -14.02 -38.39
C ILE B 413 -79.96 -13.54 -38.52
N GLN B 414 -79.41 -13.57 -39.75
CA GLN B 414 -78.03 -13.23 -40.10
C GLN B 414 -76.92 -14.12 -39.47
N GLY B 415 -75.95 -13.53 -38.75
CA GLY B 415 -74.82 -14.28 -38.20
C GLY B 415 -73.55 -13.90 -38.96
N ALA B 416 -73.61 -12.82 -39.74
CA ALA B 416 -72.48 -12.27 -40.48
C ALA B 416 -71.53 -11.61 -39.43
N GLU B 417 -70.30 -11.16 -39.79
CA GLU B 417 -69.69 -11.21 -41.13
C GLU B 417 -68.33 -11.86 -41.06
N LYS B 418 -67.38 -11.19 -40.41
CA LYS B 418 -66.00 -11.63 -40.31
C LYS B 418 -65.55 -11.97 -38.89
N SER B 419 -64.76 -13.03 -38.76
CA SER B 419 -64.21 -13.49 -37.48
C SER B 419 -62.71 -13.74 -37.59
N ILE B 420 -61.96 -13.32 -36.56
CA ILE B 420 -60.50 -13.45 -36.50
C ILE B 420 -60.06 -14.27 -35.31
N SER B 421 -58.85 -14.83 -35.40
CA SER B 421 -58.30 -15.68 -34.35
C SER B 421 -57.35 -14.92 -33.41
N LEU B 422 -57.80 -14.70 -32.18
CA LEU B 422 -57.00 -14.04 -31.16
C LEU B 422 -56.36 -15.09 -30.25
N ILE B 423 -56.57 -16.38 -30.57
CA ILE B 423 -56.06 -17.52 -29.80
C ILE B 423 -54.57 -17.47 -29.56
N ARG B 424 -54.14 -17.90 -28.39
CA ARG B 424 -52.73 -17.94 -28.05
C ARG B 424 -52.39 -19.23 -27.34
N GLY B 425 -51.38 -19.94 -27.85
CA GLY B 425 -50.93 -21.19 -27.25
C GLY B 425 -51.34 -22.40 -28.06
N GLY B 426 -50.79 -23.57 -27.70
CA GLY B 426 -51.09 -24.84 -28.35
C GLY B 426 -50.38 -24.99 -29.70
N GLU B 444 -62.75 -33.81 -36.43
CA GLU B 444 -63.19 -35.00 -35.70
C GLU B 444 -64.15 -34.63 -34.56
N GLU B 445 -63.86 -35.10 -33.34
CA GLU B 445 -64.67 -34.85 -32.16
C GLU B 445 -63.95 -33.97 -31.17
N LYS B 446 -64.63 -32.90 -30.72
CA LYS B 446 -64.15 -31.93 -29.73
C LYS B 446 -62.81 -31.33 -30.17
N THR B 447 -62.86 -30.46 -31.19
CA THR B 447 -61.67 -29.81 -31.75
C THR B 447 -60.94 -28.98 -30.70
N PHE B 448 -61.68 -28.38 -29.76
CA PHE B 448 -61.10 -27.58 -28.67
C PHE B 448 -60.31 -28.48 -27.74
N SER B 449 -60.70 -29.77 -27.63
CA SER B 449 -60.00 -30.75 -26.81
C SER B 449 -58.74 -31.24 -27.51
N GLU B 450 -58.72 -31.16 -28.86
CA GLU B 450 -57.56 -31.56 -29.66
C GLU B 450 -56.37 -30.65 -29.37
N TRP B 451 -56.62 -29.33 -29.31
CA TRP B 451 -55.60 -28.33 -29.03
C TRP B 451 -55.40 -28.18 -27.53
N LEU B 452 -56.34 -28.70 -26.72
CA LEU B 452 -56.25 -28.64 -25.26
C LEU B 452 -55.16 -29.58 -24.79
N GLU B 453 -55.00 -30.73 -25.47
CA GLU B 453 -53.95 -31.68 -25.16
C GLU B 453 -52.65 -31.17 -25.80
N SER B 454 -52.77 -30.42 -26.90
CA SER B 454 -51.63 -29.85 -27.61
C SER B 454 -50.97 -28.74 -26.82
N VAL B 455 -51.75 -28.04 -25.98
CA VAL B 455 -51.22 -26.96 -25.17
C VAL B 455 -50.41 -27.52 -24.01
N LYS B 456 -50.61 -28.80 -23.69
CA LYS B 456 -49.85 -29.46 -22.65
C LYS B 456 -48.48 -29.80 -23.23
N GLU B 457 -48.46 -30.19 -24.52
CA GLU B 457 -47.23 -30.51 -25.26
C GLU B 457 -46.46 -29.21 -25.56
N ASN B 458 -47.16 -28.23 -26.15
CA ASN B 458 -46.58 -26.94 -26.52
C ASN B 458 -47.39 -25.79 -25.92
N PRO B 459 -47.02 -25.35 -24.70
CA PRO B 459 -47.72 -24.29 -23.97
C PRO B 459 -47.34 -22.88 -24.40
N ALA B 460 -47.80 -21.88 -23.63
CA ALA B 460 -47.51 -20.47 -23.86
C ALA B 460 -47.68 -19.66 -22.58
N VAL B 461 -47.14 -18.45 -22.53
CA VAL B 461 -47.29 -17.59 -21.36
C VAL B 461 -48.60 -16.82 -21.45
N ILE B 462 -49.50 -17.03 -20.49
CA ILE B 462 -50.83 -16.44 -20.48
C ILE B 462 -50.93 -15.11 -19.72
N ASP B 463 -50.89 -15.18 -18.39
CA ASP B 463 -50.95 -14.00 -17.53
C ASP B 463 -49.55 -13.73 -17.04
N PHE B 464 -48.94 -12.67 -17.52
CA PHE B 464 -47.56 -12.38 -17.18
C PHE B 464 -47.38 -11.06 -16.50
N GLU B 465 -46.47 -11.03 -15.53
CA GLU B 465 -46.04 -9.82 -14.86
C GLU B 465 -44.57 -9.62 -15.25
N LEU B 466 -44.18 -8.39 -15.58
CA LEU B 466 -42.83 -8.16 -16.05
C LEU B 466 -42.00 -7.13 -15.29
N ALA B 467 -40.67 -7.20 -15.43
CA ALA B 467 -39.72 -6.27 -14.83
C ALA B 467 -38.80 -5.76 -15.95
N PRO B 468 -38.13 -4.59 -15.77
CA PRO B 468 -37.33 -4.08 -16.89
C PRO B 468 -36.14 -4.94 -17.24
N ILE B 469 -35.75 -4.90 -18.52
CA ILE B 469 -34.59 -5.62 -19.01
C ILE B 469 -33.32 -5.00 -18.45
N VAL B 470 -33.42 -3.76 -18.00
CA VAL B 470 -32.32 -2.99 -17.44
C VAL B 470 -31.92 -3.54 -16.06
N ASP B 471 -32.78 -4.35 -15.45
CA ASP B 471 -32.51 -4.90 -14.15
C ASP B 471 -31.62 -6.15 -14.24
N LEU B 472 -31.51 -6.70 -15.45
CA LEU B 472 -30.75 -7.92 -15.69
C LEU B 472 -29.33 -7.67 -16.11
N VAL B 473 -28.92 -6.41 -16.17
CA VAL B 473 -27.57 -6.05 -16.58
C VAL B 473 -26.57 -6.09 -15.42
N ARG B 474 -27.00 -6.55 -14.25
CA ARG B 474 -26.16 -6.66 -13.07
C ARG B 474 -25.06 -7.72 -13.24
N ASN B 475 -23.92 -7.49 -12.56
CA ASN B 475 -22.78 -8.40 -12.52
C ASN B 475 -22.14 -8.75 -13.85
N ILE B 476 -21.78 -7.73 -14.62
CA ILE B 476 -21.09 -7.97 -15.88
C ILE B 476 -19.89 -7.02 -15.91
N PRO B 477 -19.02 -7.08 -16.95
CA PRO B 477 -17.95 -6.09 -17.09
C PRO B 477 -18.56 -4.74 -17.42
N CYS B 478 -18.17 -3.70 -16.68
CA CYS B 478 -18.69 -2.35 -16.83
C CYS B 478 -20.22 -2.36 -16.68
N ALA B 479 -20.71 -3.05 -15.65
CA ALA B 479 -22.14 -3.23 -15.38
C ALA B 479 -22.89 -1.92 -15.17
N VAL B 480 -22.45 -1.15 -14.17
CA VAL B 480 -23.08 0.12 -13.80
C VAL B 480 -23.14 1.09 -14.97
N THR B 481 -22.05 1.15 -15.76
CA THR B 481 -21.96 2.03 -16.92
C THR B 481 -23.00 1.65 -17.97
N LYS B 482 -23.15 0.35 -18.24
CA LYS B 482 -24.09 -0.12 -19.24
C LYS B 482 -25.53 -0.04 -18.77
N ARG B 483 -25.76 -0.16 -17.45
CA ARG B 483 -27.10 -0.05 -16.90
C ARG B 483 -27.65 1.33 -17.22
N ASN B 484 -26.97 2.39 -16.73
CA ASN B 484 -27.39 3.78 -16.93
C ASN B 484 -27.55 4.12 -18.39
N ASN B 485 -26.62 3.65 -19.24
CA ASN B 485 -26.67 3.89 -20.68
C ASN B 485 -27.85 3.18 -21.32
N LEU B 486 -28.30 2.08 -20.73
CA LEU B 486 -29.45 1.35 -21.24
C LEU B 486 -30.74 2.06 -20.84
N ARG B 487 -30.73 2.75 -19.69
CA ARG B 487 -31.88 3.51 -19.20
C ARG B 487 -32.13 4.67 -20.12
N LYS B 488 -31.05 5.36 -20.50
CA LYS B 488 -31.10 6.50 -21.41
C LYS B 488 -31.43 6.04 -22.83
N ALA B 489 -31.15 4.77 -23.12
CA ALA B 489 -31.45 4.20 -24.43
C ALA B 489 -32.92 3.91 -24.58
N LEU B 490 -33.55 3.31 -23.55
CA LEU B 490 -34.97 2.96 -23.57
C LEU B 490 -35.85 4.21 -23.63
N GLN B 491 -35.41 5.27 -22.95
CA GLN B 491 -36.13 6.54 -22.90
C GLN B 491 -36.26 7.12 -24.31
N GLU B 492 -35.17 7.03 -25.09
CA GLU B 492 -35.14 7.52 -26.46
C GLU B 492 -35.79 6.52 -27.41
N TYR B 493 -35.83 5.24 -27.00
CA TYR B 493 -36.41 4.17 -27.80
C TYR B 493 -37.91 4.20 -27.76
N ALA B 494 -38.49 4.43 -26.56
CA ALA B 494 -39.94 4.48 -26.36
C ALA B 494 -40.55 5.67 -27.09
N ALA B 495 -39.74 6.71 -27.30
CA ALA B 495 -40.17 7.93 -27.99
C ALA B 495 -40.56 7.65 -29.44
N LYS B 496 -39.90 6.69 -30.08
CA LYS B 496 -40.12 6.34 -31.48
C LYS B 496 -41.50 5.70 -31.68
N PHE B 497 -41.90 4.84 -30.75
CA PHE B 497 -43.16 4.12 -30.81
C PHE B 497 -44.37 4.93 -30.40
N ASP B 498 -44.23 5.76 -29.35
CA ASP B 498 -45.33 6.57 -28.83
C ASP B 498 -45.86 7.54 -29.89
N PRO B 499 -47.16 7.34 -30.32
CA PRO B 499 -47.77 8.13 -31.38
C PRO B 499 -47.84 9.62 -31.11
N CYS B 500 -47.31 10.39 -32.04
CA CYS B 500 -47.39 11.83 -31.98
C CYS B 500 -47.67 12.35 -33.37
N GLN B 501 -46.70 12.19 -34.27
CA GLN B 501 -46.74 12.68 -35.66
C GLN B 501 -47.81 12.06 -36.52
N CYS B 502 -48.54 11.09 -35.96
CA CYS B 502 -49.63 10.41 -36.63
C CYS B 502 -50.74 11.33 -37.12
N ALA B 503 -50.76 12.58 -36.63
CA ALA B 503 -51.73 13.62 -36.99
C ALA B 503 -53.15 13.31 -36.54
N PRO B 504 -53.98 14.36 -36.32
CA PRO B 504 -55.35 14.14 -35.85
C PRO B 504 -56.23 13.48 -36.89
N CYS B 505 -57.11 12.58 -36.43
CA CYS B 505 -58.09 11.91 -37.28
C CYS B 505 -59.46 12.52 -37.03
N PRO B 506 -60.15 12.94 -38.10
CA PRO B 506 -61.48 13.57 -38.00
C PRO B 506 -62.50 12.69 -37.30
N ASN B 507 -63.56 13.30 -36.77
CA ASN B 507 -64.64 12.61 -36.06
C ASN B 507 -64.13 11.94 -34.79
N ASN B 508 -63.30 12.66 -34.02
CA ASN B 508 -62.78 12.18 -32.74
C ASN B 508 -62.01 10.86 -32.81
N GLY B 509 -61.42 10.57 -33.97
CA GLY B 509 -60.65 9.33 -34.18
C GLY B 509 -59.33 9.38 -33.45
N ARG B 510 -58.97 8.27 -32.82
CA ARG B 510 -57.70 8.14 -32.12
C ARG B 510 -56.67 7.46 -33.02
N PRO B 511 -55.51 8.11 -33.26
CA PRO B 511 -54.48 7.47 -34.08
C PRO B 511 -53.75 6.42 -33.24
N THR B 512 -53.29 5.34 -33.86
CA THR B 512 -52.49 4.30 -33.19
C THR B 512 -51.16 4.19 -33.91
N LEU B 513 -50.31 3.23 -33.49
CA LEU B 513 -49.06 3.04 -34.18
C LEU B 513 -48.73 1.56 -34.34
N SER B 514 -48.63 1.09 -35.59
CA SER B 514 -48.21 -0.27 -35.89
C SER B 514 -47.11 -0.21 -36.94
N GLY B 515 -45.87 -0.49 -36.51
CA GLY B 515 -44.70 -0.43 -37.38
C GLY B 515 -44.50 0.98 -37.90
N THR B 516 -44.53 1.14 -39.22
CA THR B 516 -44.38 2.44 -39.87
C THR B 516 -45.73 3.05 -40.23
N GLU B 517 -46.83 2.38 -39.86
CA GLU B 517 -48.16 2.86 -40.20
C GLU B 517 -48.98 3.18 -38.95
N CYS B 518 -49.77 4.28 -39.01
CA CYS B 518 -50.64 4.67 -37.90
C CYS B 518 -51.95 3.89 -37.86
N LEU B 519 -52.53 3.65 -39.04
CA LEU B 519 -53.76 2.87 -39.20
C LEU B 519 -55.06 3.57 -38.78
N CYS B 520 -54.95 4.62 -37.96
CA CYS B 520 -56.07 5.48 -37.56
C CYS B 520 -57.36 4.76 -37.15
N VAL B 521 -57.36 4.14 -35.97
CA VAL B 521 -58.54 3.45 -35.44
C VAL B 521 -59.67 4.46 -35.19
N CYS B 522 -60.85 4.21 -35.79
CA CYS B 522 -62.00 5.10 -35.65
C CYS B 522 -63.02 4.54 -34.66
N GLN B 523 -63.69 5.43 -33.93
CA GLN B 523 -64.72 5.05 -32.96
C GLN B 523 -65.97 4.52 -33.66
N SER B 524 -66.81 3.76 -32.93
CA SER B 524 -68.08 3.22 -33.44
C SER B 524 -69.01 4.36 -33.83
N GLY B 525 -69.76 4.17 -34.92
CA GLY B 525 -70.63 5.18 -35.48
C GLY B 525 -69.91 5.90 -36.62
N THR B 526 -68.67 5.47 -36.94
CA THR B 526 -67.90 6.05 -38.03
C THR B 526 -67.86 5.07 -39.19
N TYR B 527 -68.09 5.58 -40.40
CA TYR B 527 -68.13 4.77 -41.60
C TYR B 527 -66.74 4.65 -42.23
N GLY B 528 -66.22 3.42 -42.25
CA GLY B 528 -64.95 3.10 -42.89
C GLY B 528 -63.74 3.64 -42.16
N GLU B 529 -62.56 3.11 -42.55
CA GLU B 529 -61.29 3.54 -41.99
C GLU B 529 -60.97 4.94 -42.47
N ASN B 530 -60.05 5.61 -41.75
CA ASN B 530 -59.60 6.97 -42.03
C ASN B 530 -60.66 8.02 -41.72
N CYS B 531 -61.84 7.57 -41.24
CA CYS B 531 -62.98 8.40 -40.85
C CYS B 531 -63.44 9.29 -42.03
N GLU B 532 -63.62 8.65 -43.20
CA GLU B 532 -64.01 9.33 -44.42
C GLU B 532 -65.49 9.69 -44.41
N LYS B 533 -66.33 8.78 -43.89
CA LYS B 533 -67.78 8.98 -43.88
C LYS B 533 -68.38 8.77 -42.50
N GLN B 534 -69.66 9.17 -42.34
CA GLN B 534 -70.37 9.07 -41.06
C GLN B 534 -71.63 8.23 -41.17
N SER B 535 -71.98 7.54 -40.08
CA SER B 535 -73.16 6.71 -40.01
C SER B 535 -74.44 7.56 -39.89
N PRO B 536 -75.64 6.97 -40.18
CA PRO B 536 -76.92 7.66 -40.04
C PRO B 536 -77.24 8.11 -38.61
N ASP B 537 -76.46 7.65 -37.62
CA ASP B 537 -76.61 8.04 -36.21
C ASP B 537 -76.34 9.53 -36.01
N TYR B 538 -75.75 10.17 -37.04
CA TYR B 538 -75.54 11.61 -37.15
C TYR B 538 -74.80 12.37 -36.04
N LYS B 539 -73.81 11.76 -35.43
CA LYS B 539 -72.99 12.52 -34.48
C LYS B 539 -71.53 12.57 -34.95
N SER B 540 -71.15 13.70 -35.57
CA SER B 540 -69.80 13.94 -36.04
C SER B 540 -69.10 14.99 -35.17
N ASN B 541 -69.84 15.53 -34.19
CA ASN B 541 -69.43 16.64 -33.36
C ASN B 541 -68.20 16.55 -32.48
N ALA B 542 -68.02 15.41 -31.81
CA ALA B 542 -67.02 15.17 -30.77
C ALA B 542 -65.67 15.84 -30.92
N VAL B 543 -64.79 15.28 -31.76
CA VAL B 543 -63.45 15.82 -32.03
C VAL B 543 -62.70 16.17 -30.74
N ASP B 544 -62.58 15.23 -29.80
CA ASP B 544 -61.89 15.46 -28.53
C ASP B 544 -60.40 15.66 -28.75
N GLY B 545 -59.76 16.42 -27.84
CA GLY B 545 -58.36 16.77 -27.95
C GLY B 545 -57.36 15.82 -27.30
N GLN B 546 -56.12 15.84 -27.81
CA GLN B 546 -55.01 15.06 -27.29
C GLN B 546 -53.70 15.79 -27.58
N TRP B 547 -52.65 15.47 -26.83
CA TRP B 547 -51.30 15.98 -27.06
C TRP B 547 -50.84 15.33 -28.38
N GLY B 548 -50.04 16.00 -29.20
CA GLY B 548 -49.46 17.30 -28.89
C GLY B 548 -47.95 17.16 -28.72
N CYS B 549 -47.45 15.92 -28.70
CA CYS B 549 -46.02 15.64 -28.65
C CYS B 549 -45.28 16.16 -27.45
N TRP B 550 -44.02 16.54 -27.72
CA TRP B 550 -43.11 17.20 -26.81
C TRP B 550 -42.16 18.03 -27.65
N SER B 551 -41.80 19.20 -27.15
CA SER B 551 -40.92 20.14 -27.84
C SER B 551 -40.25 21.04 -26.81
N SER B 552 -39.64 22.14 -27.27
CA SER B 552 -39.07 23.20 -26.43
C SER B 552 -37.78 22.87 -25.66
N TRP B 553 -37.20 21.67 -25.88
CA TRP B 553 -35.96 21.27 -25.22
C TRP B 553 -34.92 22.38 -25.37
N SER B 554 -34.35 22.81 -24.25
CA SER B 554 -33.41 23.93 -24.26
C SER B 554 -32.10 23.61 -23.59
N THR B 555 -31.05 24.40 -23.93
CA THR B 555 -29.72 24.28 -23.32
C THR B 555 -29.82 24.75 -21.87
N CYS B 556 -28.86 24.36 -21.03
CA CYS B 556 -28.86 24.73 -19.60
C CYS B 556 -28.86 26.28 -19.49
N ASP B 557 -29.67 26.82 -18.57
CA ASP B 557 -29.94 28.24 -18.46
C ASP B 557 -29.85 28.75 -17.01
N ALA B 558 -30.56 29.88 -16.70
CA ALA B 558 -30.59 30.58 -15.41
C ALA B 558 -30.54 29.65 -14.19
N THR B 559 -31.64 28.95 -13.86
CA THR B 559 -31.65 28.01 -12.73
C THR B 559 -30.81 26.73 -12.97
N TYR B 560 -31.13 25.91 -14.00
CA TYR B 560 -32.33 25.88 -14.83
C TYR B 560 -32.60 24.47 -15.23
N LYS B 561 -33.80 24.01 -14.99
CA LYS B 561 -34.20 22.69 -15.44
C LYS B 561 -34.81 22.89 -16.83
N ARG B 562 -34.36 22.12 -17.82
CA ARG B 562 -34.80 22.24 -19.20
C ARG B 562 -36.32 22.21 -19.31
N SER B 563 -36.90 23.27 -19.85
CA SER B 563 -38.33 23.47 -19.91
C SER B 563 -39.14 22.35 -20.53
N ARG B 564 -38.91 22.08 -21.82
CA ARG B 564 -39.66 21.08 -22.58
C ARG B 564 -41.19 21.27 -22.43
N THR B 565 -41.74 22.34 -23.02
CA THR B 565 -43.18 22.61 -22.95
C THR B 565 -43.96 21.62 -23.82
N ARG B 566 -45.23 21.43 -23.50
CA ARG B 566 -46.11 20.50 -24.21
C ARG B 566 -47.42 21.19 -24.57
N GLU B 567 -47.79 21.21 -25.87
CA GLU B 567 -49.04 21.84 -26.33
C GLU B 567 -50.11 20.80 -26.63
N CYS B 568 -51.37 21.15 -26.40
CA CYS B 568 -52.51 20.22 -26.61
C CYS B 568 -53.06 20.33 -28.04
N ASN B 569 -52.36 21.07 -28.90
CA ASN B 569 -52.77 21.44 -30.25
C ASN B 569 -53.10 20.39 -31.31
N ASN B 570 -52.82 19.09 -31.09
CA ASN B 570 -53.08 18.04 -32.11
C ASN B 570 -54.52 18.10 -32.64
N PRO B 571 -55.55 17.87 -31.78
CA PRO B 571 -56.81 18.47 -32.09
C PRO B 571 -56.58 19.80 -31.30
N ALA B 572 -57.01 21.00 -31.73
CA ALA B 572 -57.95 21.43 -32.78
C ALA B 572 -59.39 21.29 -32.28
N PRO B 573 -60.26 22.27 -32.67
CA PRO B 573 -61.66 22.34 -32.25
C PRO B 573 -62.60 21.50 -33.10
N GLN B 574 -63.69 20.90 -32.56
CA GLN B 574 -64.16 20.58 -31.20
C GLN B 574 -65.66 20.41 -31.14
N ARG B 575 -66.12 19.66 -30.15
CA ARG B 575 -67.47 19.73 -29.64
C ARG B 575 -67.22 20.30 -28.24
N GLY B 576 -65.93 20.44 -27.91
CA GLY B 576 -65.44 20.78 -26.60
C GLY B 576 -65.37 19.42 -25.85
N GLY B 577 -65.11 19.46 -24.57
CA GLY B 577 -65.17 18.30 -23.70
C GLY B 577 -64.15 17.16 -23.74
N LYS B 578 -62.82 17.37 -23.65
CA LYS B 578 -61.98 18.57 -23.72
C LYS B 578 -60.60 18.20 -23.33
N ARG B 579 -59.68 19.09 -23.62
CA ARG B 579 -58.29 19.10 -23.21
C ARG B 579 -57.63 17.77 -23.45
N CYS B 580 -56.88 17.33 -22.45
CA CYS B 580 -56.09 16.13 -22.50
C CYS B 580 -55.50 15.92 -21.11
N GLU B 581 -55.11 14.68 -20.79
CA GLU B 581 -54.59 14.39 -19.44
C GLU B 581 -53.09 14.27 -19.40
N GLY B 582 -52.45 15.08 -18.53
CA GLY B 582 -51.01 15.08 -18.34
C GLY B 582 -50.47 16.42 -17.87
N GLU B 583 -49.16 16.49 -17.67
CA GLU B 583 -48.47 17.69 -17.23
C GLU B 583 -47.95 18.47 -18.43
N LYS B 584 -48.01 19.80 -18.35
CA LYS B 584 -47.59 20.66 -19.44
C LYS B 584 -46.07 20.77 -19.58
N ARG B 585 -45.36 20.89 -18.46
CA ARG B 585 -43.91 21.07 -18.54
C ARG B 585 -43.07 20.32 -17.52
N GLN B 586 -42.13 19.53 -18.05
CA GLN B 586 -41.04 18.91 -17.30
C GLN B 586 -39.82 19.32 -18.10
N GLU B 587 -38.93 20.20 -17.61
CA GLU B 587 -38.65 20.60 -16.23
C GLU B 587 -37.97 19.43 -15.48
N GLU B 588 -36.91 18.92 -16.12
CA GLU B 588 -36.00 17.91 -15.60
C GLU B 588 -34.62 18.57 -15.54
N ASP B 589 -33.76 18.11 -14.63
CA ASP B 589 -32.43 18.68 -14.38
C ASP B 589 -31.51 18.71 -15.61
N CYS B 590 -30.65 19.74 -15.69
CA CYS B 590 -29.68 19.91 -16.77
C CYS B 590 -28.32 19.41 -16.29
N THR B 591 -27.59 18.76 -17.19
CA THR B 591 -26.28 18.19 -16.88
C THR B 591 -25.13 18.94 -17.53
N PHE B 592 -23.96 18.87 -16.90
CA PHE B 592 -22.76 19.48 -17.42
C PHE B 592 -21.52 18.70 -17.02
N SER B 593 -20.55 18.67 -17.92
CA SER B 593 -19.29 18.00 -17.67
C SER B 593 -18.15 18.94 -18.03
N ILE B 594 -17.07 18.87 -17.27
CA ILE B 594 -15.93 19.74 -17.46
C ILE B 594 -15.12 19.49 -18.76
N MET B 595 -14.60 18.28 -19.03
CA MET B 595 -14.56 17.10 -18.15
C MET B 595 -13.21 16.47 -18.30
N GLU B 596 -12.95 15.90 -19.48
CA GLU B 596 -11.70 15.26 -19.89
C GLU B 596 -11.28 14.12 -19.00
N ASN B 597 -12.06 13.05 -18.99
CA ASN B 597 -11.73 11.85 -18.24
C ASN B 597 -11.10 10.82 -19.17
N ASN B 598 -11.22 11.03 -20.51
CA ASN B 598 -10.74 10.17 -21.61
C ASN B 598 -11.68 9.12 -22.28
N GLY B 599 -12.84 8.74 -21.74
CA GLY B 599 -13.44 9.03 -20.44
C GLY B 599 -13.10 7.88 -19.48
N GLN B 600 -13.48 6.63 -19.80
CA GLN B 600 -14.36 6.27 -20.91
C GLN B 600 -15.82 6.75 -20.66
N PRO B 601 -16.37 6.55 -19.43
CA PRO B 601 -15.87 5.89 -18.22
C PRO B 601 -16.26 4.41 -18.16
N CYS B 602 -15.57 3.63 -17.31
CA CYS B 602 -15.98 2.26 -17.02
C CYS B 602 -15.98 2.03 -15.52
N ILE B 603 -17.17 1.68 -14.97
CA ILE B 603 -17.36 1.49 -13.55
C ILE B 603 -18.16 0.26 -13.15
N ASN B 604 -17.88 -0.26 -11.95
CA ASN B 604 -18.57 -1.41 -11.36
C ASN B 604 -18.98 -1.09 -9.93
N ASP B 605 -19.89 -1.91 -9.37
CA ASP B 605 -20.46 -1.71 -8.05
C ASP B 605 -19.86 -2.52 -6.91
N ASP B 606 -19.11 -1.83 -6.01
CA ASP B 606 -18.48 -2.40 -4.83
C ASP B 606 -18.24 -1.35 -3.75
N GLU B 607 -18.32 -1.77 -2.47
CA GLU B 607 -18.14 -0.86 -1.34
C GLU B 607 -17.35 -1.49 -0.19
N GLU B 608 -16.60 -0.65 0.55
CA GLU B 608 -15.76 -1.08 1.66
C GLU B 608 -16.00 -0.16 2.86
N MET B 609 -15.57 -0.54 4.07
CA MET B 609 -15.76 0.32 5.23
C MET B 609 -14.70 1.44 5.37
N LYS B 610 -13.43 1.22 5.79
CA LYS B 610 -12.72 0.17 6.53
C LYS B 610 -13.09 -1.32 6.40
N GLU B 611 -13.04 -1.87 5.19
CA GLU B 611 -13.31 -3.29 5.00
C GLU B 611 -12.29 -4.11 5.80
N VAL B 612 -12.76 -5.21 6.39
CA VAL B 612 -11.97 -6.10 7.25
C VAL B 612 -10.70 -6.60 6.55
N ASP B 613 -10.86 -7.12 5.33
CA ASP B 613 -9.78 -7.69 4.53
C ASP B 613 -9.02 -8.87 5.23
N LEU B 614 -7.76 -8.79 5.76
CA LEU B 614 -6.82 -7.68 5.91
C LEU B 614 -5.96 -7.41 4.67
N PRO B 615 -5.67 -6.12 4.40
CA PRO B 615 -4.88 -5.73 3.22
C PRO B 615 -3.44 -6.19 3.30
N GLU B 616 -2.96 -6.44 4.52
CA GLU B 616 -1.59 -6.80 4.82
C GLU B 616 -1.10 -8.09 4.22
N ILE B 617 -0.04 -8.00 3.44
CA ILE B 617 0.68 -9.13 2.86
C ILE B 617 2.10 -9.04 3.39
N GLU B 618 2.45 -9.95 4.28
CA GLU B 618 3.78 -9.96 4.90
C GLU B 618 4.83 -10.67 4.07
N ALA B 619 4.42 -11.17 2.89
CA ALA B 619 5.32 -11.78 1.92
C ALA B 619 6.04 -10.63 1.19
N ASP B 620 5.42 -9.43 1.23
CA ASP B 620 5.96 -8.21 0.63
C ASP B 620 6.94 -7.55 1.61
N SER B 621 6.93 -8.00 2.88
CA SER B 621 7.84 -7.54 3.92
C SER B 621 7.81 -6.02 4.14
N GLY B 622 6.80 -5.53 4.86
CA GLY B 622 6.68 -4.11 5.17
C GLY B 622 6.08 -3.85 6.55
N CYS B 623 6.32 -2.67 7.11
CA CYS B 623 5.84 -2.30 8.45
C CYS B 623 4.43 -1.70 8.51
N PRO B 624 3.73 -1.90 9.64
CA PRO B 624 2.42 -1.30 9.87
C PRO B 624 2.60 0.13 10.32
N GLN B 625 1.50 0.91 10.35
CA GLN B 625 1.48 2.30 10.82
C GLN B 625 1.96 2.36 12.28
N PRO B 626 2.99 3.16 12.54
CA PRO B 626 3.59 3.27 13.86
C PRO B 626 2.81 4.14 14.82
N VAL B 627 3.03 3.95 16.12
CA VAL B 627 2.38 4.76 17.14
C VAL B 627 3.30 5.91 17.52
N PRO B 628 2.83 7.14 17.31
CA PRO B 628 3.57 8.35 17.60
C PRO B 628 3.87 8.52 19.08
N PRO B 629 4.83 9.43 19.44
CA PRO B 629 5.16 9.70 20.83
C PRO B 629 3.98 10.33 21.54
N GLU B 630 4.11 10.69 22.82
CA GLU B 630 3.01 11.35 23.52
C GLU B 630 2.70 12.65 22.80
N ASN B 631 1.41 12.98 22.68
CA ASN B 631 0.90 14.14 21.92
C ASN B 631 0.97 13.92 20.40
N GLY B 632 1.21 12.64 20.03
CA GLY B 632 1.19 12.07 18.69
C GLY B 632 1.58 12.89 17.49
N PHE B 633 0.68 12.90 16.51
CA PHE B 633 0.77 13.63 15.27
C PHE B 633 1.86 13.19 14.32
N ILE B 634 1.65 12.09 13.60
CA ILE B 634 2.55 11.68 12.54
C ILE B 634 2.00 12.26 11.22
N ARG B 635 2.87 12.79 10.37
CA ARG B 635 2.41 13.33 9.09
C ARG B 635 2.26 12.18 8.10
N ASN B 636 1.74 12.47 6.87
CA ASN B 636 1.60 11.50 5.77
C ASN B 636 1.13 10.10 6.24
N GLU B 637 -0.08 10.04 6.79
CA GLU B 637 -0.61 8.80 7.33
C GLU B 637 -0.83 7.71 6.26
N LYS B 638 -0.28 6.52 6.53
CA LYS B 638 -0.41 5.36 5.63
C LYS B 638 -0.83 4.13 6.42
N GLN B 639 -1.39 3.14 5.72
CA GLN B 639 -1.80 1.89 6.34
C GLN B 639 -0.62 0.91 6.44
N LEU B 640 0.22 0.87 5.40
CA LEU B 640 1.40 0.01 5.39
C LEU B 640 2.65 0.74 4.86
N TYR B 641 3.74 0.72 5.64
CA TYR B 641 5.00 1.38 5.28
C TYR B 641 6.03 0.40 4.73
N LEU B 642 6.84 0.86 3.77
CA LEU B 642 7.88 0.02 3.17
C LEU B 642 9.12 -0.04 4.02
N VAL B 643 9.90 -1.11 3.87
CA VAL B 643 11.17 -1.28 4.60
C VAL B 643 12.22 -0.30 4.09
N GLY B 644 12.83 0.43 5.01
CA GLY B 644 13.84 1.41 4.68
C GLY B 644 13.25 2.81 4.64
N GLU B 645 11.91 2.91 4.60
CA GLU B 645 11.22 4.20 4.59
C GLU B 645 11.20 4.77 5.97
N ASP B 646 11.44 6.08 6.07
CA ASP B 646 11.43 6.79 7.33
C ASP B 646 10.34 7.85 7.33
N VAL B 647 9.53 7.89 8.39
CA VAL B 647 8.45 8.85 8.52
C VAL B 647 8.65 9.84 9.68
N GLU B 648 8.59 11.15 9.38
CA GLU B 648 8.81 12.20 10.35
C GLU B 648 7.62 12.38 11.23
N ILE B 649 7.88 12.60 12.52
CA ILE B 649 6.83 12.85 13.50
C ILE B 649 6.84 14.29 13.98
N SER B 650 5.66 14.89 14.17
CA SER B 650 5.57 16.27 14.64
C SER B 650 4.65 16.38 15.84
N CYS B 651 4.62 17.53 16.55
CA CYS B 651 3.74 17.62 17.73
C CYS B 651 2.49 18.46 17.53
N LEU B 652 1.42 18.05 18.20
CA LEU B 652 0.14 18.74 18.16
C LEU B 652 0.27 20.10 18.87
N THR B 653 -0.71 21.02 18.66
CA THR B 653 -0.67 22.35 19.23
C THR B 653 -0.93 22.35 20.71
N GLY B 654 0.07 22.75 21.48
CA GLY B 654 1.34 23.19 20.95
C GLY B 654 2.49 22.67 21.78
N PHE B 655 3.56 22.32 21.08
CA PHE B 655 4.76 21.72 21.62
C PHE B 655 5.89 21.98 20.62
N GLU B 656 7.03 21.35 20.87
CA GLU B 656 8.16 21.40 19.96
C GLU B 656 8.88 20.06 20.01
N THR B 657 9.18 19.49 18.84
CA THR B 657 9.91 18.22 18.81
C THR B 657 11.32 18.43 19.27
N VAL B 658 11.74 17.65 20.26
CA VAL B 658 13.09 17.75 20.81
C VAL B 658 13.87 16.49 20.55
N GLY B 659 15.02 16.64 19.91
CA GLY B 659 15.87 15.50 19.60
C GLY B 659 15.67 15.03 18.17
N TYR B 660 16.15 13.83 17.86
CA TYR B 660 16.02 13.27 16.53
C TYR B 660 14.61 12.76 16.37
N GLN B 661 13.86 13.34 15.46
CA GLN B 661 12.47 12.97 15.25
C GLN B 661 12.26 12.32 13.90
N TYR B 662 12.17 10.98 13.88
CA TYR B 662 11.92 10.16 12.69
C TYR B 662 11.72 8.75 13.13
N PHE B 663 11.06 7.94 12.30
CA PHE B 663 10.83 6.53 12.55
C PHE B 663 11.16 5.80 11.27
N ARG B 664 12.14 4.89 11.32
CA ARG B 664 12.48 4.13 10.13
C ARG B 664 12.00 2.72 10.27
N CYS B 665 11.42 2.16 9.19
CA CYS B 665 10.92 0.78 9.15
C CYS B 665 12.07 -0.23 8.96
N LEU B 666 12.21 -1.13 9.91
CA LEU B 666 13.25 -2.14 9.90
C LEU B 666 12.89 -3.30 8.94
N PRO B 667 13.86 -4.19 8.59
CA PRO B 667 13.53 -5.35 7.79
C PRO B 667 12.47 -6.18 8.50
N ASP B 668 12.60 -6.33 9.81
CA ASP B 668 11.57 -6.98 10.62
C ASP B 668 10.47 -5.95 10.83
N GLY B 669 9.26 -6.42 11.08
CA GLY B 669 8.07 -5.57 11.21
C GLY B 669 8.08 -4.42 12.23
N THR B 670 9.17 -4.25 13.02
CA THR B 670 9.18 -3.21 14.04
C THR B 670 9.73 -1.91 13.53
N TRP B 671 9.67 -0.86 14.38
CA TRP B 671 10.19 0.45 14.04
C TRP B 671 11.41 0.78 14.86
N ARG B 672 12.32 1.61 14.30
CA ARG B 672 13.56 2.03 14.95
C ARG B 672 13.27 2.81 16.20
N GLN B 673 12.34 3.74 16.12
CA GLN B 673 11.91 4.54 17.26
C GLN B 673 13.06 5.35 17.87
N GLY B 674 13.70 6.19 17.04
CA GLY B 674 14.78 7.08 17.50
C GLY B 674 14.28 8.00 18.62
N ASP B 675 15.20 8.40 19.52
CA ASP B 675 14.87 9.22 20.68
C ASP B 675 14.22 10.53 20.33
N VAL B 676 12.99 10.72 20.79
CA VAL B 676 12.24 11.96 20.56
C VAL B 676 11.23 12.13 21.66
N GLU B 677 10.86 13.37 21.93
CA GLU B 677 9.88 13.70 22.95
C GLU B 677 9.19 15.01 22.56
N CYS B 678 8.16 15.43 23.32
CA CYS B 678 7.49 16.70 23.04
C CYS B 678 7.56 17.61 24.25
N GLN B 679 8.26 18.77 24.11
CA GLN B 679 8.36 19.78 25.16
C GLN B 679 7.30 20.81 24.93
N ARG B 680 6.68 21.31 25.99
CA ARG B 680 5.60 22.26 25.84
C ARG B 680 6.07 23.68 25.73
N THR B 681 5.91 24.28 24.54
CA THR B 681 6.28 25.67 24.33
C THR B 681 5.14 26.59 24.82
N GLU B 682 3.90 26.20 24.48
CA GLU B 682 2.74 26.98 24.79
C GLU B 682 1.61 26.12 25.30
N CYS B 683 0.81 26.67 26.21
CA CYS B 683 -0.38 26.05 26.80
C CYS B 683 -1.59 26.71 26.14
N ILE B 684 -2.65 25.94 25.91
CA ILE B 684 -3.82 26.46 25.18
C ILE B 684 -5.05 26.74 26.03
N LYS B 685 -5.90 27.67 25.57
CA LYS B 685 -7.14 28.09 26.24
C LYS B 685 -8.06 26.93 26.54
N PRO B 686 -8.53 26.83 27.80
CA PRO B 686 -9.43 25.75 28.21
C PRO B 686 -10.79 25.86 27.57
N VAL B 687 -11.55 24.75 27.59
CA VAL B 687 -12.89 24.70 27.01
C VAL B 687 -13.91 25.54 27.78
N VAL B 688 -13.83 25.49 29.12
CA VAL B 688 -14.66 26.24 30.07
C VAL B 688 -16.15 26.30 29.71
N GLN B 689 -16.73 27.49 29.78
CA GLN B 689 -18.14 27.73 29.48
C GLN B 689 -18.36 29.16 29.02
N GLU B 690 -19.47 29.41 28.33
CA GLU B 690 -19.82 30.70 27.74
C GLU B 690 -19.97 31.83 28.71
N VAL B 691 -20.03 31.53 30.04
CA VAL B 691 -20.18 32.52 31.12
C VAL B 691 -19.11 33.63 31.09
N LEU B 692 -17.90 33.25 30.67
CA LEU B 692 -16.76 34.14 30.54
C LEU B 692 -16.36 34.27 29.04
N THR B 693 -15.87 35.44 28.56
CA THR B 693 -15.45 36.68 29.28
C THR B 693 -14.22 36.44 30.20
N ILE B 694 -13.19 35.80 29.63
CA ILE B 694 -11.93 35.49 30.32
C ILE B 694 -10.79 36.37 29.80
N THR B 695 -9.92 36.81 30.71
CA THR B 695 -8.80 37.70 30.39
C THR B 695 -7.47 37.21 30.96
N PRO B 696 -6.36 37.34 30.21
CA PRO B 696 -6.27 37.86 28.84
C PRO B 696 -6.76 36.82 27.83
N PHE B 697 -7.27 37.27 26.70
CA PHE B 697 -7.83 36.38 25.69
C PHE B 697 -6.92 36.24 24.48
N GLN B 698 -6.35 35.05 24.30
CA GLN B 698 -5.48 34.78 23.15
C GLN B 698 -5.85 33.42 22.58
N ARG B 699 -5.19 33.01 21.49
CA ARG B 699 -5.40 31.68 20.92
C ARG B 699 -4.69 30.65 21.82
N LEU B 700 -3.44 30.95 22.17
CA LEU B 700 -2.60 30.12 23.02
C LEU B 700 -1.78 31.01 23.97
N TYR B 701 -1.29 30.42 25.07
CA TYR B 701 -0.55 31.16 26.08
C TYR B 701 0.83 30.61 26.32
N ARG B 702 1.83 31.48 26.36
CA ARG B 702 3.21 31.07 26.59
C ARG B 702 3.42 30.76 28.09
N ILE B 703 4.39 29.88 28.40
CA ILE B 703 4.75 29.54 29.77
C ILE B 703 5.21 30.81 30.51
N GLY B 704 4.64 31.03 31.69
CA GLY B 704 4.96 32.21 32.50
C GLY B 704 3.79 33.16 32.49
N GLU B 705 2.80 32.91 31.62
CA GLU B 705 1.61 33.75 31.52
C GLU B 705 0.48 33.19 32.33
N SER B 706 -0.18 34.04 33.11
CA SER B 706 -1.31 33.65 33.94
C SER B 706 -2.60 34.16 33.36
N ILE B 707 -3.69 33.44 33.59
CA ILE B 707 -5.01 33.83 33.08
C ILE B 707 -6.02 34.05 34.20
N GLU B 708 -6.85 35.08 34.09
CA GLU B 708 -7.86 35.43 35.10
C GLU B 708 -9.25 35.22 34.58
N LEU B 709 -10.07 34.49 35.32
CA LEU B 709 -11.43 34.20 34.92
C LEU B 709 -12.45 34.65 35.96
N THR B 710 -13.37 35.52 35.52
CA THR B 710 -14.44 36.03 36.39
C THR B 710 -15.77 35.90 35.69
N CYS B 711 -16.85 35.74 36.45
CA CYS B 711 -18.19 35.59 35.89
C CYS B 711 -19.05 36.83 36.16
N PRO B 712 -19.28 37.66 35.13
CA PRO B 712 -20.10 38.85 35.25
C PRO B 712 -21.54 38.56 34.79
N LYS B 713 -22.49 39.50 34.96
CA LYS B 713 -22.33 40.75 35.71
C LYS B 713 -22.56 40.40 37.18
N GLY B 714 -23.38 39.37 37.41
CA GLY B 714 -23.71 38.85 38.73
C GLY B 714 -22.96 37.54 39.00
N PHE B 715 -23.31 36.89 40.11
CA PHE B 715 -22.68 35.65 40.55
C PHE B 715 -21.19 35.82 40.82
N VAL B 716 -20.42 34.74 40.61
CA VAL B 716 -18.97 34.63 40.80
C VAL B 716 -18.57 33.23 40.41
N VAL B 717 -17.28 33.03 40.11
CA VAL B 717 -16.74 31.72 39.79
C VAL B 717 -16.41 30.97 41.08
N ALA B 718 -16.33 31.73 42.20
CA ALA B 718 -16.01 31.28 43.55
C ALA B 718 -14.55 30.77 43.70
N GLY B 719 -13.82 30.72 42.58
CA GLY B 719 -12.43 30.27 42.60
C GLY B 719 -12.27 28.93 41.89
N PRO B 720 -11.07 28.64 41.35
CA PRO B 720 -9.87 29.51 41.37
C PRO B 720 -10.01 30.70 40.42
N SER B 721 -9.64 31.88 40.89
CA SER B 721 -9.72 33.11 40.09
C SER B 721 -8.62 33.20 39.03
N ARG B 722 -7.36 32.96 39.43
CA ARG B 722 -6.22 33.08 38.52
C ARG B 722 -5.29 31.88 38.61
N TYR B 723 -4.75 31.46 37.45
CA TYR B 723 -3.79 30.37 37.36
C TYR B 723 -2.79 30.59 36.24
N THR B 724 -1.54 30.16 36.44
CA THR B 724 -0.46 30.26 35.45
C THR B 724 -0.09 28.87 34.91
N CYS B 725 0.35 28.83 33.64
CA CYS B 725 0.70 27.57 33.01
C CYS B 725 2.16 27.35 32.69
N GLN B 726 2.80 26.45 33.40
CA GLN B 726 4.17 26.06 33.10
C GLN B 726 4.18 24.67 32.41
N GLY B 727 2.98 24.14 32.12
CA GLY B 727 2.76 22.81 31.54
C GLY B 727 3.11 21.69 32.53
N ASN B 728 2.47 21.58 33.72
CA ASN B 728 1.35 22.38 34.24
C ASN B 728 0.10 22.46 33.39
N SER B 729 -0.20 23.66 32.83
CA SER B 729 -1.45 24.04 32.17
C SER B 729 -2.52 24.08 33.27
N TRP B 730 -2.16 24.76 34.38
CA TRP B 730 -2.98 24.98 35.56
C TRP B 730 -3.54 23.67 36.10
N THR B 731 -4.77 23.70 36.67
CA THR B 731 -5.54 22.53 37.10
C THR B 731 -7.05 22.81 36.94
N PRO B 732 -7.53 23.26 35.76
CA PRO B 732 -8.97 23.50 35.67
C PRO B 732 -9.76 22.19 35.60
N PRO B 733 -10.83 22.02 36.42
CA PRO B 733 -11.66 20.83 36.28
C PRO B 733 -12.54 21.02 35.05
N ILE B 734 -12.57 20.03 34.17
CA ILE B 734 -13.44 20.08 32.99
C ILE B 734 -14.69 19.23 33.23
N SER B 735 -14.66 18.37 34.27
CA SER B 735 -15.76 17.47 34.60
C SER B 735 -16.92 18.20 35.25
N ASN B 736 -16.62 18.95 36.32
CA ASN B 736 -17.62 19.72 37.04
C ASN B 736 -17.67 21.14 36.48
N SER B 737 -16.70 21.49 35.62
CA SER B 737 -16.56 22.81 35.00
C SER B 737 -16.54 23.91 36.08
N LEU B 738 -17.30 24.97 35.90
CA LEU B 738 -17.39 26.07 36.84
C LEU B 738 -18.84 26.35 37.19
N THR B 739 -19.65 26.75 36.18
CA THR B 739 -21.07 27.04 36.30
C THR B 739 -21.34 28.01 37.44
N CYS B 740 -20.93 29.27 37.26
CA CYS B 740 -21.07 30.31 38.28
C CYS B 740 -22.49 30.40 38.86
N GLU B 741 -22.58 30.32 40.20
CA GLU B 741 -23.86 30.36 40.90
C GLU B 741 -24.09 31.76 41.41
N LYS B 742 -25.34 32.24 41.32
CA LYS B 742 -25.72 33.60 41.71
C LYS B 742 -25.23 34.04 43.09
N ASP B 743 -24.60 35.20 43.14
CA ASP B 743 -24.01 35.74 44.37
C ASP B 743 -25.07 36.10 45.38
N THR B 744 -24.68 36.13 46.67
CA THR B 744 -25.56 36.53 47.77
C THR B 744 -25.74 38.05 47.77
N LEU B 745 -24.80 38.76 47.13
CA LEU B 745 -24.80 40.22 47.05
C LEU B 745 -25.78 40.73 45.99
N THR B 746 -26.15 39.86 45.04
CA THR B 746 -27.08 40.23 43.97
C THR B 746 -28.49 40.36 44.53
N LYS B 747 -29.10 41.54 44.32
CA LYS B 747 -30.45 41.83 44.81
C LYS B 747 -31.51 41.24 43.89
N LEU B 748 -31.30 41.35 42.57
CA LEU B 748 -32.26 40.91 41.56
C LEU B 748 -32.45 39.40 41.47
N LYS B 749 -33.71 38.96 41.62
CA LYS B 749 -34.15 37.57 41.53
C LYS B 749 -33.38 36.65 42.50
N GLY B 750 -33.01 37.18 43.69
CA GLY B 750 -32.26 36.45 44.70
C GLY B 750 -33.11 35.49 45.51
N HIS B 751 -34.43 35.75 45.56
CA HIS B 751 -35.36 34.90 46.30
C HIS B 751 -35.88 33.75 45.44
N CYS B 752 -35.58 33.80 44.14
CA CYS B 752 -36.00 32.79 43.16
C CYS B 752 -34.98 31.64 43.08
N GLN B 753 -33.82 31.81 43.73
CA GLN B 753 -32.76 30.79 43.76
C GLN B 753 -33.25 29.56 44.52
N LEU B 754 -33.97 29.78 45.61
CA LEU B 754 -34.53 28.72 46.43
C LEU B 754 -35.89 28.33 45.86
N GLY B 755 -36.36 29.06 44.86
CA GLY B 755 -37.68 28.88 44.28
C GLY B 755 -37.95 27.55 43.61
N GLN B 756 -37.17 27.22 42.56
CA GLN B 756 -37.38 26.02 41.73
C GLN B 756 -38.82 26.01 41.20
N LYS B 757 -39.17 26.84 40.20
CA LYS B 757 -38.34 27.48 39.17
C LYS B 757 -37.73 26.34 38.34
N GLN B 758 -38.49 25.81 37.41
CA GLN B 758 -39.68 26.38 36.80
C GLN B 758 -41.06 26.26 37.44
N SER B 759 -41.22 25.45 38.49
CA SER B 759 -42.53 25.26 39.10
C SER B 759 -42.72 26.06 40.42
N GLY B 760 -43.93 26.22 40.93
CA GLY B 760 -45.20 25.94 40.30
C GLY B 760 -45.69 27.29 39.73
N SER B 761 -45.73 28.33 40.59
CA SER B 761 -46.26 29.66 40.26
C SER B 761 -45.36 30.92 40.03
N GLU B 762 -44.02 30.84 39.95
CA GLU B 762 -43.19 29.66 40.01
C GLU B 762 -42.36 29.62 41.28
N CYS B 763 -41.33 30.47 41.32
CA CYS B 763 -40.36 30.47 42.39
C CYS B 763 -40.75 31.13 43.69
N ILE B 764 -40.74 30.36 44.79
CA ILE B 764 -41.04 30.84 46.13
C ILE B 764 -40.05 30.38 47.20
N CYS B 765 -40.08 29.09 47.55
CA CYS B 765 -39.28 28.53 48.62
C CYS B 765 -38.91 27.08 48.39
N MET B 766 -37.92 26.59 49.16
CA MET B 766 -37.48 25.20 49.18
C MET B 766 -37.20 24.80 50.62
N SER B 767 -37.52 23.55 50.96
CA SER B 767 -37.43 23.08 52.33
C SER B 767 -37.44 21.54 52.43
N PRO B 768 -37.19 20.96 53.64
CA PRO B 768 -36.73 21.63 54.87
C PRO B 768 -35.21 21.83 54.76
N GLU B 769 -34.49 20.75 54.49
CA GLU B 769 -33.03 20.73 54.39
C GLU B 769 -32.49 20.58 52.98
N GLU B 770 -33.38 20.49 51.98
CA GLU B 770 -33.01 20.25 50.58
C GLU B 770 -32.09 21.30 49.94
N ASP B 771 -31.94 22.45 50.58
CA ASP B 771 -31.06 23.51 50.08
C ASP B 771 -29.66 23.37 50.67
N CYS B 772 -29.49 22.43 51.63
CA CYS B 772 -28.23 22.25 52.34
C CYS B 772 -27.19 21.44 51.60
N SER B 773 -26.10 21.05 52.31
CA SER B 773 -24.92 20.35 51.81
C SER B 773 -23.96 21.31 51.09
N HIS B 774 -24.42 22.55 50.87
CA HIS B 774 -23.61 23.63 50.29
C HIS B 774 -22.68 24.18 51.35
N HIS B 775 -21.64 24.94 50.93
CA HIS B 775 -20.64 25.58 51.79
C HIS B 775 -21.29 26.24 53.01
N SER B 776 -22.32 27.07 52.77
CA SER B 776 -23.19 27.69 53.77
C SER B 776 -22.45 28.34 54.95
N GLU B 777 -21.91 29.57 54.74
CA GLU B 777 -21.20 30.33 55.77
C GLU B 777 -22.09 30.52 57.01
N ASP B 778 -21.49 30.48 58.20
CA ASP B 778 -22.21 30.53 59.48
C ASP B 778 -22.72 31.90 59.88
N LEU B 779 -23.92 31.96 60.48
CA LEU B 779 -24.55 33.18 60.97
C LEU B 779 -25.26 32.90 62.30
N CYS B 780 -25.31 33.88 63.22
CA CYS B 780 -25.91 33.73 64.55
C CYS B 780 -27.30 34.39 64.66
N VAL B 781 -28.36 33.58 64.84
CA VAL B 781 -29.76 34.04 64.89
C VAL B 781 -30.52 33.61 66.14
N PHE B 782 -31.61 34.32 66.50
CA PHE B 782 -32.43 33.95 67.67
C PHE B 782 -33.93 34.25 67.48
N ASP B 783 -34.81 33.26 67.72
CA ASP B 783 -36.27 33.44 67.62
C ASP B 783 -37.05 32.22 68.10
N THR B 784 -38.39 32.27 67.91
CA THR B 784 -39.34 31.18 68.14
C THR B 784 -39.44 30.66 69.57
N ASP B 785 -39.53 31.57 70.54
CA ASP B 785 -39.77 31.26 71.96
C ASP B 785 -38.68 30.43 72.66
N SER B 786 -37.77 29.83 71.89
CA SER B 786 -36.66 29.08 72.45
C SER B 786 -35.62 30.09 72.90
N ASN B 787 -35.42 31.14 72.08
CA ASN B 787 -34.54 32.27 72.32
C ASN B 787 -33.17 31.98 72.94
N ASP B 788 -32.34 31.24 72.20
CA ASP B 788 -30.95 31.01 72.57
C ASP B 788 -30.12 31.81 71.58
N TYR B 789 -28.82 31.87 71.80
CA TYR B 789 -27.87 32.63 71.00
C TYR B 789 -27.67 31.99 69.64
N PHE B 790 -27.69 30.64 69.62
CA PHE B 790 -27.52 29.82 68.43
C PHE B 790 -26.26 30.14 67.64
N THR B 791 -26.35 29.83 66.35
CA THR B 791 -25.47 30.07 65.21
C THR B 791 -26.05 29.17 64.14
N SER B 792 -25.76 29.43 62.85
CA SER B 792 -26.31 28.61 61.77
C SER B 792 -25.73 28.95 60.41
N PRO B 793 -25.58 27.93 59.56
CA PRO B 793 -25.15 28.11 58.18
C PRO B 793 -26.22 28.93 57.45
N ALA B 794 -25.82 29.65 56.39
CA ALA B 794 -26.73 30.48 55.60
C ALA B 794 -27.80 29.67 54.89
N CYS B 795 -27.61 28.32 54.82
CA CYS B 795 -28.56 27.40 54.20
C CYS B 795 -29.89 27.45 54.94
N LYS B 796 -29.85 27.28 56.26
CA LYS B 796 -31.03 27.22 57.10
C LYS B 796 -31.57 28.57 57.51
N PHE B 797 -30.81 29.63 57.24
CA PHE B 797 -31.24 31.00 57.56
C PHE B 797 -32.39 31.40 56.65
N LEU B 798 -32.22 31.17 55.34
CA LEU B 798 -33.27 31.46 54.37
C LEU B 798 -34.32 30.34 54.37
N ALA B 799 -34.07 29.27 55.14
CA ALA B 799 -35.02 28.17 55.31
C ALA B 799 -35.98 28.56 56.43
N GLU B 800 -35.43 28.81 57.63
CA GLU B 800 -36.21 29.24 58.78
C GLU B 800 -37.05 30.46 58.46
N LYS B 801 -36.55 31.33 57.59
CA LYS B 801 -37.32 32.48 57.11
C LYS B 801 -37.94 32.06 55.78
N CYS B 802 -39.25 31.76 55.80
CA CYS B 802 -40.01 31.29 54.64
C CYS B 802 -41.45 31.10 55.11
N LEU B 803 -42.36 30.71 54.18
CA LEU B 803 -43.77 30.45 54.42
C LEU B 803 -44.03 29.73 55.75
N ASN B 804 -43.17 28.76 56.09
CA ASN B 804 -43.26 27.97 57.31
C ASN B 804 -43.24 28.83 58.57
N ASN B 805 -42.07 29.39 58.91
CA ASN B 805 -41.92 30.16 60.14
C ASN B 805 -42.10 31.66 60.05
N GLN B 806 -42.20 32.24 58.85
CA GLN B 806 -42.31 33.69 58.69
C GLN B 806 -43.56 34.32 59.30
N GLN B 807 -44.57 33.48 59.61
CA GLN B 807 -45.79 33.94 60.29
C GLN B 807 -45.46 34.22 61.75
N LEU B 808 -44.49 33.47 62.30
CA LEU B 808 -43.93 33.70 63.63
C LEU B 808 -42.61 34.45 63.43
N HIS B 809 -42.31 34.75 62.15
CA HIS B 809 -41.10 35.41 61.67
C HIS B 809 -39.85 34.64 62.08
N PHE B 810 -38.76 35.37 62.32
CA PHE B 810 -37.46 34.85 62.73
C PHE B 810 -36.49 36.01 62.77
N LEU B 811 -35.32 35.81 63.41
CA LEU B 811 -34.29 36.83 63.53
C LEU B 811 -32.97 36.21 64.02
N HIS B 812 -31.79 36.73 63.67
CA HIS B 812 -31.37 37.61 62.56
C HIS B 812 -29.89 37.84 62.53
N ILE B 813 -29.45 38.63 61.55
CA ILE B 813 -28.08 39.06 61.32
C ILE B 813 -27.01 37.97 61.26
N GLY B 814 -25.83 38.27 61.77
CA GLY B 814 -24.65 37.43 61.74
C GLY B 814 -23.46 38.38 61.72
N SER B 815 -22.30 37.98 61.16
CA SER B 815 -22.02 36.65 60.61
C SER B 815 -21.27 35.87 61.68
N CYS B 816 -21.20 36.47 62.88
CA CYS B 816 -20.50 36.02 64.08
C CYS B 816 -20.39 34.49 64.29
N GLN B 817 -19.17 33.98 64.57
CA GLN B 817 -18.96 32.55 64.86
C GLN B 817 -19.54 32.20 66.23
N ASP B 818 -20.10 33.20 66.94
CA ASP B 818 -20.75 33.07 68.24
C ASP B 818 -19.76 32.59 69.32
N GLY B 819 -18.88 33.48 69.79
CA GLY B 819 -18.79 34.89 69.39
C GLY B 819 -18.26 35.77 70.54
N ARG B 820 -17.99 37.05 70.25
CA ARG B 820 -17.49 37.97 71.28
C ARG B 820 -18.16 39.33 71.25
N GLN B 821 -17.82 40.15 70.26
CA GLN B 821 -18.26 41.53 70.10
C GLN B 821 -19.66 41.71 69.55
N LEU B 822 -19.98 41.02 68.47
CA LEU B 822 -21.29 41.13 67.81
C LEU B 822 -22.44 40.55 68.64
N GLU B 823 -22.11 39.84 69.73
CA GLU B 823 -23.09 39.22 70.62
C GLU B 823 -23.98 40.26 71.29
N TRP B 824 -23.39 41.35 71.78
CA TRP B 824 -24.16 42.39 72.47
C TRP B 824 -25.04 43.20 71.54
N GLY B 825 -24.90 43.02 70.23
CA GLY B 825 -25.76 43.67 69.26
C GLY B 825 -27.08 42.88 69.17
N LEU B 826 -27.07 41.62 69.64
CA LEU B 826 -28.25 40.78 69.66
C LEU B 826 -28.99 40.89 70.98
N GLU B 827 -28.56 41.78 71.85
CA GLU B 827 -29.05 41.87 73.22
C GLU B 827 -30.42 42.49 73.58
N ARG B 828 -30.87 43.64 73.05
CA ARG B 828 -30.42 44.49 71.93
C ARG B 828 -30.94 44.09 70.56
N THR B 829 -31.49 42.90 70.45
CA THR B 829 -32.35 42.53 69.33
C THR B 829 -33.75 42.40 69.94
N ARG B 830 -33.85 42.59 71.27
CA ARG B 830 -35.07 42.44 72.04
C ARG B 830 -36.10 43.49 71.77
N LEU B 831 -35.73 44.53 71.02
CA LEU B 831 -36.67 45.54 70.58
C LEU B 831 -37.04 45.20 69.15
N SER B 832 -38.27 44.76 68.93
CA SER B 832 -38.73 44.40 67.60
C SER B 832 -40.01 45.13 67.29
N SER B 833 -41.12 44.63 67.86
CA SER B 833 -42.44 45.23 67.67
C SER B 833 -42.76 46.10 68.89
N ASN B 834 -41.79 46.23 69.82
CA ASN B 834 -41.97 47.01 71.04
C ASN B 834 -41.67 48.50 70.85
N SER B 835 -42.60 49.38 71.22
CA SER B 835 -43.92 48.99 71.72
C SER B 835 -44.96 48.99 70.59
N THR B 836 -44.54 49.44 69.39
CA THR B 836 -45.39 49.52 68.20
C THR B 836 -44.72 48.88 66.99
N LYS B 837 -43.63 49.50 66.51
CA LYS B 837 -42.87 49.03 65.34
C LYS B 837 -41.40 49.35 65.48
N LYS B 838 -40.62 48.97 64.45
CA LYS B 838 -39.18 49.20 64.40
C LYS B 838 -38.83 50.18 63.28
N GLU B 839 -38.54 51.43 63.67
CA GLU B 839 -38.25 52.51 62.74
C GLU B 839 -36.81 52.99 62.67
N SER B 840 -35.90 52.52 63.56
CA SER B 840 -34.54 53.05 63.71
C SER B 840 -33.75 53.37 62.45
N CYS B 841 -33.15 52.36 61.82
CA CYS B 841 -32.45 52.54 60.54
C CYS B 841 -32.93 51.44 59.62
N GLY B 842 -32.32 50.27 59.79
CA GLY B 842 -32.67 49.05 59.11
C GLY B 842 -33.21 48.17 60.22
N TYR B 843 -33.70 48.79 61.32
CA TYR B 843 -34.23 48.11 62.48
C TYR B 843 -35.35 47.16 62.13
N ASP B 844 -36.00 47.39 60.99
CA ASP B 844 -37.02 46.50 60.46
C ASP B 844 -36.37 45.26 59.88
N THR B 845 -35.02 45.25 59.79
CA THR B 845 -34.20 44.18 59.21
C THR B 845 -34.65 43.99 57.77
N CYS B 846 -34.94 45.12 57.08
CA CYS B 846 -35.48 45.19 55.72
C CYS B 846 -36.80 44.35 55.79
N TYR B 847 -37.04 43.46 54.84
CA TYR B 847 -38.12 42.49 54.91
C TYR B 847 -37.53 41.20 54.41
N ASP B 848 -37.21 41.17 53.12
CA ASP B 848 -36.39 40.12 52.54
C ASP B 848 -35.02 40.65 52.95
N TRP B 849 -34.18 39.80 53.55
CA TRP B 849 -32.90 40.28 54.08
C TRP B 849 -31.95 40.71 52.99
N GLU B 850 -31.73 42.03 52.93
CA GLU B 850 -30.86 42.62 51.92
C GLU B 850 -29.48 42.88 52.48
N LYS B 851 -28.66 43.59 51.72
CA LYS B 851 -27.30 43.96 52.08
C LYS B 851 -27.18 44.63 53.45
N CYS B 852 -28.00 45.68 53.80
CA CYS B 852 -28.97 46.39 52.95
C CYS B 852 -28.24 47.56 52.28
N SER B 853 -28.51 47.78 50.98
CA SER B 853 -27.92 48.84 50.17
C SER B 853 -26.38 48.77 50.16
N ALA B 854 -25.72 49.76 50.79
CA ALA B 854 -24.27 49.88 50.87
C ALA B 854 -23.63 48.71 51.60
N SER B 855 -24.46 47.82 52.23
CA SER B 855 -24.02 46.63 52.95
C SER B 855 -23.05 47.04 54.11
N THR B 856 -22.07 46.24 54.60
CA THR B 856 -21.81 44.80 54.37
C THR B 856 -22.70 43.98 55.32
N SER B 857 -23.22 44.63 56.38
CA SER B 857 -24.02 43.97 57.41
C SER B 857 -25.36 44.66 57.66
N LYS B 858 -25.32 45.85 58.25
CA LYS B 858 -26.52 46.59 58.62
C LYS B 858 -26.76 47.84 57.79
N CYS B 859 -27.80 48.59 58.15
CA CYS B 859 -28.26 49.79 57.49
C CYS B 859 -27.22 50.84 57.07
N VAL B 860 -26.32 51.32 57.96
CA VAL B 860 -26.15 50.97 59.37
C VAL B 860 -26.14 52.22 60.23
N CYS B 861 -26.91 52.19 61.31
CA CYS B 861 -26.98 53.26 62.31
C CYS B 861 -27.21 54.66 61.73
N LEU B 862 -28.47 54.88 61.34
CA LEU B 862 -29.02 56.08 60.70
C LEU B 862 -28.55 57.37 61.31
N LEU B 863 -28.33 58.36 60.46
CA LEU B 863 -27.92 59.69 60.88
C LEU B 863 -28.97 60.33 61.81
N PRO B 864 -28.52 60.88 62.96
CA PRO B 864 -29.40 61.57 63.91
C PRO B 864 -30.25 62.69 63.32
N PRO B 865 -29.75 63.48 62.32
CA PRO B 865 -30.64 64.51 61.73
C PRO B 865 -31.82 63.90 60.97
N GLN B 866 -31.69 62.62 60.58
CA GLN B 866 -32.76 61.91 59.86
C GLN B 866 -33.87 61.49 60.81
N CYS B 867 -33.60 61.55 62.12
CA CYS B 867 -34.59 61.26 63.14
C CYS B 867 -35.48 62.47 63.40
N PHE B 868 -35.10 63.63 62.83
CA PHE B 868 -35.90 64.86 62.92
C PHE B 868 -37.17 64.67 62.09
N LYS B 869 -37.09 63.80 61.07
CA LYS B 869 -38.21 63.43 60.22
C LYS B 869 -39.13 62.48 61.00
N GLY B 870 -38.65 62.01 62.16
CA GLY B 870 -39.40 61.15 63.06
C GLY B 870 -40.19 61.96 64.08
N GLY B 871 -40.51 63.22 63.75
CA GLY B 871 -41.27 64.11 64.61
C GLY B 871 -42.68 63.57 64.87
N ASN B 872 -43.21 63.87 66.07
CA ASN B 872 -44.54 63.45 66.52
C ASN B 872 -44.72 61.93 66.59
N GLN B 873 -43.62 61.18 66.75
CA GLN B 873 -43.68 59.73 66.89
C GLN B 873 -43.92 59.35 68.34
N LEU B 874 -43.68 60.32 69.25
CA LEU B 874 -43.93 60.19 70.69
C LEU B 874 -43.23 58.99 71.34
N TYR B 875 -44.03 58.07 71.88
CA TYR B 875 -43.55 56.87 72.56
C TYR B 875 -42.68 57.14 73.78
N CYS B 876 -41.69 56.28 74.03
CA CYS B 876 -40.91 56.32 75.26
C CYS B 876 -39.49 56.86 75.13
N VAL B 877 -39.24 58.06 75.71
CA VAL B 877 -37.95 58.74 75.68
C VAL B 877 -37.70 59.61 76.89
N LYS B 878 -36.44 59.62 77.38
CA LYS B 878 -35.96 60.52 78.42
C LYS B 878 -34.46 60.36 78.69
N MET B 879 -33.91 61.29 79.49
CA MET B 879 -32.52 61.31 79.94
C MET B 879 -31.50 61.17 78.81
N GLY B 880 -30.45 60.37 79.05
CA GLY B 880 -29.39 60.11 78.09
C GLY B 880 -28.10 59.87 78.83
N SER B 881 -26.97 60.14 78.16
CA SER B 881 -25.66 60.04 78.79
C SER B 881 -25.57 61.20 79.78
N SER B 882 -24.61 61.12 80.74
CA SER B 882 -24.42 62.14 81.78
C SER B 882 -24.56 63.57 81.27
N THR B 883 -25.40 64.37 81.94
CA THR B 883 -25.70 65.76 81.60
C THR B 883 -26.43 65.86 80.25
N SER B 884 -27.68 65.39 80.20
CA SER B 884 -28.51 65.48 79.01
C SER B 884 -29.93 65.99 79.34
N GLU B 885 -30.78 65.10 79.90
CA GLU B 885 -32.17 65.37 80.31
C GLU B 885 -33.02 66.01 79.22
N LYS B 886 -33.11 65.38 78.05
CA LYS B 886 -33.88 65.95 76.94
C LYS B 886 -34.98 65.02 76.40
N THR B 887 -36.13 65.61 76.02
CA THR B 887 -37.26 64.86 75.43
C THR B 887 -36.97 64.66 73.94
N LEU B 888 -37.30 63.47 73.43
CA LEU B 888 -36.99 63.12 72.04
C LEU B 888 -38.05 62.27 71.35
N ASN B 889 -37.64 61.58 70.27
CA ASN B 889 -38.47 60.63 69.53
C ASN B 889 -37.80 59.25 69.63
N ILE B 890 -38.59 58.17 69.54
CA ILE B 890 -38.09 56.80 69.66
C ILE B 890 -37.10 56.40 68.56
N CYS B 891 -37.03 57.20 67.49
CA CYS B 891 -36.11 57.00 66.37
C CYS B 891 -34.68 56.92 66.87
N GLU B 892 -34.31 57.81 67.80
CA GLU B 892 -32.95 57.91 68.31
C GLU B 892 -32.60 56.82 69.31
N VAL B 893 -33.61 56.16 69.90
CA VAL B 893 -33.39 55.09 70.88
C VAL B 893 -32.54 53.98 70.31
N GLY B 894 -32.83 53.61 69.06
CA GLY B 894 -32.09 52.57 68.36
C GLY B 894 -30.72 53.07 67.94
N THR B 895 -30.61 54.38 67.65
CA THR B 895 -29.36 54.98 67.19
C THR B 895 -28.36 55.13 68.31
N ILE B 896 -28.81 55.63 69.46
CA ILE B 896 -27.96 55.84 70.63
C ILE B 896 -27.43 54.53 71.19
N ARG B 897 -28.14 53.45 70.90
CA ARG B 897 -27.76 52.13 71.37
C ARG B 897 -26.65 51.52 70.53
N CYS B 898 -26.46 52.02 69.32
CA CYS B 898 -25.41 51.59 68.40
C CYS B 898 -24.06 51.93 69.02
N ALA B 899 -23.97 53.12 69.64
CA ALA B 899 -22.78 53.59 70.34
C ALA B 899 -22.94 53.28 71.82
N ASN B 900 -24.07 52.68 72.18
CA ASN B 900 -24.40 52.29 73.55
C ASN B 900 -24.37 53.47 74.55
N ARG B 901 -23.92 53.20 75.79
CA ARG B 901 -23.90 54.13 76.91
C ARG B 901 -25.29 54.73 77.11
N LYS B 902 -25.36 56.03 77.40
CA LYS B 902 -26.58 56.81 77.51
C LYS B 902 -27.71 56.15 78.32
N MET B 903 -28.94 56.17 77.75
CA MET B 903 -30.16 55.62 78.33
C MET B 903 -30.47 56.18 79.70
N GLU B 904 -30.60 55.30 80.71
CA GLU B 904 -30.87 55.67 82.11
C GLU B 904 -32.14 56.51 82.23
N ILE B 905 -33.27 55.96 81.74
CA ILE B 905 -34.57 56.64 81.81
C ILE B 905 -34.95 57.01 83.23
N LEU B 906 -35.31 58.28 83.46
CA LEU B 906 -35.71 58.77 84.77
C LEU B 906 -37.02 58.19 85.23
N HIS B 907 -37.04 57.58 86.43
CA HIS B 907 -38.24 57.00 87.04
C HIS B 907 -39.37 58.01 87.30
N PRO B 908 -39.06 59.26 87.76
CA PRO B 908 -40.16 60.20 88.01
C PRO B 908 -40.92 60.68 86.78
N GLY B 909 -40.32 60.59 85.57
CA GLY B 909 -40.94 61.07 84.33
C GLY B 909 -42.31 60.44 84.06
N LYS B 910 -42.34 59.15 83.73
CA LYS B 910 -41.21 58.33 83.31
C LYS B 910 -41.54 58.12 81.85
N CYS B 911 -42.57 57.29 81.61
CA CYS B 911 -43.23 57.09 80.34
C CYS B 911 -44.69 57.39 80.62
N LEU B 912 -45.24 58.55 80.20
CA LEU B 912 -44.69 59.58 79.32
C LEU B 912 -44.43 59.05 77.90
N ALA B 913 -45.46 58.37 77.37
CA ALA B 913 -45.50 57.82 76.03
C ALA B 913 -46.06 58.87 75.05
#